data_7UB2
#
_entry.id   7UB2
#
_cell.length_a   1.00
_cell.length_b   1.00
_cell.length_c   1.00
_cell.angle_alpha   90.00
_cell.angle_beta   90.00
_cell.angle_gamma   90.00
#
_symmetry.space_group_name_H-M   'P 1'
#
loop_
_entity.id
_entity.type
_entity.pdbx_description
1 polymer RecT
2 polymer 'DNA (49-mer)'
3 polymer 'DNA (49-mer)'
#
loop_
_entity_poly.entity_id
_entity_poly.type
_entity_poly.pdbx_seq_one_letter_code
_entity_poly.pdbx_strand_id
1 'polypeptide(L)'
;GSHMATNDELKNQLANKQNGGQVASAQSLDLKGLLEAPTMRKKFEKVLDKKAPQFLTSLLNLYNGDDYLQKTDPMTVVTS
AMVAATLDLPIDKNLGYAWIVPYKGRAQFQLGYKGYIQLALRTGQYKSINVIEVREGELLKWNRLTEEIELDLDNNTSEK
VVGYCGYFQLINGFEKTVYWTRKEIEAHKQKFSKSDFGWKKDYDAMAKKTVLRNMLSKWGILSIDMQTAVTEDEAEPRER
KDVTDDESIPDIIDAPVTPSDTLEAGSVVQGSMI
;
E,F,G,H,I,J,K,L,M,N
2 'polydeoxyribonucleotide'
;(DA)(DA)(DA)(DA)(DA)(DA)(DA)(DA)(DA)(DA)(DA)(DA)(DA)(DA)(DA)(DA)(DA)(DA)(DA)(DA)
(DA)(DA)(DA)(DA)(DA)(DA)(DA)(DA)(DA)(DA)(DA)(DA)(DA)(DA)(DA)(DA)(DA)(DA)(DA)(DA)
(DA)(DA)(DA)(DA)(DA)(DA)(DA)(DA)(DA)
;
Y
3 'polydeoxyribonucleotide'
;(DT)(DT)(DT)(DT)(DT)(DT)(DT)(DT)(DT)(DT)(DT)(DT)(DT)(DT)(DT)(DT)(DT)(DT)(DT)(DT)
(DT)(DT)(DT)(DT)(DT)(DT)(DT)(DT)(DT)(DT)(DT)(DT)(DT)(DT)(DT)(DT)(DT)(DT)(DT)(DT)
(DT)(DT)(DT)(DT)(DT)(DT)(DT)(DT)(DT)
;
Z
#
# COMPACT_ATOMS: atom_id res chain seq x y z
N ALA A 37 -42.12 1.83 -13.10
CA ALA A 37 -41.57 0.68 -13.82
C ALA A 37 -40.13 0.31 -13.41
N PRO A 38 -39.22 1.30 -13.30
CA PRO A 38 -37.86 0.94 -12.85
C PRO A 38 -37.83 0.36 -11.44
N THR A 39 -38.72 0.79 -10.56
CA THR A 39 -38.74 0.26 -9.19
C THR A 39 -39.06 -1.23 -9.18
N MET A 40 -40.03 -1.65 -9.99
CA MET A 40 -40.37 -3.08 -10.04
C MET A 40 -39.22 -3.88 -10.65
N ARG A 41 -38.51 -3.29 -11.62
CA ARG A 41 -37.34 -3.96 -12.18
C ARG A 41 -36.25 -4.14 -11.14
N LYS A 42 -35.99 -3.10 -10.34
CA LYS A 42 -34.98 -3.21 -9.29
C LYS A 42 -35.38 -4.25 -8.25
N LYS A 43 -36.66 -4.26 -7.85
CA LYS A 43 -37.12 -5.25 -6.88
C LYS A 43 -36.98 -6.67 -7.44
N PHE A 44 -37.35 -6.87 -8.70
CA PHE A 44 -37.22 -8.18 -9.32
C PHE A 44 -35.76 -8.60 -9.40
N GLU A 45 -34.86 -7.66 -9.74
CA GLU A 45 -33.44 -7.99 -9.80
C GLU A 45 -32.91 -8.37 -8.43
N LYS A 46 -33.33 -7.66 -7.39
CA LYS A 46 -32.89 -8.00 -6.03
C LYS A 46 -33.39 -9.38 -5.64
N VAL A 47 -34.66 -9.69 -5.94
CA VAL A 47 -35.20 -11.01 -5.62
C VAL A 47 -34.43 -12.09 -6.37
N LEU A 48 -34.12 -11.84 -7.64
CA LEU A 48 -33.35 -12.79 -8.44
C LEU A 48 -31.96 -13.03 -7.83
N ASP A 49 -31.28 -11.95 -7.43
CA ASP A 49 -29.94 -12.09 -6.88
C ASP A 49 -29.97 -12.77 -5.51
N LYS A 50 -31.07 -12.66 -4.78
CA LYS A 50 -31.14 -13.24 -3.44
C LYS A 50 -31.17 -14.77 -3.48
N LYS A 51 -31.61 -15.38 -4.58
CA LYS A 51 -31.86 -16.81 -4.64
C LYS A 51 -31.05 -17.48 -5.74
N ALA A 52 -29.80 -17.04 -5.93
CA ALA A 52 -28.95 -17.64 -6.95
C ALA A 52 -28.62 -19.11 -6.67
N PRO A 53 -28.20 -19.52 -5.46
CA PRO A 53 -27.75 -20.92 -5.29
C PRO A 53 -28.82 -21.96 -5.62
N GLN A 54 -30.08 -21.69 -5.33
CA GLN A 54 -31.14 -22.65 -5.68
C GLN A 54 -31.24 -22.82 -7.19
N PHE A 55 -31.18 -21.72 -7.93
CA PHE A 55 -31.21 -21.78 -9.39
C PHE A 55 -30.02 -22.56 -9.92
N LEU A 56 -28.82 -22.28 -9.38
CA LEU A 56 -27.63 -22.98 -9.82
C LEU A 56 -27.73 -24.48 -9.55
N THR A 57 -28.20 -24.85 -8.36
CA THR A 57 -28.34 -26.26 -8.01
C THR A 57 -29.35 -26.95 -8.92
N SER A 58 -30.48 -26.29 -9.18
CA SER A 58 -31.49 -26.88 -10.07
C SER A 58 -30.94 -27.09 -11.47
N LEU A 59 -30.23 -26.09 -12.00
CA LEU A 59 -29.66 -26.22 -13.35
C LEU A 59 -28.62 -27.33 -13.41
N LEU A 60 -27.76 -27.42 -12.38
CA LEU A 60 -26.74 -28.46 -12.38
C LEU A 60 -27.36 -29.84 -12.28
N ASN A 61 -28.40 -29.99 -11.46
CA ASN A 61 -29.08 -31.28 -11.35
C ASN A 61 -29.77 -31.65 -12.65
N LEU A 62 -30.38 -30.67 -13.33
CA LEU A 62 -31.00 -30.94 -14.62
C LEU A 62 -29.96 -31.37 -15.66
N TYR A 63 -28.80 -30.70 -15.66
CA TYR A 63 -27.74 -31.05 -16.60
C TYR A 63 -27.21 -32.46 -16.33
N ASN A 64 -27.00 -32.79 -15.05
CA ASN A 64 -26.40 -34.08 -14.72
C ASN A 64 -27.36 -35.25 -14.96
N GLY A 65 -28.65 -34.97 -15.12
CA GLY A 65 -29.63 -36.02 -15.30
C GLY A 65 -29.61 -36.62 -16.68
N ASP A 66 -30.64 -37.42 -16.97
CA ASP A 66 -30.76 -38.08 -18.27
C ASP A 66 -31.16 -37.05 -19.34
N ASP A 67 -31.17 -37.51 -20.59
CA ASP A 67 -31.48 -36.66 -21.73
C ASP A 67 -32.89 -36.96 -22.21
N TYR A 68 -33.87 -36.26 -21.62
CA TYR A 68 -35.26 -36.39 -22.04
C TYR A 68 -35.91 -35.05 -22.33
N LEU A 69 -35.21 -33.93 -22.11
CA LEU A 69 -35.75 -32.59 -22.36
C LEU A 69 -35.19 -31.97 -23.63
N GLN A 70 -34.56 -32.77 -24.49
CA GLN A 70 -33.91 -32.25 -25.68
C GLN A 70 -34.89 -31.94 -26.82
N LYS A 71 -36.15 -32.30 -26.68
CA LYS A 71 -37.17 -32.05 -27.70
C LYS A 71 -38.02 -30.83 -27.38
N THR A 72 -37.63 -30.03 -26.39
CA THR A 72 -38.42 -28.89 -25.96
C THR A 72 -37.59 -27.62 -26.04
N ASP A 73 -38.27 -26.49 -25.99
CA ASP A 73 -37.60 -25.20 -26.07
C ASP A 73 -36.83 -24.93 -24.78
N PRO A 74 -35.54 -24.60 -24.86
CA PRO A 74 -34.78 -24.35 -23.61
C PRO A 74 -35.31 -23.19 -22.79
N MET A 75 -35.96 -22.20 -23.43
CA MET A 75 -36.49 -21.06 -22.68
C MET A 75 -37.56 -21.49 -21.68
N THR A 76 -38.43 -22.42 -22.09
CA THR A 76 -39.45 -22.92 -21.17
C THR A 76 -38.82 -23.65 -20.00
N VAL A 77 -37.78 -24.44 -20.25
CA VAL A 77 -37.09 -25.15 -19.16
C VAL A 77 -36.45 -24.16 -18.20
N VAL A 78 -35.82 -23.12 -18.74
CA VAL A 78 -35.20 -22.10 -17.89
C VAL A 78 -36.25 -21.39 -17.05
N THR A 79 -37.39 -21.06 -17.65
CA THR A 79 -38.46 -20.39 -16.89
C THR A 79 -39.01 -21.30 -15.81
N SER A 80 -39.17 -22.59 -16.12
CA SER A 80 -39.68 -23.54 -15.12
C SER A 80 -38.70 -23.68 -13.96
N ALA A 81 -37.41 -23.79 -14.25
CA ALA A 81 -36.42 -23.83 -13.18
C ALA A 81 -36.43 -22.53 -12.37
N MET A 82 -36.64 -21.40 -13.04
CA MET A 82 -36.71 -20.12 -12.36
C MET A 82 -37.86 -20.08 -11.35
N VAL A 83 -39.07 -20.45 -11.79
CA VAL A 83 -40.22 -20.39 -10.89
C VAL A 83 -40.07 -21.43 -9.78
N ALA A 84 -39.50 -22.59 -10.10
CA ALA A 84 -39.28 -23.61 -9.08
C ALA A 84 -38.31 -23.11 -8.01
N ALA A 85 -37.24 -22.44 -8.42
CA ALA A 85 -36.28 -21.91 -7.46
C ALA A 85 -36.82 -20.69 -6.71
N THR A 86 -37.80 -19.99 -7.28
CA THR A 86 -38.36 -18.83 -6.61
C THR A 86 -39.13 -19.23 -5.35
N LEU A 87 -39.75 -20.41 -5.34
CA LEU A 87 -40.59 -20.85 -4.24
C LEU A 87 -39.83 -21.66 -3.21
N ASP A 88 -38.50 -21.58 -3.17
CA ASP A 88 -37.67 -22.31 -2.22
C ASP A 88 -37.91 -23.82 -2.31
N LEU A 89 -38.08 -24.31 -3.53
CA LEU A 89 -38.29 -25.73 -3.79
C LEU A 89 -37.30 -26.17 -4.86
N PRO A 90 -36.10 -26.60 -4.46
CA PRO A 90 -35.13 -27.07 -5.46
C PRO A 90 -35.63 -28.30 -6.19
N ILE A 91 -34.91 -28.68 -7.24
CA ILE A 91 -35.39 -29.68 -8.19
C ILE A 91 -34.48 -30.92 -8.05
N ASP A 92 -33.68 -30.94 -7.00
CA ASP A 92 -32.76 -32.05 -6.78
C ASP A 92 -33.56 -33.33 -6.51
N LYS A 93 -33.01 -34.46 -6.96
CA LYS A 93 -33.72 -35.73 -6.89
C LYS A 93 -33.84 -36.24 -5.45
N ASN A 94 -32.85 -35.95 -4.60
CA ASN A 94 -32.84 -36.50 -3.25
C ASN A 94 -33.98 -35.97 -2.39
N LEU A 95 -34.62 -34.88 -2.78
CA LEU A 95 -35.72 -34.31 -2.01
C LEU A 95 -37.09 -34.63 -2.60
N GLY A 96 -37.23 -34.63 -3.92
CA GLY A 96 -38.50 -34.95 -4.55
C GLY A 96 -39.61 -33.97 -4.25
N TYR A 97 -39.31 -32.67 -4.29
CA TYR A 97 -40.32 -31.65 -4.04
C TYR A 97 -41.04 -31.18 -5.31
N ALA A 98 -40.34 -31.17 -6.44
CA ALA A 98 -40.93 -30.67 -7.68
C ALA A 98 -40.27 -31.37 -8.85
N TRP A 99 -40.94 -31.30 -10.01
CA TRP A 99 -40.44 -31.93 -11.23
C TRP A 99 -40.68 -31.00 -12.41
N ILE A 100 -39.99 -31.30 -13.50
CA ILE A 100 -40.22 -30.66 -14.79
C ILE A 100 -40.63 -31.73 -15.79
N VAL A 101 -41.84 -31.61 -16.32
CA VAL A 101 -42.41 -32.61 -17.22
C VAL A 101 -42.78 -31.94 -18.53
N PRO A 102 -42.34 -32.47 -19.67
CA PRO A 102 -42.68 -31.84 -20.96
C PRO A 102 -44.01 -32.33 -21.50
N TYR A 103 -44.84 -31.38 -21.93
CA TYR A 103 -46.17 -31.66 -22.46
C TYR A 103 -46.30 -30.97 -23.81
N LYS A 104 -46.43 -31.75 -24.88
CA LYS A 104 -46.57 -31.25 -26.24
C LYS A 104 -45.42 -30.30 -26.59
N GLY A 105 -44.21 -30.69 -26.22
CA GLY A 105 -43.04 -29.87 -26.49
C GLY A 105 -42.92 -28.65 -25.60
N ARG A 106 -43.62 -28.61 -24.47
CA ARG A 106 -43.55 -27.50 -23.54
C ARG A 106 -43.28 -28.03 -22.15
N ALA A 107 -42.25 -27.50 -21.49
CA ALA A 107 -41.90 -27.94 -20.16
C ALA A 107 -42.81 -27.28 -19.12
N GLN A 108 -43.22 -28.07 -18.13
CA GLN A 108 -44.10 -27.59 -17.08
C GLN A 108 -43.53 -27.95 -15.72
N PHE A 109 -43.63 -27.01 -14.78
CA PHE A 109 -43.20 -27.20 -13.40
C PHE A 109 -44.34 -27.80 -12.60
N GLN A 110 -44.05 -28.88 -11.87
CA GLN A 110 -45.08 -29.65 -11.18
C GLN A 110 -44.68 -29.89 -9.73
N LEU A 111 -45.69 -29.93 -8.87
CA LEU A 111 -45.49 -30.14 -7.44
C LEU A 111 -45.64 -31.61 -7.10
N GLY A 112 -44.73 -32.13 -6.29
CA GLY A 112 -44.82 -33.49 -5.81
C GLY A 112 -45.76 -33.61 -4.62
N TYR A 113 -45.84 -34.82 -4.08
CA TYR A 113 -46.70 -35.07 -2.93
C TYR A 113 -46.06 -34.67 -1.62
N LYS A 114 -44.78 -34.25 -1.63
CA LYS A 114 -44.14 -33.69 -0.44
C LYS A 114 -44.13 -32.17 -0.44
N GLY A 115 -44.32 -31.53 -1.60
CA GLY A 115 -44.45 -30.08 -1.62
C GLY A 115 -45.66 -29.60 -0.85
N TYR A 116 -46.77 -30.33 -0.95
CA TYR A 116 -47.95 -29.98 -0.16
C TYR A 116 -47.66 -30.08 1.32
N ILE A 117 -46.93 -31.13 1.74
CA ILE A 117 -46.55 -31.25 3.15
C ILE A 117 -45.67 -30.08 3.56
N GLN A 118 -44.73 -29.70 2.71
CA GLN A 118 -43.85 -28.57 3.03
C GLN A 118 -44.63 -27.28 3.19
N LEU A 119 -45.58 -27.01 2.28
CA LEU A 119 -46.38 -25.80 2.38
C LEU A 119 -47.27 -25.83 3.62
N ALA A 120 -47.87 -26.99 3.93
CA ALA A 120 -48.72 -27.09 5.10
C ALA A 120 -47.93 -26.86 6.38
N LEU A 121 -46.70 -27.40 6.45
CA LEU A 121 -45.86 -27.15 7.63
C LEU A 121 -45.41 -25.70 7.68
N ARG A 122 -45.17 -25.07 6.53
CA ARG A 122 -44.82 -23.66 6.50
C ARG A 122 -45.99 -22.80 6.98
N THR A 123 -47.22 -23.27 6.80
CA THR A 123 -48.38 -22.51 7.26
C THR A 123 -48.34 -22.31 8.77
N GLY A 124 -48.03 -23.36 9.52
CA GLY A 124 -47.91 -23.26 10.96
C GLY A 124 -49.21 -23.31 11.72
N GLN A 125 -50.25 -23.91 11.16
CA GLN A 125 -51.55 -24.00 11.83
C GLN A 125 -52.01 -25.44 12.05
N TYR A 126 -51.21 -26.42 11.66
CA TYR A 126 -51.62 -27.82 11.74
C TYR A 126 -51.28 -28.39 13.10
N LYS A 127 -51.93 -29.52 13.42
CA LYS A 127 -51.68 -30.21 14.68
C LYS A 127 -51.33 -31.67 14.47
N SER A 128 -51.96 -32.34 13.51
CA SER A 128 -51.69 -33.75 13.28
C SER A 128 -52.05 -34.12 11.84
N ILE A 129 -51.21 -34.95 11.22
CA ILE A 129 -51.47 -35.52 9.91
C ILE A 129 -51.08 -37.00 9.96
N ASN A 130 -51.93 -37.86 9.42
CA ASN A 130 -51.63 -39.29 9.44
C ASN A 130 -52.39 -40.00 8.34
N VAL A 131 -51.86 -41.17 7.95
CA VAL A 131 -52.50 -42.04 6.98
C VAL A 131 -52.06 -43.47 7.27
N ILE A 132 -53.03 -44.38 7.36
CA ILE A 132 -52.78 -45.77 7.71
C ILE A 132 -53.55 -46.68 6.75
N GLU A 133 -53.26 -47.98 6.85
CA GLU A 133 -53.92 -49.00 6.05
C GLU A 133 -54.83 -49.84 6.94
N VAL A 134 -56.08 -49.97 6.54
CA VAL A 134 -57.07 -50.77 7.25
C VAL A 134 -57.07 -52.16 6.63
N ARG A 135 -56.78 -53.16 7.43
CA ARG A 135 -56.64 -54.53 6.96
C ARG A 135 -57.99 -55.24 7.00
N GLU A 136 -57.97 -56.56 6.82
CA GLU A 136 -59.20 -57.33 6.79
C GLU A 136 -59.77 -57.48 8.20
N GLY A 137 -61.05 -57.19 8.35
CA GLY A 137 -61.71 -57.34 9.63
C GLY A 137 -61.23 -56.39 10.70
N GLU A 138 -61.05 -55.11 10.36
CA GLU A 138 -60.62 -54.10 11.32
C GLU A 138 -61.68 -53.04 11.58
N LEU A 139 -62.19 -52.40 10.52
CA LEU A 139 -63.23 -51.39 10.70
C LEU A 139 -64.57 -52.04 10.98
N LEU A 140 -65.43 -51.31 11.68
CA LEU A 140 -66.77 -51.80 12.02
C LEU A 140 -67.85 -51.16 11.15
N LYS A 141 -67.89 -49.83 11.11
CA LYS A 141 -68.85 -49.12 10.28
C LYS A 141 -68.25 -47.78 9.87
N TRP A 142 -68.78 -47.21 8.79
CA TRP A 142 -68.28 -45.94 8.28
C TRP A 142 -69.38 -45.30 7.43
N ASN A 143 -69.76 -44.07 7.78
CA ASN A 143 -70.72 -43.29 7.02
C ASN A 143 -70.06 -41.99 6.57
N ARG A 144 -70.34 -41.58 5.33
CA ARG A 144 -69.69 -40.42 4.75
C ARG A 144 -70.35 -39.10 5.15
N LEU A 145 -71.49 -39.15 5.85
CA LEU A 145 -72.17 -37.91 6.24
C LEU A 145 -71.49 -37.28 7.46
N THR A 146 -71.45 -38.01 8.58
CA THR A 146 -70.86 -37.49 9.80
C THR A 146 -69.36 -37.73 9.91
N GLU A 147 -68.78 -38.48 8.97
CA GLU A 147 -67.35 -38.77 8.94
C GLU A 147 -66.90 -39.43 10.25
N GLU A 148 -67.67 -40.40 10.71
CA GLU A 148 -67.37 -41.15 11.92
C GLU A 148 -66.98 -42.57 11.55
N ILE A 149 -65.83 -43.01 12.01
CA ILE A 149 -65.30 -44.34 11.71
C ILE A 149 -64.75 -44.96 12.99
N GLU A 150 -65.08 -46.24 13.21
CA GLU A 150 -64.57 -46.98 14.35
C GLU A 150 -63.90 -48.26 13.87
N LEU A 151 -62.78 -48.61 14.50
CA LEU A 151 -62.01 -49.78 14.12
C LEU A 151 -61.58 -50.54 15.36
N ASP A 152 -61.27 -51.82 15.17
CA ASP A 152 -60.77 -52.69 16.23
C ASP A 152 -59.37 -53.14 15.80
N LEU A 153 -58.36 -52.36 16.15
CA LEU A 153 -57.00 -52.63 15.73
C LEU A 153 -56.41 -53.79 16.52
N ASP A 154 -55.32 -54.34 15.98
CA ASP A 154 -54.58 -55.45 16.57
C ASP A 154 -55.44 -56.71 16.72
N ASN A 155 -56.50 -56.84 15.93
CA ASN A 155 -57.37 -58.02 15.93
C ASN A 155 -57.68 -58.36 14.48
N ASN A 156 -56.87 -59.25 13.89
CA ASN A 156 -56.97 -59.57 12.48
C ASN A 156 -57.09 -61.09 12.30
N THR A 157 -57.72 -61.48 11.19
CA THR A 157 -57.87 -62.88 10.83
C THR A 157 -57.07 -63.27 9.60
N SER A 158 -56.61 -62.31 8.80
CA SER A 158 -55.82 -62.59 7.62
C SER A 158 -54.67 -61.59 7.56
N GLU A 159 -53.99 -61.53 6.43
CA GLU A 159 -52.85 -60.64 6.25
C GLU A 159 -52.95 -59.84 4.95
N LYS A 160 -54.18 -59.59 4.49
CA LYS A 160 -54.42 -58.82 3.28
C LYS A 160 -55.13 -57.52 3.64
N VAL A 161 -54.78 -56.45 2.93
CA VAL A 161 -55.35 -55.13 3.21
C VAL A 161 -56.70 -54.99 2.52
N VAL A 162 -57.55 -54.14 3.08
CA VAL A 162 -58.90 -53.95 2.55
C VAL A 162 -59.11 -52.50 2.13
N GLY A 163 -58.46 -51.56 2.81
CA GLY A 163 -58.65 -50.16 2.50
C GLY A 163 -57.57 -49.29 3.12
N TYR A 164 -57.73 -47.98 2.94
CA TYR A 164 -56.79 -47.01 3.48
C TYR A 164 -57.57 -45.85 4.11
N CYS A 165 -56.98 -45.25 5.14
CA CYS A 165 -57.61 -44.15 5.85
C CYS A 165 -56.63 -43.02 6.03
N GLY A 166 -57.13 -41.79 5.97
CA GLY A 166 -56.31 -40.61 6.21
C GLY A 166 -57.05 -39.64 7.10
N TYR A 167 -56.28 -38.92 7.91
CA TYR A 167 -56.88 -38.03 8.91
C TYR A 167 -55.92 -36.90 9.25
N PHE A 168 -56.41 -35.67 9.17
CA PHE A 168 -55.61 -34.52 9.59
C PHE A 168 -56.47 -33.58 10.42
N GLN A 169 -55.87 -33.05 11.49
CA GLN A 169 -56.54 -32.18 12.44
C GLN A 169 -55.72 -30.93 12.66
N LEU A 170 -56.39 -29.78 12.67
CA LEU A 170 -55.77 -28.49 12.86
C LEU A 170 -55.72 -28.15 14.35
N ILE A 171 -55.39 -26.89 14.65
CA ILE A 171 -55.31 -26.41 16.03
C ILE A 171 -56.64 -25.84 16.51
N ASN A 172 -57.39 -25.14 15.65
CA ASN A 172 -58.62 -24.48 16.04
C ASN A 172 -59.81 -25.42 16.09
N GLY A 173 -59.59 -26.73 16.02
CA GLY A 173 -60.63 -27.71 16.16
C GLY A 173 -61.06 -28.37 14.86
N PHE A 174 -60.66 -27.82 13.71
CA PHE A 174 -61.07 -28.39 12.44
C PHE A 174 -60.37 -29.73 12.20
N GLU A 175 -61.16 -30.73 11.83
CA GLU A 175 -60.64 -32.07 11.55
C GLU A 175 -61.22 -32.57 10.24
N LYS A 176 -60.49 -33.48 9.60
CA LYS A 176 -60.94 -34.07 8.34
C LYS A 176 -60.44 -35.50 8.26
N THR A 177 -61.34 -36.41 7.86
CA THR A 177 -61.02 -37.82 7.74
C THR A 177 -61.60 -38.35 6.43
N VAL A 178 -60.82 -39.17 5.73
CA VAL A 178 -61.23 -39.79 4.48
C VAL A 178 -60.88 -41.27 4.52
N TYR A 179 -61.65 -42.06 3.77
CA TYR A 179 -61.45 -43.50 3.72
C TYR A 179 -61.66 -43.98 2.28
N TRP A 180 -60.69 -44.71 1.75
CA TRP A 180 -60.74 -45.23 0.40
C TRP A 180 -60.67 -46.75 0.43
N THR A 181 -61.32 -47.38 -0.55
CA THR A 181 -61.27 -48.83 -0.73
C THR A 181 -60.33 -49.18 -1.88
N ARG A 182 -60.06 -50.49 -2.01
CA ARG A 182 -59.15 -50.96 -3.05
C ARG A 182 -59.70 -50.70 -4.44
N LYS A 183 -61.02 -50.90 -4.62
CA LYS A 183 -61.62 -50.74 -5.94
C LYS A 183 -61.50 -49.31 -6.44
N GLU A 184 -61.76 -48.33 -5.57
CA GLU A 184 -61.67 -46.93 -5.97
C GLU A 184 -60.24 -46.56 -6.35
N ILE A 185 -59.26 -47.03 -5.57
CA ILE A 185 -57.86 -46.73 -5.87
C ILE A 185 -57.46 -47.37 -7.18
N GLU A 186 -57.89 -48.61 -7.43
CA GLU A 186 -57.58 -49.27 -8.70
C GLU A 186 -58.21 -48.52 -9.87
N ALA A 187 -59.44 -48.06 -9.71
CA ALA A 187 -60.09 -47.30 -10.78
C ALA A 187 -59.35 -45.99 -11.04
N HIS A 188 -58.94 -45.29 -9.98
CA HIS A 188 -58.20 -44.04 -10.14
C HIS A 188 -56.88 -44.28 -10.84
N LYS A 189 -56.16 -45.34 -10.45
CA LYS A 189 -54.88 -45.66 -11.09
C LYS A 189 -55.07 -45.99 -12.56
N GLN A 190 -56.11 -46.76 -12.88
CA GLN A 190 -56.37 -47.10 -14.28
C GLN A 190 -56.73 -45.86 -15.09
N LYS A 191 -57.50 -44.94 -14.50
CA LYS A 191 -57.98 -43.78 -15.24
C LYS A 191 -56.87 -42.76 -15.46
N PHE A 192 -56.06 -42.49 -14.44
CA PHE A 192 -55.12 -41.37 -14.49
C PHE A 192 -53.68 -41.81 -14.74
N SER A 193 -53.18 -42.78 -14.00
CA SER A 193 -51.78 -43.19 -14.14
C SER A 193 -51.53 -43.81 -15.51
N LYS A 194 -50.36 -43.53 -16.07
CA LYS A 194 -49.97 -44.06 -17.38
C LYS A 194 -48.68 -44.88 -17.30
N SER A 195 -48.32 -45.36 -16.12
CA SER A 195 -47.14 -46.19 -15.94
C SER A 195 -47.48 -47.32 -14.98
N ASP A 196 -46.69 -48.40 -15.06
CA ASP A 196 -46.96 -49.59 -14.26
C ASP A 196 -45.74 -50.14 -13.53
N PHE A 197 -44.55 -49.57 -13.76
CA PHE A 197 -43.35 -50.10 -13.09
C PHE A 197 -43.40 -49.88 -11.58
N GLY A 198 -43.72 -48.66 -11.16
CA GLY A 198 -43.76 -48.36 -9.74
C GLY A 198 -44.87 -49.08 -9.01
N TRP A 199 -46.04 -49.20 -9.64
CA TRP A 199 -47.20 -49.79 -9.00
C TRP A 199 -47.08 -51.30 -8.79
N LYS A 200 -46.07 -51.94 -9.37
CA LYS A 200 -45.95 -53.39 -9.32
C LYS A 200 -45.22 -53.88 -8.08
N LYS A 201 -44.03 -53.33 -7.81
CA LYS A 201 -43.21 -53.83 -6.71
C LYS A 201 -43.80 -53.48 -5.35
N ASP A 202 -44.36 -52.27 -5.22
CA ASP A 202 -44.88 -51.80 -3.93
C ASP A 202 -46.22 -51.10 -4.17
N TYR A 203 -47.31 -51.83 -3.95
CA TYR A 203 -48.64 -51.29 -4.20
C TYR A 203 -49.11 -50.34 -3.09
N ASP A 204 -48.66 -50.56 -1.85
CA ASP A 204 -49.20 -49.78 -0.73
C ASP A 204 -48.69 -48.35 -0.73
N ALA A 205 -47.42 -48.15 -1.06
CA ALA A 205 -46.83 -46.81 -0.99
C ALA A 205 -47.52 -45.85 -1.95
N MET A 206 -47.79 -46.29 -3.17
CA MET A 206 -48.45 -45.42 -4.15
C MET A 206 -49.87 -45.06 -3.70
N ALA A 207 -50.60 -46.03 -3.15
CA ALA A 207 -51.95 -45.74 -2.67
C ALA A 207 -51.92 -44.74 -1.52
N LYS A 208 -50.99 -44.93 -0.58
CA LYS A 208 -50.87 -43.98 0.53
C LYS A 208 -50.51 -42.59 0.03
N LYS A 209 -49.59 -42.51 -0.94
CA LYS A 209 -49.20 -41.22 -1.49
C LYS A 209 -50.39 -40.55 -2.19
N THR A 210 -51.19 -41.31 -2.92
CA THR A 210 -52.33 -40.73 -3.60
C THR A 210 -53.36 -40.21 -2.61
N VAL A 211 -53.65 -41.00 -1.57
CA VAL A 211 -54.60 -40.56 -0.56
C VAL A 211 -54.11 -39.29 0.12
N LEU A 212 -52.84 -39.27 0.51
CA LEU A 212 -52.28 -38.11 1.19
C LEU A 212 -52.33 -36.86 0.31
N ARG A 213 -51.90 -36.99 -0.94
CA ARG A 213 -51.85 -35.81 -1.82
C ARG A 213 -53.25 -35.31 -2.14
N ASN A 214 -54.22 -36.20 -2.34
CA ASN A 214 -55.57 -35.76 -2.63
C ASN A 214 -56.19 -35.08 -1.42
N MET A 215 -56.02 -35.66 -0.23
CA MET A 215 -56.59 -35.08 0.98
C MET A 215 -55.97 -33.71 1.27
N LEU A 216 -54.66 -33.58 1.06
CA LEU A 216 -54.00 -32.30 1.35
C LEU A 216 -54.33 -31.25 0.31
N SER A 217 -54.46 -31.64 -0.97
CA SER A 217 -54.72 -30.66 -2.01
C SER A 217 -56.16 -30.16 -1.97
N LYS A 218 -57.12 -31.07 -1.79
CA LYS A 218 -58.53 -30.67 -1.91
C LYS A 218 -59.01 -29.86 -0.71
N TRP A 219 -58.62 -30.25 0.51
CA TRP A 219 -59.17 -29.66 1.71
C TRP A 219 -58.15 -28.94 2.59
N GLY A 220 -56.85 -29.06 2.31
CA GLY A 220 -55.86 -28.44 3.16
C GLY A 220 -55.74 -26.94 2.96
N ILE A 221 -55.04 -26.31 3.91
CA ILE A 221 -54.74 -24.88 3.86
C ILE A 221 -53.24 -24.73 3.65
N LEU A 222 -52.86 -24.00 2.60
CA LEU A 222 -51.47 -23.89 2.18
C LEU A 222 -51.01 -22.44 2.25
N SER A 223 -49.70 -22.27 2.35
CA SER A 223 -49.07 -20.95 2.37
C SER A 223 -47.68 -21.06 1.78
N ILE A 224 -47.15 -19.92 1.35
CA ILE A 224 -45.86 -19.87 0.66
C ILE A 224 -44.76 -19.37 1.59
N ASP A 225 -45.00 -18.28 2.31
CA ASP A 225 -43.98 -17.69 3.17
C ASP A 225 -44.00 -18.37 4.54
N MET A 226 -42.82 -18.75 5.01
CA MET A 226 -42.71 -19.38 6.33
C MET A 226 -42.96 -18.35 7.43
N GLN A 227 -43.60 -18.81 8.51
CA GLN A 227 -43.92 -17.95 9.63
C GLN A 227 -43.18 -18.38 10.89
N ALA B 37 -28.70 -12.49 -20.17
CA ALA B 37 -27.82 -13.65 -20.14
C ALA B 37 -26.45 -13.38 -19.48
N PRO B 38 -25.77 -12.28 -19.83
CA PRO B 38 -24.50 -11.99 -19.15
C PRO B 38 -24.65 -11.79 -17.65
N THR B 39 -25.77 -11.23 -17.20
CA THR B 39 -25.97 -11.00 -15.77
C THR B 39 -26.01 -12.32 -15.00
N MET B 40 -26.71 -13.33 -15.54
CA MET B 40 -26.76 -14.63 -14.88
C MET B 40 -25.38 -15.29 -14.87
N ARG B 41 -24.61 -15.09 -15.94
CA ARG B 41 -23.25 -15.62 -15.97
C ARG B 41 -22.37 -14.97 -14.92
N LYS B 42 -22.48 -13.65 -14.75
CA LYS B 42 -21.71 -12.96 -13.73
C LYS B 42 -22.12 -13.42 -12.33
N LYS B 43 -23.41 -13.57 -12.09
CA LYS B 43 -23.88 -14.05 -10.78
C LYS B 43 -23.38 -15.46 -10.50
N PHE B 44 -23.44 -16.35 -11.51
CA PHE B 44 -22.96 -17.70 -11.32
C PHE B 44 -21.45 -17.71 -11.06
N GLU B 45 -20.69 -16.86 -11.77
CA GLU B 45 -19.26 -16.80 -11.53
C GLU B 45 -18.95 -16.30 -10.12
N LYS B 46 -19.70 -15.30 -9.65
CA LYS B 46 -19.50 -14.82 -8.29
C LYS B 46 -19.81 -15.90 -7.25
N VAL B 47 -20.90 -16.63 -7.46
CA VAL B 47 -21.25 -17.72 -6.55
C VAL B 47 -20.17 -18.80 -6.55
N LEU B 48 -19.65 -19.13 -7.74
CA LEU B 48 -18.57 -20.10 -7.84
C LEU B 48 -17.33 -19.64 -7.10
N ASP B 49 -16.95 -18.37 -7.27
CA ASP B 49 -15.75 -17.86 -6.61
C ASP B 49 -15.92 -17.76 -5.10
N LYS B 50 -17.16 -17.61 -4.63
CA LYS B 50 -17.38 -17.46 -3.20
C LYS B 50 -17.14 -18.76 -2.43
N LYS B 51 -17.23 -19.91 -3.08
CA LYS B 51 -17.20 -21.20 -2.41
C LYS B 51 -16.07 -22.09 -2.93
N ALA B 52 -14.91 -21.49 -3.20
CA ALA B 52 -13.76 -22.27 -3.69
C ALA B 52 -13.23 -23.27 -2.66
N PRO B 53 -13.01 -22.90 -1.38
CA PRO B 53 -12.36 -23.87 -0.47
C PRO B 53 -13.13 -25.18 -0.29
N GLN B 54 -14.46 -25.14 -0.30
CA GLN B 54 -15.23 -26.38 -0.17
C GLN B 54 -14.97 -27.29 -1.38
N PHE B 55 -14.98 -26.72 -2.58
CA PHE B 55 -14.70 -27.50 -3.78
C PHE B 55 -13.29 -28.09 -3.72
N LEU B 56 -12.31 -27.28 -3.31
CA LEU B 56 -10.94 -27.77 -3.22
C LEU B 56 -10.82 -28.90 -2.22
N THR B 57 -11.45 -28.76 -1.05
CA THR B 57 -11.39 -29.80 -0.03
C THR B 57 -12.06 -31.08 -0.52
N SER B 58 -13.21 -30.96 -1.18
CA SER B 58 -13.90 -32.15 -1.70
C SER B 58 -13.04 -32.86 -2.74
N LEU B 59 -12.43 -32.10 -3.66
CA LEU B 59 -11.59 -32.71 -4.68
C LEU B 59 -10.37 -33.39 -4.07
N LEU B 60 -9.73 -32.74 -3.09
CA LEU B 60 -8.58 -33.34 -2.44
C LEU B 60 -8.94 -34.61 -1.69
N ASN B 61 -10.08 -34.61 -1.00
CA ASN B 61 -10.52 -35.80 -0.28
C ASN B 61 -10.85 -36.93 -1.27
N LEU B 62 -11.47 -36.60 -2.40
CA LEU B 62 -11.75 -37.62 -3.40
C LEU B 62 -10.47 -38.20 -3.98
N TYR B 63 -9.47 -37.35 -4.23
CA TYR B 63 -8.20 -37.83 -4.75
C TYR B 63 -7.48 -38.73 -3.75
N ASN B 64 -7.49 -38.33 -2.47
CA ASN B 64 -6.74 -39.08 -1.47
C ASN B 64 -7.40 -40.42 -1.13
N GLY B 65 -8.66 -40.61 -1.53
CA GLY B 65 -9.38 -41.82 -1.21
C GLY B 65 -8.98 -43.00 -2.08
N ASP B 66 -9.75 -44.07 -1.98
CA ASP B 66 -9.48 -45.27 -2.75
C ASP B 66 -9.84 -45.06 -4.22
N ASP B 67 -9.51 -46.04 -5.04
CA ASP B 67 -9.72 -45.97 -6.49
C ASP B 67 -10.93 -46.83 -6.85
N TYR B 68 -12.11 -46.22 -6.80
CA TYR B 68 -13.34 -46.89 -7.20
C TYR B 68 -14.15 -46.08 -8.20
N LEU B 69 -13.73 -44.87 -8.54
CA LEU B 69 -14.43 -44.02 -9.49
C LEU B 69 -13.75 -43.97 -10.85
N GLN B 70 -12.83 -44.89 -11.11
CA GLN B 70 -12.05 -44.87 -12.34
C GLN B 70 -12.81 -45.41 -13.55
N LYS B 71 -13.99 -45.99 -13.35
CA LYS B 71 -14.80 -46.54 -14.43
C LYS B 71 -15.91 -45.59 -14.86
N THR B 72 -15.89 -44.34 -14.41
CA THR B 72 -16.94 -43.38 -14.71
C THR B 72 -16.36 -42.15 -15.37
N ASP B 73 -17.24 -41.36 -15.98
CA ASP B 73 -16.80 -40.14 -16.66
C ASP B 73 -16.38 -39.10 -15.64
N PRO B 74 -15.18 -38.52 -15.77
CA PRO B 74 -14.75 -37.50 -14.80
C PRO B 74 -15.63 -36.27 -14.75
N MET B 75 -16.31 -35.94 -15.85
CA MET B 75 -17.17 -34.76 -15.86
C MET B 75 -18.33 -34.91 -14.88
N THR B 76 -18.92 -36.11 -14.80
CA THR B 76 -20.00 -36.34 -13.85
C THR B 76 -19.50 -36.22 -12.42
N VAL B 77 -18.30 -36.72 -12.14
CA VAL B 77 -17.73 -36.61 -10.79
C VAL B 77 -17.50 -35.15 -10.44
N VAL B 78 -16.97 -34.37 -11.40
CA VAL B 78 -16.73 -32.95 -11.15
C VAL B 78 -18.04 -32.23 -10.88
N THR B 79 -19.07 -32.53 -11.68
CA THR B 79 -20.37 -31.89 -11.47
C THR B 79 -20.96 -32.27 -10.12
N SER B 80 -20.83 -33.53 -9.71
CA SER B 80 -21.34 -33.96 -8.41
C SER B 80 -20.62 -33.27 -7.28
N ALA B 81 -19.30 -33.15 -7.37
CA ALA B 81 -18.56 -32.41 -6.35
C ALA B 81 -18.97 -30.94 -6.34
N MET B 82 -19.24 -30.38 -7.53
CA MET B 82 -19.67 -28.99 -7.62
C MET B 82 -20.99 -28.77 -6.88
N VAL B 83 -22.00 -29.61 -7.16
CA VAL B 83 -23.30 -29.42 -6.52
C VAL B 83 -23.20 -29.71 -5.03
N ALA B 84 -22.38 -30.68 -4.63
CA ALA B 84 -22.19 -30.97 -3.21
C ALA B 84 -21.57 -29.78 -2.49
N ALA B 85 -20.57 -29.14 -3.10
CA ALA B 85 -19.94 -27.97 -2.49
C ALA B 85 -20.84 -26.74 -2.54
N THR B 86 -21.78 -26.69 -3.47
CA THR B 86 -22.68 -25.54 -3.54
C THR B 86 -23.60 -25.45 -2.34
N LEU B 87 -23.98 -26.60 -1.77
CA LEU B 87 -24.93 -26.66 -0.67
C LEU B 87 -24.27 -26.62 0.70
N ASP B 88 -23.01 -26.19 0.78
CA ASP B 88 -22.27 -26.12 2.04
C ASP B 88 -22.22 -27.47 2.74
N LEU B 89 -22.05 -28.53 1.95
CA LEU B 89 -21.94 -29.90 2.46
C LEU B 89 -20.69 -30.52 1.87
N PRO B 90 -19.54 -30.37 2.52
CA PRO B 90 -18.31 -30.99 2.01
C PRO B 90 -18.42 -32.51 1.99
N ILE B 91 -17.44 -33.15 1.34
CA ILE B 91 -17.52 -34.57 1.04
C ILE B 91 -16.47 -35.30 1.87
N ASP B 92 -15.89 -34.60 2.84
CA ASP B 92 -14.86 -35.18 3.68
C ASP B 92 -15.45 -36.31 4.52
N LYS B 93 -14.61 -37.33 4.77
CA LYS B 93 -15.09 -38.54 5.44
C LYS B 93 -15.40 -38.30 6.91
N ASN B 94 -14.68 -37.38 7.56
CA ASN B 94 -14.85 -37.17 9.00
C ASN B 94 -16.22 -36.61 9.35
N LEU B 95 -16.95 -36.06 8.40
CA LEU B 95 -18.27 -35.49 8.66
C LEU B 95 -19.41 -36.41 8.22
N GLY B 96 -19.27 -37.08 7.08
CA GLY B 96 -20.30 -37.99 6.62
C GLY B 96 -21.62 -37.32 6.26
N TYR B 97 -21.56 -36.19 5.57
CA TYR B 97 -22.76 -35.48 5.18
C TYR B 97 -23.28 -35.89 3.81
N ALA B 98 -22.38 -36.25 2.89
CA ALA B 98 -22.78 -36.60 1.53
C ALA B 98 -21.78 -37.58 0.95
N TRP B 99 -22.20 -38.26 -0.12
CA TRP B 99 -21.36 -39.25 -0.78
C TRP B 99 -21.51 -39.11 -2.29
N ILE B 100 -20.57 -39.72 -3.01
CA ILE B 100 -20.64 -39.87 -4.46
C ILE B 100 -20.64 -41.36 -4.76
N VAL B 101 -21.72 -41.83 -5.39
CA VAL B 101 -21.89 -43.25 -5.67
C VAL B 101 -22.10 -43.44 -7.17
N PRO B 102 -21.34 -44.32 -7.82
CA PRO B 102 -21.52 -44.51 -9.26
C PRO B 102 -22.60 -45.53 -9.58
N TYR B 103 -23.50 -45.16 -10.51
CA TYR B 103 -24.61 -46.01 -10.92
C TYR B 103 -24.59 -46.12 -12.44
N LYS B 104 -24.35 -47.34 -12.95
CA LYS B 104 -24.30 -47.61 -14.39
C LYS B 104 -23.29 -46.69 -15.08
N GLY B 105 -22.13 -46.53 -14.45
CA GLY B 105 -21.10 -45.67 -15.01
C GLY B 105 -21.38 -44.18 -14.90
N ARG B 106 -22.30 -43.79 -14.02
CA ARG B 106 -22.62 -42.39 -13.81
C ARG B 106 -22.55 -42.08 -12.32
N ALA B 107 -21.80 -41.04 -11.97
CA ALA B 107 -21.65 -40.66 -10.57
C ALA B 107 -22.86 -39.86 -10.11
N GLN B 108 -23.31 -40.13 -8.88
CA GLN B 108 -24.47 -39.45 -8.31
C GLN B 108 -24.12 -38.93 -6.93
N PHE B 109 -24.59 -37.72 -6.64
CA PHE B 109 -24.41 -37.10 -5.33
C PHE B 109 -25.57 -37.50 -4.43
N GLN B 110 -25.25 -37.96 -3.23
CA GLN B 110 -26.24 -38.53 -2.32
C GLN B 110 -26.11 -37.93 -0.93
N LEU B 111 -27.24 -37.79 -0.26
CA LEU B 111 -27.30 -37.22 1.08
C LEU B 111 -27.26 -38.34 2.12
N GLY B 112 -26.46 -38.13 3.16
CA GLY B 112 -26.39 -39.04 4.27
C GLY B 112 -27.52 -38.81 5.26
N TYR B 113 -27.49 -39.57 6.34
CA TYR B 113 -28.51 -39.46 7.38
C TYR B 113 -28.23 -38.30 8.34
N LYS B 114 -27.08 -37.63 8.21
CA LYS B 114 -26.80 -36.42 8.98
C LYS B 114 -27.07 -35.14 8.19
N GLY B 115 -27.14 -35.23 6.86
CA GLY B 115 -27.51 -34.07 6.07
C GLY B 115 -28.92 -33.60 6.36
N TYR B 116 -29.84 -34.55 6.57
CA TYR B 116 -31.21 -34.19 6.97
C TYR B 116 -31.21 -33.47 8.31
N ILE B 117 -30.40 -33.94 9.26
CA ILE B 117 -30.29 -33.26 10.55
C ILE B 117 -29.76 -31.85 10.36
N GLN B 118 -28.74 -31.70 9.52
CA GLN B 118 -28.17 -30.38 9.27
C GLN B 118 -29.18 -29.43 8.67
N LEU B 119 -29.95 -29.90 7.68
CA LEU B 119 -30.97 -29.05 7.07
C LEU B 119 -32.08 -28.70 8.06
N ALA B 120 -32.50 -29.68 8.87
CA ALA B 120 -33.54 -29.41 9.85
C ALA B 120 -33.08 -28.38 10.88
N LEU B 121 -31.82 -28.47 11.32
CA LEU B 121 -31.30 -27.48 12.25
C LEU B 121 -31.14 -26.12 11.58
N ARG B 122 -30.78 -26.11 10.29
CA ARG B 122 -30.71 -24.85 9.56
C ARG B 122 -32.08 -24.20 9.42
N THR B 123 -33.15 -25.00 9.41
CA THR B 123 -34.49 -24.45 9.31
C THR B 123 -34.80 -23.53 10.49
N GLY B 124 -34.46 -23.97 11.70
CA GLY B 124 -34.66 -23.15 12.88
C GLY B 124 -36.05 -23.15 13.45
N GLN B 125 -36.84 -24.20 13.20
CA GLN B 125 -38.20 -24.29 13.72
C GLN B 125 -38.43 -25.50 14.60
N TYR B 126 -37.41 -26.30 14.85
CA TYR B 126 -37.56 -27.53 15.62
C TYR B 126 -37.41 -27.26 17.12
N LYS B 127 -37.90 -28.20 17.92
CA LYS B 127 -37.79 -28.10 19.37
C LYS B 127 -37.14 -29.33 19.98
N SER B 128 -37.44 -30.52 19.46
CA SER B 128 -36.87 -31.73 20.03
C SER B 128 -36.86 -32.84 18.97
N ILE B 129 -35.77 -33.61 18.95
CA ILE B 129 -35.64 -34.79 18.12
C ILE B 129 -35.01 -35.89 18.96
N ASN B 130 -35.56 -37.10 18.89
CA ASN B 130 -35.01 -38.20 19.68
C ASN B 130 -35.39 -39.53 19.05
N VAL B 131 -34.60 -40.55 19.38
CA VAL B 131 -34.86 -41.93 18.96
C VAL B 131 -34.23 -42.86 19.99
N ILE B 132 -35.02 -43.82 20.47
CA ILE B 132 -34.59 -44.75 21.51
C ILE B 132 -34.97 -46.17 21.10
N GLU B 133 -34.48 -47.13 21.89
CA GLU B 133 -34.77 -48.54 21.69
C GLU B 133 -35.67 -49.04 22.81
N VAL B 134 -36.77 -49.67 22.44
CA VAL B 134 -37.72 -50.25 23.38
C VAL B 134 -37.35 -51.71 23.57
N ARG B 135 -37.04 -52.08 24.81
CA ARG B 135 -36.56 -53.42 25.13
C ARG B 135 -37.74 -54.33 25.43
N GLU B 136 -37.44 -55.52 25.96
CA GLU B 136 -38.49 -56.49 26.24
C GLU B 136 -39.29 -56.08 27.47
N GLY B 137 -40.62 -56.10 27.34
CA GLY B 137 -41.49 -55.77 28.45
C GLY B 137 -41.42 -54.33 28.91
N GLU B 138 -41.40 -53.39 27.96
CA GLU B 138 -41.36 -51.96 28.28
C GLU B 138 -42.63 -51.24 27.85
N LEU B 139 -43.02 -51.35 26.59
CA LEU B 139 -44.24 -50.69 26.12
C LEU B 139 -45.47 -51.46 26.59
N LEU B 140 -46.58 -50.73 26.73
CA LEU B 140 -47.84 -51.31 27.16
C LEU B 140 -48.82 -51.49 26.01
N LYS B 141 -49.09 -50.41 25.27
CA LYS B 141 -49.97 -50.47 24.11
C LYS B 141 -49.55 -49.40 23.12
N TRP B 142 -49.95 -49.59 21.86
CA TRP B 142 -49.59 -48.66 20.80
C TRP B 142 -50.58 -48.82 19.66
N ASN B 143 -51.25 -47.72 19.28
CA ASN B 143 -52.15 -47.70 18.14
C ASN B 143 -51.67 -46.66 17.14
N ARG B 144 -51.75 -47.01 15.86
CA ARG B 144 -51.23 -46.14 14.80
C ARG B 144 -52.18 -45.03 14.40
N LEU B 145 -53.41 -45.03 14.92
CA LEU B 145 -54.36 -43.98 14.56
C LEU B 145 -54.08 -42.69 15.31
N THR B 146 -54.14 -42.72 16.64
CA THR B 146 -53.92 -41.55 17.46
C THR B 146 -52.45 -41.31 17.80
N GLU B 147 -51.57 -42.24 17.43
CA GLU B 147 -50.13 -42.11 17.69
C GLU B 147 -49.85 -41.90 19.18
N GLU B 148 -50.51 -42.70 20.02
CA GLU B 148 -50.33 -42.65 21.46
C GLU B 148 -49.63 -43.92 21.92
N ILE B 149 -48.52 -43.75 22.64
CA ILE B 149 -47.71 -44.87 23.12
C ILE B 149 -47.35 -44.62 24.58
N GLU B 150 -47.46 -45.65 25.41
CA GLU B 150 -47.08 -45.59 26.80
C GLU B 150 -46.11 -46.71 27.11
N LEU B 151 -45.10 -46.41 27.93
CA LEU B 151 -44.06 -47.36 28.28
C LEU B 151 -43.77 -47.27 29.77
N ASP B 152 -43.19 -48.35 30.31
CA ASP B 152 -42.77 -48.44 31.69
C ASP B 152 -41.25 -48.66 31.68
N LEU B 153 -40.51 -47.56 31.65
CA LEU B 153 -39.06 -47.64 31.55
C LEU B 153 -38.44 -48.07 32.87
N ASP B 154 -37.18 -48.52 32.80
CA ASP B 154 -36.39 -48.95 33.94
C ASP B 154 -37.02 -50.14 34.65
N ASN B 155 -37.85 -50.92 33.96
CA ASN B 155 -38.47 -52.12 34.51
C ASN B 155 -38.41 -53.20 33.43
N ASN B 156 -37.35 -54.02 33.46
CA ASN B 156 -37.10 -55.00 32.43
C ASN B 156 -36.90 -56.38 33.05
N THR B 157 -37.21 -57.41 32.27
CA THR B 157 -37.03 -58.79 32.69
C THR B 157 -35.93 -59.51 31.92
N SER B 158 -35.51 -58.98 30.78
CA SER B 158 -34.45 -59.59 29.97
C SER B 158 -33.52 -58.48 29.50
N GLU B 159 -32.63 -58.82 28.56
CA GLU B 159 -31.67 -57.86 28.04
C GLU B 159 -31.65 -57.86 26.51
N LYS B 160 -32.77 -58.19 25.90
CA LYS B 160 -32.90 -58.20 24.44
C LYS B 160 -33.90 -57.13 24.01
N VAL B 161 -33.61 -56.49 22.88
CA VAL B 161 -34.44 -55.41 22.37
C VAL B 161 -35.63 -55.98 21.61
N VAL B 162 -36.71 -55.22 21.56
CA VAL B 162 -37.93 -55.67 20.91
C VAL B 162 -38.32 -54.72 19.78
N GLY B 163 -38.01 -53.43 19.92
CA GLY B 163 -38.37 -52.48 18.90
C GLY B 163 -37.63 -51.17 19.06
N TYR B 164 -37.98 -50.21 18.21
CA TYR B 164 -37.36 -48.89 18.24
C TYR B 164 -38.44 -47.83 18.10
N CYS B 165 -38.21 -46.67 18.71
CA CYS B 165 -39.16 -45.57 18.69
C CYS B 165 -38.45 -44.28 18.32
N GLY B 166 -39.15 -43.42 17.59
CA GLY B 166 -38.63 -42.11 17.24
C GLY B 166 -39.69 -41.06 17.43
N TYR B 167 -39.25 -39.85 17.79
CA TYR B 167 -40.18 -38.79 18.14
C TYR B 167 -39.54 -37.43 17.91
N PHE B 168 -40.22 -36.57 17.16
CA PHE B 168 -39.75 -35.20 16.99
C PHE B 168 -40.91 -34.23 17.12
N GLN B 169 -40.65 -33.11 17.80
CA GLN B 169 -41.65 -32.10 18.10
C GLN B 169 -41.12 -30.73 17.70
N LEU B 170 -41.99 -29.95 17.04
CA LEU B 170 -41.66 -28.62 16.59
C LEU B 170 -41.98 -27.60 17.67
N ILE B 171 -41.95 -26.32 17.30
CA ILE B 171 -42.26 -25.23 18.23
C ILE B 171 -43.73 -24.86 18.22
N ASN B 172 -44.39 -24.89 17.07
CA ASN B 172 -45.78 -24.48 16.95
C ASN B 172 -46.77 -25.54 17.39
N GLY B 173 -46.30 -26.60 18.03
CA GLY B 173 -47.15 -27.64 18.58
C GLY B 173 -47.19 -28.92 17.78
N PHE B 174 -46.67 -28.93 16.55
CA PHE B 174 -46.69 -30.13 15.73
C PHE B 174 -45.73 -31.17 16.29
N GLU B 175 -46.22 -32.41 16.44
CA GLU B 175 -45.42 -33.51 16.95
C GLU B 175 -45.62 -34.72 16.06
N LYS B 176 -44.62 -35.60 16.04
CA LYS B 176 -44.70 -36.83 15.26
C LYS B 176 -43.93 -37.93 15.97
N THR B 177 -44.55 -39.11 16.04
CA THR B 177 -43.98 -40.27 16.69
C THR B 177 -44.16 -41.50 15.82
N VAL B 178 -43.12 -42.32 15.71
CA VAL B 178 -43.14 -43.55 14.94
C VAL B 178 -42.55 -44.67 15.78
N TYR B 179 -42.99 -45.90 15.49
CA TYR B 179 -42.53 -47.08 16.22
C TYR B 179 -42.36 -48.22 15.23
N TRP B 180 -41.17 -48.84 15.24
CA TRP B 180 -40.85 -49.94 14.37
C TRP B 180 -40.52 -51.18 15.19
N THR B 181 -40.82 -52.35 14.64
CA THR B 181 -40.47 -53.62 15.26
C THR B 181 -39.27 -54.25 14.54
N ARG B 182 -38.76 -55.31 15.13
CA ARG B 182 -37.58 -55.98 14.57
C ARG B 182 -37.88 -56.60 13.21
N LYS B 183 -39.06 -57.19 13.05
CA LYS B 183 -39.40 -57.87 11.80
C LYS B 183 -39.44 -56.87 10.64
N GLU B 184 -40.04 -55.71 10.85
CA GLU B 184 -40.13 -54.72 9.78
C GLU B 184 -38.75 -54.21 9.39
N ILE B 185 -37.88 -53.97 10.37
CA ILE B 185 -36.53 -53.50 10.08
C ILE B 185 -35.74 -54.57 9.32
N GLU B 186 -35.89 -55.84 9.74
CA GLU B 186 -35.22 -56.92 9.03
C GLU B 186 -35.71 -57.03 7.59
N ALA B 187 -37.02 -56.90 7.38
CA ALA B 187 -37.56 -56.95 6.02
C ALA B 187 -37.03 -55.80 5.18
N HIS B 188 -36.98 -54.59 5.74
CA HIS B 188 -36.46 -53.45 5.01
C HIS B 188 -35.00 -53.64 4.65
N LYS B 189 -34.20 -54.14 5.59
CA LYS B 189 -32.78 -54.38 5.33
C LYS B 189 -32.60 -55.43 4.24
N GLN B 190 -33.39 -56.50 4.29
CA GLN B 190 -33.30 -57.52 3.25
C GLN B 190 -33.71 -56.99 1.89
N LYS B 191 -34.74 -56.14 1.86
CA LYS B 191 -35.25 -55.66 0.58
C LYS B 191 -34.33 -54.63 -0.06
N PHE B 192 -33.80 -53.68 0.73
CA PHE B 192 -33.09 -52.54 0.18
C PHE B 192 -31.58 -52.65 0.31
N SER B 193 -31.07 -52.97 1.50
CA SER B 193 -29.63 -53.02 1.70
C SER B 193 -29.00 -54.14 0.89
N LYS B 194 -27.79 -53.87 0.37
CA LYS B 194 -27.06 -54.84 -0.44
C LYS B 194 -25.69 -55.14 0.16
N SER B 195 -25.49 -54.87 1.45
CA SER B 195 -24.24 -55.17 2.13
C SER B 195 -24.56 -55.74 3.51
N ASP B 196 -23.60 -56.47 4.07
CA ASP B 196 -23.80 -57.13 5.35
C ASP B 196 -22.68 -56.91 6.36
N PHE B 197 -21.59 -56.25 5.97
CA PHE B 197 -20.48 -56.05 6.90
C PHE B 197 -20.88 -55.14 8.06
N GLY B 198 -21.49 -54.00 7.75
CA GLY B 198 -21.87 -53.06 8.80
C GLY B 198 -22.96 -53.60 9.70
N TRP B 199 -23.93 -54.31 9.14
CA TRP B 199 -25.08 -54.80 9.90
C TRP B 199 -24.73 -55.91 10.86
N LYS B 200 -23.52 -56.47 10.79
CA LYS B 200 -23.16 -57.62 11.61
C LYS B 200 -22.62 -57.23 12.97
N LYS B 201 -21.63 -56.34 13.01
CA LYS B 201 -20.98 -56.01 14.28
C LYS B 201 -21.88 -55.19 15.20
N ASP B 202 -22.67 -54.28 14.63
CA ASP B 202 -23.52 -53.38 15.43
C ASP B 202 -24.88 -53.27 14.75
N TYR B 203 -25.84 -54.06 15.24
CA TYR B 203 -27.18 -54.08 14.64
C TYR B 203 -28.02 -52.87 15.04
N ASP B 204 -27.81 -52.32 16.23
CA ASP B 204 -28.69 -51.28 16.74
C ASP B 204 -28.46 -49.95 16.02
N ALA B 205 -27.21 -49.61 15.74
CA ALA B 205 -26.90 -48.31 15.16
C ALA B 205 -27.54 -48.15 13.79
N MET B 206 -27.48 -49.20 12.96
CA MET B 206 -28.07 -49.12 11.62
C MET B 206 -29.59 -48.97 11.69
N ALA B 207 -30.23 -49.70 12.61
CA ALA B 207 -31.67 -49.58 12.76
C ALA B 207 -32.07 -48.17 13.20
N LYS B 208 -31.33 -47.62 14.18
CA LYS B 208 -31.62 -46.26 14.63
C LYS B 208 -31.41 -45.25 13.51
N LYS B 209 -30.35 -45.42 12.73
CA LYS B 209 -30.10 -44.51 11.61
C LYS B 209 -31.21 -44.60 10.58
N THR B 210 -31.69 -45.81 10.29
CA THR B 210 -32.77 -45.96 9.31
C THR B 210 -34.05 -45.30 9.79
N VAL B 211 -34.40 -45.53 11.06
CA VAL B 211 -35.60 -44.92 11.63
C VAL B 211 -35.50 -43.40 11.57
N LEU B 212 -34.35 -42.86 12.00
CA LEU B 212 -34.17 -41.42 12.01
C LEU B 212 -34.27 -40.83 10.60
N ARG B 213 -33.57 -41.43 9.64
CA ARG B 213 -33.55 -40.86 8.30
C ARG B 213 -34.93 -40.96 7.64
N ASN B 214 -35.64 -42.07 7.86
CA ASN B 214 -36.98 -42.19 7.27
C ASN B 214 -37.94 -41.18 7.89
N MET B 215 -37.92 -41.06 9.22
CA MET B 215 -38.82 -40.12 9.89
C MET B 215 -38.53 -38.68 9.48
N LEU B 216 -37.24 -38.33 9.33
CA LEU B 216 -36.91 -36.96 8.96
C LEU B 216 -37.20 -36.68 7.50
N SER B 217 -36.99 -37.65 6.62
CA SER B 217 -37.21 -37.42 5.19
C SER B 217 -38.70 -37.36 4.86
N LYS B 218 -39.49 -38.28 5.40
CA LYS B 218 -40.89 -38.37 4.98
C LYS B 218 -41.74 -37.24 5.53
N TRP B 219 -41.54 -36.87 6.80
CA TRP B 219 -42.43 -35.93 7.46
C TRP B 219 -41.76 -34.63 7.91
N GLY B 220 -40.43 -34.53 7.84
CA GLY B 220 -39.77 -33.34 8.33
C GLY B 220 -39.88 -32.16 7.38
N ILE B 221 -39.52 -30.99 7.91
CA ILE B 221 -39.48 -29.75 7.16
C ILE B 221 -38.02 -29.34 7.01
N LEU B 222 -37.58 -29.13 5.78
CA LEU B 222 -36.17 -28.88 5.47
C LEU B 222 -36.00 -27.52 4.82
N SER B 223 -34.79 -27.00 4.92
CA SER B 223 -34.44 -25.73 4.29
C SER B 223 -32.95 -25.75 3.96
N ILE B 224 -32.56 -24.86 3.04
CA ILE B 224 -31.20 -24.80 2.55
C ILE B 224 -30.41 -23.66 3.16
N ASP B 225 -30.98 -22.46 3.18
CA ASP B 225 -30.30 -21.28 3.69
C ASP B 225 -30.47 -21.18 5.19
N MET B 226 -29.36 -20.97 5.90
CA MET B 226 -29.42 -20.82 7.35
C MET B 226 -30.07 -19.49 7.73
N GLN B 227 -30.82 -19.52 8.82
CA GLN B 227 -31.51 -18.32 9.30
C GLN B 227 -30.97 -17.88 10.66
N ALA C 37 -11.58 -24.47 -17.51
CA ALA C 37 -10.53 -25.19 -16.80
C ALA C 37 -9.41 -24.28 -16.26
N PRO C 38 -8.88 -23.36 -17.08
CA PRO C 38 -7.85 -22.45 -16.55
C PRO C 38 -8.34 -21.58 -15.40
N THR C 39 -9.62 -21.20 -15.40
CA THR C 39 -10.15 -20.36 -14.33
C THR C 39 -10.11 -21.09 -12.99
N MET C 40 -10.49 -22.37 -12.98
CA MET C 40 -10.44 -23.14 -11.74
C MET C 40 -9.00 -23.32 -11.27
N ARG C 41 -8.07 -23.48 -12.21
CA ARG C 41 -6.66 -23.58 -11.84
C ARG C 41 -6.16 -22.30 -11.21
N LYS C 42 -6.54 -21.15 -11.78
CA LYS C 42 -6.14 -19.87 -11.21
C LYS C 42 -6.73 -19.67 -9.82
N LYS C 43 -8.00 -20.02 -9.65
CA LYS C 43 -8.64 -19.90 -8.34
C LYS C 43 -7.97 -20.81 -7.31
N PHE C 44 -7.66 -22.04 -7.70
CA PHE C 44 -6.98 -22.96 -6.79
C PHE C 44 -5.58 -22.45 -6.43
N GLU C 45 -4.87 -21.89 -7.41
CA GLU C 45 -3.55 -21.33 -7.13
C GLU C 45 -3.64 -20.16 -6.16
N LYS C 46 -4.64 -19.29 -6.35
CA LYS C 46 -4.82 -18.17 -5.43
C LYS C 46 -5.13 -18.64 -4.02
N VAL C 47 -6.01 -19.65 -3.91
CA VAL C 47 -6.34 -20.20 -2.59
C VAL C 47 -5.11 -20.81 -1.94
N LEU C 48 -4.30 -21.53 -2.72
CA LEU C 48 -3.07 -22.10 -2.21
C LEU C 48 -2.11 -21.03 -1.71
N ASP C 49 -1.94 -19.95 -2.48
CA ASP C 49 -1.01 -18.90 -2.09
C ASP C 49 -1.51 -18.13 -0.88
N LYS C 50 -2.83 -18.09 -0.67
CA LYS C 50 -3.38 -17.32 0.44
C LYS C 50 -3.07 -17.95 1.79
N LYS C 51 -2.81 -19.26 1.84
CA LYS C 51 -2.68 -20.00 3.09
C LYS C 51 -1.33 -20.69 3.21
N ALA C 52 -0.26 -20.02 2.77
CA ALA C 52 1.07 -20.60 2.87
C ALA C 52 1.55 -20.80 4.31
N PRO C 53 1.43 -19.82 5.22
CA PRO C 53 2.02 -20.00 6.55
C PRO C 53 1.50 -21.19 7.32
N GLN C 54 0.21 -21.52 7.19
CA GLN C 54 -0.32 -22.69 7.87
C GLN C 54 0.32 -23.97 7.36
N PHE C 55 0.48 -24.08 6.04
CA PHE C 55 1.14 -25.25 5.46
C PHE C 55 2.58 -25.34 5.93
N LEU C 56 3.29 -24.21 5.94
CA LEU C 56 4.69 -24.21 6.39
C LEU C 56 4.79 -24.64 7.85
N THR C 57 3.91 -24.11 8.70
CA THR C 57 3.93 -24.46 10.12
C THR C 57 3.63 -25.94 10.33
N SER C 58 2.64 -26.47 9.60
CA SER C 58 2.31 -27.88 9.72
C SER C 58 3.48 -28.76 9.28
N LEU C 59 4.12 -28.42 8.17
CA LEU C 59 5.25 -29.21 7.70
C LEU C 59 6.42 -29.15 8.68
N LEU C 60 6.70 -27.97 9.23
CA LEU C 60 7.80 -27.84 10.18
C LEU C 60 7.51 -28.63 11.46
N ASN C 61 6.27 -28.58 11.95
CA ASN C 61 5.92 -29.35 13.13
C ASN C 61 6.01 -30.85 12.87
N LEU C 62 5.59 -31.29 11.68
CA LEU C 62 5.71 -32.71 11.34
C LEU C 62 7.18 -33.13 11.28
N TYR C 63 8.04 -32.29 10.70
CA TYR C 63 9.45 -32.61 10.62
C TYR C 63 10.08 -32.67 12.00
N ASN C 64 9.75 -31.72 12.87
CA ASN C 64 10.38 -31.65 14.18
C ASN C 64 9.92 -32.78 15.10
N GLY C 65 8.83 -33.46 14.76
CA GLY C 65 8.29 -34.50 15.62
C GLY C 65 9.08 -35.79 15.53
N ASP C 66 8.50 -36.84 16.11
CA ASP C 66 9.14 -38.16 16.12
C ASP C 66 9.07 -38.78 14.73
N ASP C 67 9.73 -39.93 14.58
CA ASP C 67 9.82 -40.63 13.30
C ASP C 67 8.89 -41.84 13.34
N TYR C 68 7.63 -41.62 12.95
CA TYR C 68 6.65 -42.69 12.86
C TYR C 68 5.94 -42.73 11.52
N LEU C 69 6.20 -41.77 10.63
CA LEU C 69 5.56 -41.71 9.32
C LEU C 69 6.50 -42.16 8.20
N GLN C 70 7.61 -42.80 8.54
CA GLN C 70 8.62 -43.19 7.56
C GLN C 70 8.24 -44.43 6.76
N LYS C 71 7.15 -45.12 7.13
CA LYS C 71 6.71 -46.32 6.44
C LYS C 71 5.55 -46.04 5.47
N THR C 72 5.26 -44.77 5.20
CA THR C 72 4.14 -44.39 4.35
C THR C 72 4.62 -43.54 3.20
N ASP C 73 3.77 -43.41 2.19
CA ASP C 73 4.11 -42.62 1.01
C ASP C 73 4.11 -41.14 1.36
N PRO C 74 5.18 -40.40 1.04
CA PRO C 74 5.20 -38.98 1.38
C PRO C 74 4.13 -38.16 0.70
N MET C 75 3.65 -38.60 -0.47
CA MET C 75 2.61 -37.84 -1.17
C MET C 75 1.31 -37.80 -0.36
N THR C 76 0.95 -38.91 0.27
CA THR C 76 -0.25 -38.93 1.12
C THR C 76 -0.09 -37.99 2.31
N VAL C 77 1.10 -37.96 2.92
CA VAL C 77 1.33 -37.06 4.04
C VAL C 77 1.23 -35.61 3.59
N VAL C 78 1.79 -35.29 2.42
CA VAL C 78 1.72 -33.93 1.90
C VAL C 78 0.27 -33.53 1.63
N THR C 79 -0.50 -34.45 1.04
CA THR C 79 -1.91 -34.16 0.76
C THR C 79 -2.70 -33.96 2.06
N SER C 80 -2.42 -34.78 3.07
CA SER C 80 -3.11 -34.64 4.35
C SER C 80 -2.78 -33.31 5.01
N ALA C 81 -1.50 -32.91 4.99
CA ALA C 81 -1.14 -31.60 5.52
C ALA C 81 -1.80 -30.49 4.72
N MET C 82 -1.92 -30.67 3.41
CA MET C 82 -2.57 -29.67 2.56
C MET C 82 -4.03 -29.48 2.96
N VAL C 83 -4.79 -30.58 3.07
CA VAL C 83 -6.21 -30.45 3.40
C VAL C 83 -6.37 -29.93 4.82
N ALA C 84 -5.49 -30.33 5.73
CA ALA C 84 -5.55 -29.83 7.10
C ALA C 84 -5.33 -28.32 7.15
N ALA C 85 -4.35 -27.83 6.38
CA ALA C 85 -4.09 -26.40 6.35
C ALA C 85 -5.15 -25.63 5.58
N THR C 86 -5.88 -26.29 4.68
CA THR C 86 -6.93 -25.62 3.93
C THR C 86 -8.09 -25.19 4.83
N LEU C 87 -8.37 -25.96 5.89
CA LEU C 87 -9.51 -25.72 6.76
C LEU C 87 -9.16 -24.85 7.96
N ASP C 88 -8.04 -24.12 7.91
CA ASP C 88 -7.62 -23.24 9.01
C ASP C 88 -7.45 -24.02 10.31
N LEU C 89 -6.94 -25.24 10.21
CA LEU C 89 -6.69 -26.09 11.37
C LEU C 89 -5.25 -26.58 11.30
N PRO C 90 -4.31 -25.84 11.88
CA PRO C 90 -2.92 -26.28 11.88
C PRO C 90 -2.74 -27.58 12.65
N ILE C 91 -1.56 -28.16 12.52
CA ILE C 91 -1.32 -29.51 13.01
C ILE C 91 -0.33 -29.44 14.18
N ASP C 92 -0.11 -28.23 14.68
CA ASP C 92 0.80 -28.03 15.79
C ASP C 92 0.27 -28.71 17.05
N LYS C 93 1.19 -29.22 17.86
CA LYS C 93 0.81 -30.02 19.02
C LYS C 93 0.16 -29.18 20.11
N ASN C 94 0.56 -27.91 20.25
CA ASN C 94 0.05 -27.08 21.34
C ASN C 94 -1.44 -26.80 21.23
N LEU C 95 -2.04 -27.00 20.06
CA LEU C 95 -3.47 -26.75 19.87
C LEU C 95 -4.31 -28.03 19.89
N GLY C 96 -3.81 -29.11 19.30
CA GLY C 96 -4.54 -30.37 19.28
C GLY C 96 -5.85 -30.33 18.52
N TYR C 97 -5.85 -29.71 17.34
CA TYR C 97 -7.06 -29.62 16.53
C TYR C 97 -7.18 -30.77 15.54
N ALA C 98 -6.07 -31.29 15.03
CA ALA C 98 -6.11 -32.35 14.03
C ALA C 98 -4.84 -33.19 14.14
N TRP C 99 -4.90 -34.38 13.55
CA TRP C 99 -3.77 -35.30 13.58
C TRP C 99 -3.62 -35.97 12.22
N ILE C 100 -2.45 -36.58 12.02
CA ILE C 100 -2.20 -37.43 10.87
C ILE C 100 -1.86 -38.83 11.39
N VAL C 101 -2.68 -39.81 11.02
CA VAL C 101 -2.53 -41.17 11.51
C VAL C 101 -2.39 -42.10 10.32
N PRO C 102 -1.37 -42.96 10.29
CA PRO C 102 -1.20 -43.88 9.16
C PRO C 102 -2.00 -45.16 9.33
N TYR C 103 -2.71 -45.54 8.27
CA TYR C 103 -3.54 -46.74 8.27
C TYR C 103 -3.19 -47.58 7.05
N LYS C 104 -2.63 -48.77 7.29
CA LYS C 104 -2.23 -49.68 6.22
C LYS C 104 -1.29 -49.00 5.22
N GLY C 105 -0.33 -48.24 5.77
CA GLY C 105 0.62 -47.54 4.93
C GLY C 105 0.06 -46.32 4.23
N ARG C 106 -1.07 -45.80 4.69
CA ARG C 106 -1.69 -44.62 4.10
C ARG C 106 -1.98 -43.61 5.21
N ALA C 107 -1.53 -42.39 5.03
CA ALA C 107 -1.74 -41.34 6.02
C ALA C 107 -3.15 -40.76 5.89
N GLN C 108 -3.79 -40.51 7.02
CA GLN C 108 -5.14 -39.98 7.05
C GLN C 108 -5.20 -38.78 7.98
N PHE C 109 -5.93 -37.75 7.55
CA PHE C 109 -6.14 -36.54 8.34
C PHE C 109 -7.37 -36.75 9.22
N GLN C 110 -7.23 -36.46 10.51
CA GLN C 110 -8.27 -36.76 11.49
C GLN C 110 -8.54 -35.53 12.36
N LEU C 111 -9.81 -35.39 12.75
CA LEU C 111 -10.24 -34.28 13.58
C LEU C 111 -10.22 -34.68 15.06
N GLY C 112 -9.70 -33.78 15.90
CA GLY C 112 -9.72 -33.99 17.33
C GLY C 112 -11.04 -33.60 17.94
N TYR C 113 -11.10 -33.71 19.27
CA TYR C 113 -12.32 -33.36 19.99
C TYR C 113 -12.46 -31.86 20.22
N LYS C 114 -11.45 -31.06 19.85
CA LYS C 114 -11.56 -29.61 19.89
C LYS C 114 -11.88 -29.01 18.54
N GLY C 115 -11.66 -29.75 17.45
CA GLY C 115 -12.06 -29.26 16.14
C GLY C 115 -13.56 -29.11 16.02
N TYR C 116 -14.32 -30.03 16.61
CA TYR C 116 -15.77 -29.90 16.64
C TYR C 116 -16.19 -28.64 17.39
N ILE C 117 -15.54 -28.36 18.52
CA ILE C 117 -15.82 -27.14 19.27
C ILE C 117 -15.52 -25.92 18.41
N GLN C 118 -14.39 -25.94 17.70
CA GLN C 118 -14.03 -24.80 16.86
C GLN C 118 -15.05 -24.58 15.76
N LEU C 119 -15.49 -25.66 15.10
CA LEU C 119 -16.49 -25.51 14.05
C LEU C 119 -17.83 -25.03 14.60
N ALA C 120 -18.23 -25.55 15.76
CA ALA C 120 -19.49 -25.13 16.38
C ALA C 120 -19.45 -23.64 16.75
N LEU C 121 -18.32 -23.18 17.28
CA LEU C 121 -18.18 -21.75 17.59
C LEU C 121 -18.13 -20.91 16.31
N ARG C 122 -17.53 -21.44 15.25
CA ARG C 122 -17.53 -20.73 13.97
C ARG C 122 -18.93 -20.62 13.39
N THR C 123 -19.81 -21.57 13.71
CA THR C 123 -21.18 -21.52 13.22
C THR C 123 -21.89 -20.25 13.72
N GLY C 124 -21.74 -19.93 14.99
CA GLY C 124 -22.33 -18.73 15.55
C GLY C 124 -23.78 -18.82 15.91
N GLN C 125 -24.30 -20.02 16.19
CA GLN C 125 -25.70 -20.20 16.54
C GLN C 125 -25.89 -20.84 17.91
N TYR C 126 -24.81 -21.11 18.64
CA TYR C 126 -24.90 -21.79 19.92
C TYR C 126 -25.12 -20.80 21.06
N LYS C 127 -25.58 -21.32 22.19
CA LYS C 127 -25.80 -20.50 23.37
C LYS C 127 -25.08 -21.05 24.60
N SER C 128 -25.05 -22.37 24.75
CA SER C 128 -24.40 -22.95 25.92
C SER C 128 -23.97 -24.38 25.60
N ILE C 129 -22.78 -24.75 26.08
CA ILE C 129 -22.27 -26.12 26.01
C ILE C 129 -21.65 -26.45 27.36
N ASN C 130 -21.93 -27.64 27.89
CA ASN C 130 -21.38 -28.02 29.17
C ASN C 130 -21.38 -29.54 29.31
N VAL C 131 -20.50 -30.01 30.20
CA VAL C 131 -20.40 -31.42 30.54
C VAL C 131 -19.86 -31.53 31.96
N ILE C 132 -20.54 -32.31 32.80
CA ILE C 132 -20.17 -32.46 34.20
C ILE C 132 -20.19 -33.94 34.58
N GLU C 133 -19.72 -34.22 35.78
CA GLU C 133 -19.69 -35.57 36.34
C GLU C 133 -20.71 -35.68 37.47
N VAL C 134 -21.58 -36.67 37.39
CA VAL C 134 -22.59 -36.93 38.41
C VAL C 134 -22.00 -37.96 39.37
N ARG C 135 -21.90 -37.58 40.64
CA ARG C 135 -21.26 -38.41 41.66
C ARG C 135 -22.30 -39.34 42.29
N GLU C 136 -21.91 -39.98 43.39
CA GLU C 136 -22.80 -40.94 44.05
C GLU C 136 -23.90 -40.20 44.80
N GLY C 137 -25.14 -40.64 44.59
CA GLY C 137 -26.27 -40.03 45.28
C GLY C 137 -26.55 -38.60 44.91
N GLU C 138 -26.51 -38.27 43.62
CA GLU C 138 -26.80 -36.93 43.14
C GLU C 138 -28.06 -36.87 42.30
N LEU C 139 -28.15 -37.68 41.25
CA LEU C 139 -29.34 -37.68 40.40
C LEU C 139 -30.48 -38.40 41.08
N LEU C 140 -31.71 -38.02 40.73
CA LEU C 140 -32.91 -38.64 41.30
C LEU C 140 -33.57 -39.60 40.33
N LYS C 141 -33.88 -39.14 39.10
CA LYS C 141 -34.47 -39.99 38.09
C LYS C 141 -34.05 -39.47 36.72
N TRP C 142 -34.13 -40.36 35.72
CA TRP C 142 -33.74 -40.00 34.36
C TRP C 142 -34.42 -40.95 33.40
N ASN C 143 -35.17 -40.40 32.45
CA ASN C 143 -35.81 -41.18 31.39
C ASN C 143 -35.32 -40.68 30.04
N ARG C 144 -35.07 -41.61 29.13
CA ARG C 144 -34.50 -41.27 27.83
C ARG C 144 -35.54 -40.79 26.82
N LEU C 145 -36.82 -40.86 27.15
CA LEU C 145 -37.86 -40.42 26.22
C LEU C 145 -37.97 -38.90 26.19
N THR C 146 -38.30 -38.30 27.34
CA THR C 146 -38.48 -36.86 27.43
C THR C 146 -37.18 -36.11 27.72
N GLU C 147 -36.08 -36.83 27.97
CA GLU C 147 -34.79 -36.22 28.25
C GLU C 147 -34.86 -35.25 29.43
N GLU C 148 -35.52 -35.67 30.49
CA GLU C 148 -35.67 -34.88 31.71
C GLU C 148 -34.86 -35.52 32.82
N ILE C 149 -33.99 -34.74 33.44
CA ILE C 149 -33.11 -35.22 34.50
C ILE C 149 -33.09 -34.20 35.64
N GLU C 150 -33.19 -34.69 36.86
CA GLU C 150 -33.13 -33.85 38.05
C GLU C 150 -32.06 -34.38 38.98
N LEU C 151 -31.33 -33.45 39.61
CA LEU C 151 -30.22 -33.80 40.49
C LEU C 151 -30.27 -32.93 41.74
N ASP C 152 -29.63 -33.42 42.80
CA ASP C 152 -29.50 -32.69 44.06
C ASP C 152 -28.01 -32.48 44.30
N LEU C 153 -27.48 -31.39 43.76
CA LEU C 153 -26.05 -31.13 43.84
C LEU C 153 -25.65 -30.67 45.24
N ASP C 154 -24.35 -30.75 45.51
CA ASP C 154 -23.76 -30.35 46.78
C ASP C 154 -24.30 -31.15 47.96
N ASN C 155 -24.81 -32.36 47.70
CA ASN C 155 -25.30 -33.25 48.75
C ASN C 155 -24.82 -34.65 48.41
N ASN C 156 -23.67 -35.04 48.96
CA ASN C 156 -23.03 -36.30 48.62
C ASN C 156 -22.72 -37.08 49.89
N THR C 157 -22.68 -38.41 49.74
CA THR C 157 -22.33 -39.31 50.84
C THR C 157 -20.99 -40.00 50.65
N SER C 158 -20.44 -40.00 49.45
CA SER C 158 -19.14 -40.63 49.18
C SER C 158 -18.35 -39.69 48.28
N GLU C 159 -17.23 -40.18 47.74
CA GLU C 159 -16.37 -39.39 46.87
C GLU C 159 -16.04 -40.14 45.58
N LYS C 160 -16.93 -41.02 45.13
CA LYS C 160 -16.74 -41.76 43.89
C LYS C 160 -17.79 -41.34 42.89
N VAL C 161 -17.40 -41.29 41.62
CA VAL C 161 -18.29 -40.85 40.55
C VAL C 161 -19.17 -42.02 40.10
N VAL C 162 -20.34 -41.69 39.57
CA VAL C 162 -21.29 -42.71 39.14
C VAL C 162 -21.59 -42.59 37.66
N GLY C 163 -21.56 -41.36 37.13
CA GLY C 163 -21.87 -41.15 35.73
C GLY C 163 -21.42 -39.79 35.24
N TYR C 164 -21.76 -39.50 33.99
CA TYR C 164 -21.40 -38.23 33.37
C TYR C 164 -22.60 -37.70 32.60
N CYS C 165 -22.71 -36.37 32.53
CA CYS C 165 -23.83 -35.73 31.85
C CYS C 165 -23.30 -34.64 30.93
N GLY C 166 -23.97 -34.47 29.79
CA GLY C 166 -23.63 -33.41 28.86
C GLY C 166 -24.88 -32.72 28.37
N TYR C 167 -24.76 -31.43 28.09
CA TYR C 167 -25.92 -30.63 27.74
C TYR C 167 -25.49 -29.44 26.89
N PHE C 168 -26.15 -29.26 25.74
CA PHE C 168 -25.90 -28.08 24.91
C PHE C 168 -27.23 -27.52 24.42
N GLN C 169 -27.32 -26.19 24.43
CA GLN C 169 -28.52 -25.46 24.07
C GLN C 169 -28.18 -24.38 23.05
N LEU C 170 -29.01 -24.29 22.01
CA LEU C 170 -28.84 -23.31 20.96
C LEU C 170 -29.57 -22.01 21.31
N ILE C 171 -29.69 -21.12 20.32
CA ILE C 171 -30.37 -19.85 20.51
C ILE C 171 -31.86 -19.92 20.19
N ASN C 172 -32.24 -20.69 19.17
CA ASN C 172 -33.63 -20.77 18.72
C ASN C 172 -34.48 -21.70 19.58
N GLY C 173 -33.96 -22.15 20.72
CA GLY C 173 -34.71 -22.96 21.66
C GLY C 173 -34.34 -24.43 21.65
N PHE C 174 -33.59 -24.90 20.66
CA PHE C 174 -33.23 -26.30 20.59
C PHE C 174 -32.24 -26.65 21.70
N GLU C 175 -32.51 -27.73 22.43
CA GLU C 175 -31.66 -28.19 23.51
C GLU C 175 -31.44 -29.68 23.37
N LYS C 176 -30.32 -30.17 23.91
CA LYS C 176 -30.01 -31.58 23.87
C LYS C 176 -29.22 -31.96 25.12
N THR C 177 -29.62 -33.06 25.75
CA THR C 177 -28.99 -33.56 26.97
C THR C 177 -28.76 -35.05 26.85
N VAL C 178 -27.59 -35.50 27.29
CA VAL C 178 -27.23 -36.92 27.28
C VAL C 178 -26.63 -37.29 28.63
N TYR C 179 -26.77 -38.56 28.99
CA TYR C 179 -26.28 -39.07 30.26
C TYR C 179 -25.69 -40.46 30.05
N TRP C 180 -24.45 -40.64 30.48
CA TRP C 180 -23.75 -41.92 30.35
C TRP C 180 -23.38 -42.45 31.73
N THR C 181 -23.35 -43.78 31.85
CA THR C 181 -22.92 -44.44 33.07
C THR C 181 -21.51 -44.99 32.89
N ARG C 182 -20.94 -45.46 34.00
CA ARG C 182 -19.56 -45.97 33.98
C ARG C 182 -19.45 -47.24 33.12
N LYS C 183 -20.45 -48.11 33.20
CA LYS C 183 -20.39 -49.37 32.47
C LYS C 183 -20.37 -49.14 30.96
N GLU C 184 -21.20 -48.22 30.46
CA GLU C 184 -21.24 -47.94 29.03
C GLU C 184 -19.91 -47.35 28.55
N ILE C 185 -19.33 -46.45 29.34
CA ILE C 185 -18.06 -45.84 28.96
C ILE C 185 -16.95 -46.89 28.95
N GLU C 186 -16.95 -47.79 29.95
CA GLU C 186 -15.96 -48.85 29.98
C GLU C 186 -16.10 -49.77 28.78
N ALA C 187 -17.34 -50.12 28.41
CA ALA C 187 -17.58 -50.96 27.25
C ALA C 187 -17.10 -50.28 25.97
N HIS C 188 -17.39 -48.98 25.82
CA HIS C 188 -16.94 -48.25 24.65
C HIS C 188 -15.42 -48.20 24.57
N LYS C 189 -14.76 -47.94 25.70
CA LYS C 189 -13.31 -47.90 25.72
C LYS C 189 -12.71 -49.26 25.37
N GLN C 190 -13.29 -50.34 25.90
CA GLN C 190 -12.79 -51.67 25.58
C GLN C 190 -13.00 -52.00 24.10
N LYS C 191 -14.13 -51.58 23.53
CA LYS C 191 -14.45 -51.94 22.16
C LYS C 191 -13.61 -51.15 21.16
N PHE C 192 -13.45 -49.84 21.38
CA PHE C 192 -12.85 -48.97 20.37
C PHE C 192 -11.40 -48.60 20.67
N SER C 193 -11.11 -48.15 21.89
CA SER C 193 -9.75 -47.71 22.20
C SER C 193 -8.77 -48.87 22.16
N LYS C 194 -7.56 -48.60 21.68
CA LYS C 194 -6.50 -49.60 21.58
C LYS C 194 -5.27 -49.21 22.36
N SER C 195 -5.39 -48.30 23.33
CA SER C 195 -4.29 -47.88 24.17
C SER C 195 -4.78 -47.77 25.60
N ASP C 196 -3.84 -47.84 26.55
CA ASP C 196 -4.17 -47.82 27.96
C ASP C 196 -3.35 -46.85 28.80
N PHE C 197 -2.35 -46.19 28.22
CA PHE C 197 -1.51 -45.29 28.99
C PHE C 197 -2.30 -44.07 29.46
N GLY C 198 -3.03 -43.44 28.55
CA GLY C 198 -3.78 -42.25 28.91
C GLY C 198 -4.93 -42.53 29.87
N TRP C 199 -5.60 -43.67 29.68
CA TRP C 199 -6.78 -43.99 30.48
C TRP C 199 -6.44 -44.36 31.92
N LYS C 200 -5.17 -44.54 32.25
CA LYS C 200 -4.78 -45.00 33.57
C LYS C 200 -4.63 -43.86 34.57
N LYS C 201 -3.85 -42.83 34.22
CA LYS C 201 -3.55 -41.78 35.18
C LYS C 201 -4.76 -40.89 35.45
N ASP C 202 -5.56 -40.61 34.42
CA ASP C 202 -6.71 -39.70 34.55
C ASP C 202 -7.89 -40.29 33.80
N TYR C 203 -8.77 -40.96 34.54
CA TYR C 203 -9.93 -41.62 33.94
C TYR C 203 -11.03 -40.65 33.56
N ASP C 204 -11.19 -39.55 34.31
CA ASP C 204 -12.33 -38.67 34.11
C ASP C 204 -12.20 -37.85 32.83
N ALA C 205 -11.00 -37.38 32.52
CA ALA C 205 -10.81 -36.50 31.36
C ALA C 205 -11.16 -37.22 30.06
N MET C 206 -10.74 -38.47 29.92
CA MET C 206 -11.04 -39.21 28.69
C MET C 206 -12.54 -39.45 28.55
N ALA C 207 -13.22 -39.78 29.64
CA ALA C 207 -14.67 -39.98 29.58
C ALA C 207 -15.39 -38.70 29.20
N LYS C 208 -14.98 -37.57 29.79
CA LYS C 208 -15.60 -36.29 29.44
C LYS C 208 -15.35 -35.95 27.98
N LYS C 209 -14.13 -36.19 27.49
CA LYS C 209 -13.82 -35.92 26.09
C LYS C 209 -14.65 -36.79 25.16
N THR C 210 -14.85 -38.07 25.51
CA THR C 210 -15.64 -38.95 24.66
C THR C 210 -17.10 -38.50 24.62
N VAL C 211 -17.65 -38.16 25.79
CA VAL C 211 -19.04 -37.70 25.84
C VAL C 211 -19.21 -36.44 25.01
N LEU C 212 -18.29 -35.48 25.18
CA LEU C 212 -18.38 -34.22 24.44
C LEU C 212 -18.28 -34.44 22.95
N ARG C 213 -17.30 -35.23 22.50
CA ARG C 213 -17.10 -35.42 21.07
C ARG C 213 -18.27 -36.18 20.45
N ASN C 214 -18.80 -37.18 21.15
CA ASN C 214 -19.94 -37.92 20.60
C ASN C 214 -21.18 -37.03 20.52
N MET C 215 -21.46 -36.27 21.57
CA MET C 215 -22.63 -35.41 21.57
C MET C 215 -22.52 -34.33 20.49
N LEU C 216 -21.33 -33.78 20.30
CA LEU C 216 -21.17 -32.72 19.30
C LEU C 216 -21.20 -33.28 17.88
N SER C 217 -20.63 -34.47 17.66
CA SER C 217 -20.58 -35.03 16.32
C SER C 217 -21.95 -35.54 15.87
N LYS C 218 -22.68 -36.24 16.75
CA LYS C 218 -23.91 -36.90 16.31
C LYS C 218 -25.05 -35.91 16.12
N TRP C 219 -25.19 -34.92 17.01
CA TRP C 219 -26.35 -34.05 17.00
C TRP C 219 -26.04 -32.58 16.75
N GLY C 220 -24.77 -32.18 16.76
CA GLY C 220 -24.44 -30.78 16.61
C GLY C 220 -24.56 -30.28 15.18
N ILE C 221 -24.54 -28.97 15.05
CA ILE C 221 -24.56 -28.29 13.75
C ILE C 221 -23.21 -27.63 13.54
N LEU C 222 -22.56 -27.95 12.43
CA LEU C 222 -21.19 -27.52 12.17
C LEU C 222 -21.13 -26.67 10.91
N SER C 223 -20.08 -25.85 10.82
CA SER C 223 -19.84 -25.02 9.66
C SER C 223 -18.35 -24.81 9.51
N ILE C 224 -17.94 -24.42 8.30
CA ILE C 224 -16.53 -24.26 7.98
C ILE C 224 -16.11 -22.79 7.96
N ASP C 225 -16.89 -21.94 7.29
CA ASP C 225 -16.54 -20.53 7.16
C ASP C 225 -17.04 -19.75 8.37
N MET C 226 -16.17 -18.94 8.96
CA MET C 226 -16.55 -18.12 10.10
C MET C 226 -17.49 -17.00 9.66
N GLN C 227 -18.43 -16.68 10.54
CA GLN C 227 -19.41 -15.64 10.26
C GLN C 227 -19.27 -14.47 11.22
N ALA D 37 6.48 -28.72 -7.40
CA ALA D 37 7.47 -28.69 -6.33
C ALA D 37 8.27 -27.37 -6.25
N PRO D 38 8.79 -26.88 -7.39
CA PRO D 38 9.50 -25.58 -7.32
C PRO D 38 8.64 -24.43 -6.84
N THR D 39 7.35 -24.45 -7.17
CA THR D 39 6.47 -23.36 -6.74
C THR D 39 6.35 -23.30 -5.23
N MET D 40 6.21 -24.46 -4.57
CA MET D 40 6.14 -24.48 -3.12
C MET D 40 7.46 -24.03 -2.50
N ARG D 41 8.58 -24.38 -3.14
CA ARG D 41 9.88 -23.92 -2.64
C ARG D 41 10.00 -22.41 -2.75
N LYS D 42 9.55 -21.83 -3.87
CA LYS D 42 9.59 -20.38 -4.02
C LYS D 42 8.69 -19.68 -3.00
N LYS D 43 7.49 -20.23 -2.77
CA LYS D 43 6.59 -19.65 -1.78
C LYS D 43 7.18 -19.72 -0.39
N PHE D 44 7.78 -20.87 -0.03
CA PHE D 44 8.41 -21.00 1.27
C PHE D 44 9.57 -20.03 1.43
N GLU D 45 10.38 -19.87 0.37
CA GLU D 45 11.49 -18.92 0.43
C GLU D 45 11.00 -17.49 0.62
N LYS D 46 9.92 -17.12 -0.08
CA LYS D 46 9.36 -15.78 0.08
C LYS D 46 8.84 -15.57 1.51
N VAL D 47 8.15 -16.58 2.05
CA VAL D 47 7.65 -16.48 3.43
C VAL D 47 8.81 -16.34 4.40
N LEU D 48 9.89 -17.12 4.18
CA LEU D 48 11.06 -17.02 5.04
C LEU D 48 11.69 -15.64 4.98
N ASP D 49 11.83 -15.07 3.77
CA ASP D 49 12.45 -13.77 3.62
C ASP D 49 11.58 -12.66 4.20
N LYS D 50 10.26 -12.87 4.25
CA LYS D 50 9.37 -11.83 4.74
C LYS D 50 9.49 -11.61 6.24
N LYS D 51 9.97 -12.61 6.99
CA LYS D 51 9.96 -12.57 8.45
C LYS D 51 11.36 -12.74 9.03
N ALA D 52 12.35 -12.12 8.40
CA ALA D 52 13.72 -12.22 8.90
C ALA D 52 13.91 -11.54 10.26
N PRO D 53 13.44 -10.31 10.51
CA PRO D 53 13.77 -9.65 11.78
C PRO D 53 13.31 -10.41 13.01
N GLN D 54 12.15 -11.08 12.96
CA GLN D 54 11.71 -11.86 14.11
C GLN D 54 12.67 -13.00 14.41
N PHE D 55 13.11 -13.71 13.36
CA PHE D 55 14.08 -14.79 13.53
C PHE D 55 15.38 -14.26 14.11
N LEU D 56 15.86 -13.13 13.59
CA LEU D 56 17.11 -12.55 14.08
C LEU D 56 16.99 -12.15 15.56
N THR D 57 15.87 -11.53 15.92
CA THR D 57 15.66 -11.12 17.31
C THR D 57 15.59 -12.32 18.24
N SER D 58 14.88 -13.37 17.81
CA SER D 58 14.79 -14.58 18.63
C SER D 58 16.16 -15.22 18.83
N LEU D 59 16.94 -15.32 17.75
CA LEU D 59 18.28 -15.91 17.86
C LEU D 59 19.18 -15.08 18.76
N LEU D 60 19.13 -13.75 18.63
CA LEU D 60 19.96 -12.90 19.47
C LEU D 60 19.57 -13.01 20.94
N ASN D 61 18.26 -13.04 21.22
CA ASN D 61 17.81 -13.19 22.60
C ASN D 61 18.22 -14.54 23.17
N LEU D 62 18.14 -15.60 22.37
CA LEU D 62 18.58 -16.91 22.83
C LEU D 62 20.08 -16.92 23.13
N TYR D 63 20.87 -16.27 22.26
CA TYR D 63 22.31 -16.21 22.49
C TYR D 63 22.65 -15.42 23.75
N ASN D 64 21.97 -14.29 23.95
CA ASN D 64 22.30 -13.42 25.09
C ASN D 64 21.86 -14.03 26.41
N GLY D 65 21.00 -15.05 26.39
CA GLY D 65 20.50 -15.64 27.61
C GLY D 65 21.49 -16.55 28.29
N ASP D 66 21.01 -17.29 29.28
CA ASP D 66 21.85 -18.21 30.03
C ASP D 66 22.19 -19.44 29.18
N ASP D 67 23.06 -20.29 29.71
CA ASP D 67 23.54 -21.47 29.00
C ASP D 67 22.85 -22.70 29.59
N TYR D 68 21.68 -23.03 29.04
CA TYR D 68 20.95 -24.22 29.45
C TYR D 68 20.54 -25.10 28.26
N LEU D 69 20.81 -24.68 27.03
CA LEU D 69 20.47 -25.43 25.84
C LEU D 69 21.67 -26.11 25.20
N GLN D 70 22.79 -26.19 25.93
CA GLN D 70 24.03 -26.74 25.39
C GLN D 70 24.05 -28.26 25.34
N LYS D 71 23.06 -28.93 25.92
CA LYS D 71 22.98 -30.38 25.92
C LYS D 71 22.02 -30.92 24.86
N THR D 72 21.57 -30.07 23.94
CA THR D 72 20.60 -30.46 22.93
C THR D 72 21.16 -30.20 21.53
N ASP D 73 20.51 -30.81 20.55
CA ASP D 73 20.95 -30.64 19.16
C ASP D 73 20.62 -29.24 18.68
N PRO D 74 21.58 -28.50 18.11
CA PRO D 74 21.28 -27.14 17.65
C PRO D 74 20.24 -27.08 16.56
N MET D 75 20.10 -28.15 15.75
CA MET D 75 19.11 -28.14 14.68
C MET D 75 17.69 -28.03 15.22
N THR D 76 17.40 -28.74 16.32
CA THR D 76 16.09 -28.65 16.94
C THR D 76 15.82 -27.24 17.46
N VAL D 77 16.83 -26.61 18.07
CA VAL D 77 16.67 -25.25 18.57
C VAL D 77 16.40 -24.29 17.41
N VAL D 78 17.13 -24.45 16.30
CA VAL D 78 16.92 -23.59 15.14
C VAL D 78 15.52 -23.78 14.58
N THR D 79 15.06 -25.03 14.49
CA THR D 79 13.71 -25.29 13.99
C THR D 79 12.65 -24.70 14.91
N SER D 80 12.85 -24.81 16.23
CA SER D 80 11.90 -24.24 17.17
C SER D 80 11.83 -22.73 17.07
N ALA D 81 12.99 -22.08 16.95
CA ALA D 81 13.00 -20.63 16.74
C ALA D 81 12.33 -20.27 15.43
N MET D 82 12.53 -21.09 14.39
CA MET D 82 11.90 -20.85 13.10
C MET D 82 10.38 -20.88 13.20
N VAL D 83 9.82 -21.93 13.81
CA VAL D 83 8.36 -22.03 13.90
C VAL D 83 7.81 -20.94 14.82
N ALA D 84 8.55 -20.60 15.88
CA ALA D 84 8.12 -19.52 16.77
C ALA D 84 8.06 -18.20 16.03
N ALA D 85 9.06 -17.90 15.20
CA ALA D 85 9.07 -16.66 14.45
C ALA D 85 8.07 -16.67 13.30
N THR D 86 7.68 -17.86 12.82
CA THR D 86 6.69 -17.93 11.75
C THR D 86 5.32 -17.43 12.19
N LEU D 87 4.97 -17.64 13.45
CA LEU D 87 3.66 -17.30 13.98
C LEU D 87 3.58 -15.90 14.56
N ASP D 88 4.54 -15.02 14.23
CA ASP D 88 4.56 -13.65 14.73
C ASP D 88 4.58 -13.62 16.26
N LEU D 89 5.32 -14.54 16.86
CA LEU D 89 5.46 -14.62 18.32
C LEU D 89 6.95 -14.69 18.64
N PRO D 90 7.60 -13.54 18.81
CA PRO D 90 9.02 -13.55 19.16
C PRO D 90 9.27 -14.21 20.52
N ILE D 91 10.53 -14.44 20.81
CA ILE D 91 10.91 -15.27 21.96
C ILE D 91 11.59 -14.38 23.00
N ASP D 92 11.48 -13.07 22.80
CA ASP D 92 12.10 -12.11 23.72
C ASP D 92 11.45 -12.21 25.10
N LYS D 93 12.25 -11.99 26.13
CA LYS D 93 11.80 -12.19 27.50
C LYS D 93 10.79 -11.12 27.92
N ASN D 94 10.91 -9.89 27.40
CA ASN D 94 10.06 -8.80 27.84
C ASN D 94 8.59 -9.01 27.48
N LEU D 95 8.30 -9.91 26.54
CA LEU D 95 6.91 -10.17 26.13
C LEU D 95 6.34 -11.43 26.75
N GLY D 96 7.13 -12.50 26.86
CA GLY D 96 6.66 -13.74 27.44
C GLY D 96 5.55 -14.41 26.66
N TYR D 97 5.67 -14.48 25.34
CA TYR D 97 4.67 -15.12 24.50
C TYR D 97 4.96 -16.60 24.26
N ALA D 98 6.23 -16.99 24.20
CA ALA D 98 6.60 -18.36 23.90
C ALA D 98 7.93 -18.68 24.54
N TRP D 99 8.22 -19.97 24.67
CA TRP D 99 9.45 -20.44 25.28
C TRP D 99 9.99 -21.63 24.50
N ILE D 100 11.27 -21.93 24.74
CA ILE D 100 11.91 -23.13 24.24
C ILE D 100 12.37 -23.95 25.44
N VAL D 101 11.84 -25.16 25.57
CA VAL D 101 12.12 -26.01 26.72
C VAL D 101 12.67 -27.34 26.21
N PRO D 102 13.82 -27.80 26.72
CA PRO D 102 14.37 -29.07 26.26
C PRO D 102 13.81 -30.27 27.01
N TYR D 103 13.41 -31.28 26.26
CA TYR D 103 12.82 -32.50 26.82
C TYR D 103 13.56 -33.70 26.26
N LYS D 104 14.26 -34.43 27.12
CA LYS D 104 15.03 -35.61 26.74
C LYS D 104 16.02 -35.28 25.62
N GLY D 105 16.70 -34.15 25.77
CA GLY D 105 17.66 -33.71 24.77
C GLY D 105 17.05 -33.19 23.49
N ARG D 106 15.77 -32.84 23.50
CA ARG D 106 15.09 -32.30 22.33
C ARG D 106 14.39 -31.00 22.72
N ALA D 107 14.66 -29.94 21.96
CA ALA D 107 14.06 -28.64 22.24
C ALA D 107 12.63 -28.59 21.69
N GLN D 108 11.74 -28.00 22.47
CA GLN D 108 10.33 -27.88 22.09
C GLN D 108 9.87 -26.44 22.24
N PHE D 109 9.08 -25.99 21.28
CA PHE D 109 8.49 -24.66 21.29
C PHE D 109 7.16 -24.72 22.03
N GLN D 110 6.97 -23.80 22.99
CA GLN D 110 5.83 -23.84 23.88
C GLN D 110 5.16 -22.47 23.95
N LEU D 111 3.84 -22.48 24.12
CA LEU D 111 3.06 -21.27 24.19
C LEU D 111 2.85 -20.87 25.65
N GLY D 112 3.00 -19.58 25.93
CA GLY D 112 2.72 -19.06 27.25
C GLY D 112 1.25 -18.78 27.45
N TYR D 113 0.95 -18.22 28.62
CA TYR D 113 -0.44 -17.90 28.94
C TYR D 113 -0.90 -16.58 28.35
N LYS D 114 0.01 -15.83 27.70
CA LYS D 114 -0.37 -14.64 26.96
C LYS D 114 -0.49 -14.89 25.46
N GLY D 115 0.08 -15.98 24.96
CA GLY D 115 -0.12 -16.32 23.56
C GLY D 115 -1.57 -16.64 23.24
N TYR D 116 -2.25 -17.30 24.17
CA TYR D 116 -3.68 -17.57 24.00
C TYR D 116 -4.47 -16.26 23.94
N ILE D 117 -4.11 -15.30 24.80
CA ILE D 117 -4.77 -13.99 24.76
C ILE D 117 -4.52 -13.31 23.42
N GLN D 118 -3.28 -13.39 22.93
CA GLN D 118 -2.95 -12.76 21.65
C GLN D 118 -3.75 -13.39 20.52
N LEU D 119 -3.85 -14.71 20.49
CA LEU D 119 -4.62 -15.38 19.43
C LEU D 119 -6.10 -15.05 19.54
N ALA D 120 -6.65 -15.02 20.76
CA ALA D 120 -8.05 -14.69 20.94
C ALA D 120 -8.36 -13.27 20.48
N LEU D 121 -7.45 -12.33 20.79
CA LEU D 121 -7.65 -10.96 20.31
C LEU D 121 -7.49 -10.86 18.80
N ARG D 122 -6.59 -11.66 18.22
CA ARG D 122 -6.45 -11.70 16.77
C ARG D 122 -7.70 -12.26 16.10
N THR D 123 -8.43 -13.12 16.80
CA THR D 123 -9.68 -13.67 16.24
C THR D 123 -10.68 -12.57 15.93
N GLY D 124 -10.86 -11.64 16.85
CA GLY D 124 -11.75 -10.51 16.64
C GLY D 124 -13.22 -10.79 16.87
N GLN D 125 -13.55 -11.79 17.69
CA GLN D 125 -14.94 -12.13 17.97
C GLN D 125 -15.29 -12.03 19.45
N TYR D 126 -14.36 -11.63 20.30
CA TYR D 126 -14.59 -11.59 21.73
C TYR D 126 -15.21 -10.26 22.15
N LYS D 127 -15.80 -10.25 23.35
CA LYS D 127 -16.40 -9.05 23.89
C LYS D 127 -15.87 -8.72 25.28
N SER D 128 -15.63 -9.74 26.12
CA SER D 128 -15.15 -9.49 27.46
C SER D 128 -14.41 -10.71 27.98
N ILE D 129 -13.31 -10.47 28.69
CA ILE D 129 -12.56 -11.51 29.38
C ILE D 129 -12.18 -10.97 30.75
N ASN D 130 -12.35 -11.77 31.80
CA ASN D 130 -12.02 -11.31 33.14
C ASN D 130 -11.77 -12.50 34.05
N VAL D 131 -11.03 -12.24 35.12
CA VAL D 131 -10.75 -13.22 36.17
C VAL D 131 -10.51 -12.47 37.47
N ILE D 132 -11.19 -12.88 38.54
CA ILE D 132 -11.11 -12.23 39.83
C ILE D 132 -10.94 -13.28 40.92
N GLU D 133 -10.70 -12.80 42.13
CA GLU D 133 -10.54 -13.64 43.32
C GLU D 133 -11.73 -13.43 44.24
N VAL D 134 -12.37 -14.53 44.62
CA VAL D 134 -13.51 -14.51 45.53
C VAL D 134 -12.97 -14.74 46.94
N ARG D 135 -13.20 -13.77 47.83
CA ARG D 135 -12.65 -13.80 49.17
C ARG D 135 -13.62 -14.53 50.11
N GLU D 136 -13.35 -14.43 51.41
CA GLU D 136 -14.17 -15.13 52.40
C GLU D 136 -15.52 -14.43 52.56
N GLY D 137 -16.60 -15.22 52.49
CA GLY D 137 -17.93 -14.67 52.67
C GLY D 137 -18.38 -13.74 51.57
N GLU D 138 -18.13 -14.09 50.31
CA GLU D 138 -18.55 -13.28 49.18
C GLU D 138 -19.60 -13.97 48.32
N LEU D 139 -19.32 -15.19 47.86
CA LEU D 139 -20.28 -15.91 47.04
C LEU D 139 -21.40 -16.48 47.90
N LEU D 140 -22.57 -16.65 47.30
CA LEU D 140 -23.74 -17.20 47.99
C LEU D 140 -24.00 -18.65 47.61
N LYS D 141 -24.12 -18.93 46.32
CA LYS D 141 -24.33 -20.30 45.86
C LYS D 141 -23.73 -20.43 44.46
N TRP D 142 -23.45 -21.68 44.07
CA TRP D 142 -22.85 -21.95 42.77
C TRP D 142 -23.13 -23.39 42.40
N ASN D 143 -23.75 -23.60 41.23
CA ASN D 143 -24.02 -24.92 40.70
C ASN D 143 -23.36 -25.05 39.33
N ARG D 144 -22.75 -26.20 39.07
CA ARG D 144 -22.00 -26.40 37.85
C ARG D 144 -22.87 -26.76 36.65
N LEU D 145 -24.17 -27.00 36.86
CA LEU D 145 -25.04 -27.36 35.74
C LEU D 145 -25.42 -26.14 34.92
N THR D 146 -26.08 -25.16 35.54
CA THR D 146 -26.53 -23.97 34.85
C THR D 146 -25.48 -22.86 34.81
N GLU D 147 -24.35 -23.05 35.49
CA GLU D 147 -23.26 -22.07 35.52
C GLU D 147 -23.74 -20.70 36.00
N GLU D 148 -24.53 -20.71 37.07
CA GLU D 148 -25.06 -19.49 37.66
C GLU D 148 -24.40 -19.27 39.01
N ILE D 149 -23.83 -18.08 39.20
CA ILE D 149 -23.12 -17.74 40.42
C ILE D 149 -23.52 -16.33 40.85
N GLU D 150 -23.80 -16.16 42.15
CA GLU D 150 -24.13 -14.86 42.71
C GLU D 150 -23.20 -14.56 43.87
N LEU D 151 -22.79 -13.30 43.98
CA LEU D 151 -21.85 -12.87 45.00
C LEU D 151 -22.31 -11.54 45.59
N ASP D 152 -21.83 -11.26 46.80
CA ASP D 152 -22.09 -10.01 47.50
C ASP D 152 -20.74 -9.32 47.72
N LEU D 153 -20.31 -8.55 46.73
CA LEU D 153 -19.00 -7.92 46.78
C LEU D 153 -19.00 -6.76 47.76
N ASP D 154 -17.79 -6.34 48.15
CA ASP D 154 -17.55 -5.23 49.06
C ASP D 154 -18.17 -5.46 50.43
N ASN D 155 -18.40 -6.71 50.81
CA ASN D 155 -18.93 -7.08 52.12
C ASN D 155 -18.15 -8.30 52.61
N ASN D 156 -17.09 -8.04 53.38
CA ASN D 156 -16.18 -9.09 53.81
C ASN D 156 -16.00 -9.04 55.32
N THR D 157 -15.70 -10.21 55.90
CA THR D 157 -15.42 -10.32 57.32
C THR D 157 -13.97 -10.63 57.65
N SER D 158 -13.19 -11.09 56.67
CA SER D 158 -11.78 -11.41 56.88
C SER D 158 -10.99 -10.86 55.69
N GLU D 159 -9.73 -11.26 55.60
CA GLU D 159 -8.86 -10.79 54.52
C GLU D 159 -8.13 -11.95 53.85
N LYS D 160 -8.74 -13.13 53.85
CA LYS D 160 -8.17 -14.32 53.22
C LYS D 160 -9.05 -14.74 52.06
N VAL D 161 -8.41 -15.22 50.99
CA VAL D 161 -9.13 -15.61 49.78
C VAL D 161 -9.67 -17.02 49.94
N VAL D 162 -10.74 -17.32 49.22
CA VAL D 162 -11.39 -18.62 49.31
C VAL D 162 -11.39 -19.32 47.95
N GLY D 163 -11.47 -18.55 46.86
CA GLY D 163 -11.51 -19.15 45.55
C GLY D 163 -11.21 -18.14 44.46
N TYR D 164 -11.33 -18.60 43.22
CA TYR D 164 -11.10 -17.75 42.06
C TYR D 164 -12.19 -18.00 41.03
N CYS D 165 -12.52 -16.97 40.25
CA CYS D 165 -13.56 -17.04 39.24
C CYS D 165 -13.05 -16.45 37.93
N GLY D 166 -13.48 -17.05 36.82
CA GLY D 166 -13.16 -16.54 35.51
C GLY D 166 -14.38 -16.53 34.63
N TYR D 167 -14.43 -15.55 33.72
CA TYR D 167 -15.62 -15.36 32.91
C TYR D 167 -15.25 -14.68 31.59
N PHE D 168 -15.67 -15.26 30.48
CA PHE D 168 -15.47 -14.63 29.19
C PHE D 168 -16.74 -14.74 28.35
N GLN D 169 -17.06 -13.66 27.66
CA GLN D 169 -18.28 -13.55 26.86
C GLN D 169 -17.93 -13.07 25.47
N LEU D 170 -18.54 -13.70 24.46
CA LEU D 170 -18.33 -13.37 23.07
C LEU D 170 -19.33 -12.30 22.62
N ILE D 171 -19.40 -12.07 21.31
CA ILE D 171 -20.31 -11.09 20.74
C ILE D 171 -21.67 -11.72 20.38
N ASN D 172 -21.69 -12.95 19.90
CA ASN D 172 -22.91 -13.59 19.43
C ASN D 172 -23.74 -14.17 20.57
N GLY D 173 -23.41 -13.85 21.83
CA GLY D 173 -24.18 -14.27 22.98
C GLY D 173 -23.57 -15.39 23.77
N PHE D 174 -22.55 -16.06 23.25
CA PHE D 174 -21.94 -17.18 23.96
C PHE D 174 -21.15 -16.66 25.16
N GLU D 175 -21.38 -17.27 26.32
CA GLU D 175 -20.69 -16.90 27.55
C GLU D 175 -20.20 -18.17 28.24
N LYS D 176 -19.14 -18.00 29.04
CA LYS D 176 -18.58 -19.12 29.79
C LYS D 176 -18.02 -18.61 31.11
N THR D 177 -18.33 -19.33 32.18
CA THR D 177 -17.89 -18.98 33.53
C THR D 177 -17.38 -20.22 34.24
N VAL D 178 -16.26 -20.08 34.95
CA VAL D 178 -15.67 -21.17 35.71
C VAL D 178 -15.31 -20.66 37.10
N TYR D 179 -15.29 -21.57 38.06
CA TYR D 179 -14.99 -21.24 39.45
C TYR D 179 -14.13 -22.36 40.05
N TRP D 180 -12.99 -21.97 40.62
CA TRP D 180 -12.07 -22.92 41.24
C TRP D 180 -11.91 -22.59 42.71
N THR D 181 -11.66 -23.62 43.52
CA THR D 181 -11.38 -23.47 44.93
C THR D 181 -9.89 -23.64 45.19
N ARG D 182 -9.48 -23.33 46.43
CA ARG D 182 -8.07 -23.41 46.79
C ARG D 182 -7.56 -24.85 46.75
N LYS D 183 -8.38 -25.81 47.19
CA LYS D 183 -7.95 -27.20 47.23
C LYS D 183 -7.65 -27.74 45.84
N GLU D 184 -8.52 -27.43 44.87
CA GLU D 184 -8.30 -27.92 43.51
C GLU D 184 -7.04 -27.31 42.90
N ILE D 185 -6.81 -26.02 43.14
CA ILE D 185 -5.61 -25.37 42.61
C ILE D 185 -4.36 -25.97 43.25
N GLU D 186 -4.40 -26.22 44.56
CA GLU D 186 -3.26 -26.83 45.24
C GLU D 186 -2.99 -28.23 44.69
N ALA D 187 -4.05 -29.01 44.46
CA ALA D 187 -3.87 -30.35 43.90
C ALA D 187 -3.27 -30.29 42.50
N HIS D 188 -3.76 -29.35 41.67
CA HIS D 188 -3.21 -29.20 40.32
C HIS D 188 -1.74 -28.81 40.36
N LYS D 189 -1.38 -27.86 41.25
CA LYS D 189 0.01 -27.45 41.37
C LYS D 189 0.90 -28.59 41.83
N GLN D 190 0.42 -29.38 42.80
CA GLN D 190 1.20 -30.52 43.26
C GLN D 190 1.36 -31.57 42.17
N LYS D 191 0.32 -31.79 41.38
CA LYS D 191 0.37 -32.85 40.37
C LYS D 191 1.24 -32.46 39.18
N PHE D 192 1.12 -31.23 38.70
CA PHE D 192 1.75 -30.83 37.44
C PHE D 192 3.01 -30.00 37.62
N SER D 193 2.97 -28.96 38.43
CA SER D 193 4.12 -28.08 38.59
C SER D 193 5.27 -28.82 39.25
N LYS D 194 6.49 -28.51 38.80
CA LYS D 194 7.71 -29.11 39.33
C LYS D 194 8.67 -28.09 39.89
N SER D 195 8.19 -26.89 40.22
CA SER D 195 9.00 -25.85 40.81
C SER D 195 8.21 -25.16 41.92
N ASP D 196 8.93 -24.52 42.84
CA ASP D 196 8.30 -23.90 44.00
C ASP D 196 8.76 -22.47 44.26
N PHE D 197 9.73 -21.95 43.51
CA PHE D 197 10.21 -20.60 43.77
C PHE D 197 9.13 -19.56 43.45
N GLY D 198 8.50 -19.66 42.28
CA GLY D 198 7.50 -18.69 41.90
C GLY D 198 6.25 -18.76 42.77
N TRP D 199 5.84 -19.98 43.14
CA TRP D 199 4.60 -20.16 43.89
C TRP D 199 4.68 -19.67 45.33
N LYS D 200 5.88 -19.33 45.81
CA LYS D 200 6.05 -18.97 47.21
C LYS D 200 5.79 -17.48 47.47
N LYS D 201 6.43 -16.61 46.70
CA LYS D 201 6.34 -15.17 46.97
C LYS D 201 4.95 -14.62 46.63
N ASP D 202 4.35 -15.09 45.55
CA ASP D 202 3.06 -14.58 45.09
C ASP D 202 2.18 -15.74 44.66
N TYR D 203 1.29 -16.17 45.56
CA TYR D 203 0.43 -17.31 45.30
C TYR D 203 -0.73 -16.97 44.38
N ASP D 204 -1.23 -15.74 44.42
CA ASP D 204 -2.44 -15.40 43.69
C ASP D 204 -2.20 -15.31 42.18
N ALA D 205 -1.06 -14.76 41.77
CA ALA D 205 -0.80 -14.54 40.36
C ALA D 205 -0.74 -15.87 39.60
N MET D 206 -0.08 -16.87 40.17
CA MET D 206 0.02 -18.17 39.50
C MET D 206 -1.35 -18.83 39.37
N ALA D 207 -2.18 -18.74 40.42
CA ALA D 207 -3.51 -19.31 40.36
C ALA D 207 -4.35 -18.63 39.29
N LYS D 208 -4.29 -17.29 39.24
CA LYS D 208 -5.04 -16.56 38.21
C LYS D 208 -4.56 -16.93 36.81
N LYS D 209 -3.24 -17.05 36.63
CA LYS D 209 -2.70 -17.43 35.33
C LYS D 209 -3.16 -18.83 34.93
N THR D 210 -3.19 -19.77 35.89
CA THR D 210 -3.61 -21.12 35.56
C THR D 210 -5.08 -21.15 35.17
N VAL D 211 -5.92 -20.44 35.92
CA VAL D 211 -7.35 -20.39 35.61
C VAL D 211 -7.56 -19.79 34.22
N LEU D 212 -6.89 -18.67 33.94
CA LEU D 212 -7.04 -18.00 32.65
C LEU D 212 -6.60 -18.90 31.51
N ARG D 213 -5.42 -19.52 31.63
CA ARG D 213 -4.90 -20.33 30.54
C ARG D 213 -5.76 -21.56 30.31
N ASN D 214 -6.24 -22.20 31.38
CA ASN D 214 -7.09 -23.37 31.21
C ASN D 214 -8.42 -23.01 30.57
N MET D 215 -9.04 -21.93 31.04
CA MET D 215 -10.33 -21.51 30.48
C MET D 215 -10.19 -21.13 29.01
N LEU D 216 -9.10 -20.44 28.66
CA LEU D 216 -8.93 -20.02 27.27
C LEU D 216 -8.56 -21.18 26.36
N SER D 217 -7.76 -22.14 26.86
CA SER D 217 -7.33 -23.25 26.01
C SER D 217 -8.47 -24.24 25.78
N LYS D 218 -9.21 -24.59 26.83
CA LYS D 218 -10.19 -25.66 26.70
C LYS D 218 -11.43 -25.23 25.92
N TRP D 219 -11.92 -24.01 26.15
CA TRP D 219 -13.19 -23.59 25.58
C TRP D 219 -13.10 -22.41 24.63
N GLY D 220 -11.95 -21.74 24.54
CA GLY D 220 -11.86 -20.57 23.70
C GLY D 220 -11.76 -20.89 22.21
N ILE D 221 -11.95 -19.84 21.41
CA ILE D 221 -11.82 -19.93 19.96
C ILE D 221 -10.60 -19.13 19.55
N LEU D 222 -9.68 -19.78 18.83
CA LEU D 222 -8.39 -19.19 18.50
C LEU D 222 -8.23 -19.08 16.99
N SER D 223 -7.34 -18.18 16.57
CA SER D 223 -7.02 -17.99 15.17
C SER D 223 -5.58 -17.50 15.07
N ILE D 224 -5.01 -17.66 13.87
CA ILE D 224 -3.61 -17.32 13.64
C ILE D 224 -3.47 -16.00 12.88
N ASP D 225 -4.23 -15.82 11.80
CA ASP D 225 -4.13 -14.61 10.98
C ASP D 225 -5.00 -13.52 11.56
N MET D 226 -4.42 -12.32 11.70
CA MET D 226 -5.16 -11.17 12.20
C MET D 226 -6.19 -10.71 11.17
N GLN D 227 -7.34 -10.25 11.66
CA GLN D 227 -8.40 -9.78 10.79
C GLN D 227 -8.68 -8.30 11.01
N ALA E 37 22.47 -22.51 4.80
CA ALA E 37 23.20 -21.71 5.78
C ALA E 37 23.73 -20.38 5.24
N PRO E 38 24.37 -20.37 4.05
CA PRO E 38 24.82 -19.08 3.50
C PRO E 38 23.68 -18.11 3.23
N THR E 39 22.50 -18.61 2.85
CA THR E 39 21.38 -17.73 2.56
C THR E 39 20.94 -16.97 3.82
N MET E 40 20.87 -17.65 4.96
CA MET E 40 20.51 -16.98 6.20
C MET E 40 21.57 -15.96 6.61
N ARG E 41 22.84 -16.27 6.35
CA ARG E 41 23.91 -15.32 6.63
C ARG E 41 23.77 -14.07 5.77
N LYS E 42 23.48 -14.25 4.48
CA LYS E 42 23.29 -13.10 3.59
C LYS E 42 22.09 -12.27 4.03
N LYS E 43 20.99 -12.92 4.39
CA LYS E 43 19.81 -12.19 4.85
C LYS E 43 20.10 -11.41 6.13
N PHE E 44 20.81 -12.04 7.07
CA PHE E 44 21.18 -11.36 8.31
C PHE E 44 22.09 -10.18 8.03
N GLU E 45 23.04 -10.33 7.12
CA GLU E 45 23.94 -9.23 6.77
C GLU E 45 23.17 -8.07 6.14
N LYS E 46 22.21 -8.39 5.26
CA LYS E 46 21.41 -7.33 4.66
C LYS E 46 20.58 -6.60 5.71
N VAL E 47 19.98 -7.34 6.64
CA VAL E 47 19.19 -6.72 7.71
C VAL E 47 20.09 -5.84 8.57
N LEU E 48 21.29 -6.31 8.88
CA LEU E 48 22.24 -5.51 9.65
C LEU E 48 22.61 -4.23 8.93
N ASP E 49 22.90 -4.32 7.63
CA ASP E 49 23.29 -3.13 6.88
C ASP E 49 22.13 -2.15 6.71
N LYS E 50 20.89 -2.65 6.74
CA LYS E 50 19.75 -1.77 6.53
C LYS E 50 19.53 -0.82 7.72
N LYS E 51 20.00 -1.16 8.91
CA LYS E 51 19.68 -0.43 10.13
C LYS E 51 20.94 0.08 10.83
N ALA E 52 21.92 0.54 10.06
CA ALA E 52 23.15 1.07 10.65
C ALA E 52 22.93 2.33 11.47
N PRO E 53 22.20 3.36 11.00
CA PRO E 53 22.14 4.62 11.76
C PRO E 53 21.58 4.47 13.17
N GLN E 54 20.60 3.59 13.37
CA GLN E 54 20.07 3.38 14.71
C GLN E 54 21.13 2.82 15.64
N PHE E 55 21.90 1.84 15.17
CA PHE E 55 22.99 1.26 15.96
C PHE E 55 24.03 2.32 16.29
N LEU E 56 24.40 3.14 15.29
CA LEU E 56 25.38 4.19 15.52
C LEU E 56 24.90 5.19 16.55
N THR E 57 23.63 5.62 16.44
CA THR E 57 23.07 6.58 17.39
C THR E 57 23.03 6.00 18.79
N SER E 58 22.61 4.73 18.92
CA SER E 58 22.57 4.10 20.24
C SER E 58 23.95 4.01 20.86
N LEU E 59 24.96 3.62 20.06
CA LEU E 59 26.32 3.52 20.59
C LEU E 59 26.86 4.88 21.00
N LEU E 60 26.60 5.91 20.18
CA LEU E 60 27.08 7.25 20.52
C LEU E 60 26.41 7.78 21.79
N ASN E 61 25.11 7.53 21.94
CA ASN E 61 24.41 7.98 23.14
C ASN E 61 24.92 7.23 24.38
N LEU E 62 25.20 5.93 24.23
CA LEU E 62 25.77 5.18 25.35
C LEU E 62 27.15 5.71 25.73
N TYR E 63 27.97 6.02 24.74
CA TYR E 63 29.30 6.55 25.02
C TYR E 63 29.22 7.92 25.70
N ASN E 64 28.33 8.79 25.22
CA ASN E 64 28.25 10.14 25.76
C ASN E 64 27.66 10.17 27.17
N GLY E 65 27.02 9.09 27.61
CA GLY E 65 26.39 9.06 28.91
C GLY E 65 27.37 8.89 30.05
N ASP E 66 26.83 8.63 31.23
CA ASP E 66 27.65 8.44 32.42
C ASP E 66 28.36 7.10 32.36
N ASP E 67 29.24 6.87 33.34
CA ASP E 67 30.06 5.65 33.40
C ASP E 67 29.49 4.74 34.48
N TYR E 68 28.53 3.90 34.08
CA TYR E 68 27.97 2.91 34.99
C TYR E 68 27.98 1.50 34.40
N LEU E 69 28.42 1.33 33.16
CA LEU E 69 28.46 0.02 32.51
C LEU E 69 29.87 -0.54 32.44
N GLN E 70 30.81 0.03 33.20
CA GLN E 70 32.20 -0.36 33.12
C GLN E 70 32.51 -1.66 33.87
N LYS E 71 31.55 -2.20 34.63
CA LYS E 71 31.74 -3.42 35.39
C LYS E 71 31.13 -4.63 34.68
N THR E 72 30.74 -4.49 33.42
CA THR E 72 30.08 -5.56 32.68
C THR E 72 30.85 -5.88 31.41
N ASP E 73 30.55 -7.03 30.83
CA ASP E 73 31.23 -7.46 29.61
C ASP E 73 30.76 -6.60 28.44
N PRO E 74 31.68 -6.01 27.67
CA PRO E 74 31.24 -5.19 26.53
C PRO E 74 30.45 -5.93 25.47
N MET E 75 30.67 -7.25 25.33
CA MET E 75 29.95 -8.02 24.33
C MET E 75 28.45 -8.03 24.62
N THR E 76 28.07 -8.17 25.90
CA THR E 76 26.66 -8.13 26.25
C THR E 76 26.04 -6.77 25.95
N VAL E 77 26.78 -5.69 26.22
CA VAL E 77 26.27 -4.35 25.91
C VAL E 77 26.09 -4.18 24.41
N VAL E 78 27.05 -4.66 23.63
CA VAL E 78 26.94 -4.57 22.17
C VAL E 78 25.73 -5.36 21.67
N THR E 79 25.53 -6.56 22.20
CA THR E 79 24.39 -7.38 21.79
C THR E 79 23.07 -6.71 22.18
N SER E 80 23.01 -6.10 23.37
CA SER E 80 21.80 -5.42 23.80
C SER E 80 21.50 -4.23 22.90
N ALA E 81 22.51 -3.44 22.57
CA ALA E 81 22.32 -2.33 21.63
C ALA E 81 21.88 -2.84 20.27
N MET E 82 22.42 -3.99 19.85
CA MET E 82 22.04 -4.57 18.56
C MET E 82 20.57 -4.94 18.54
N VAL E 83 20.09 -5.66 19.55
CA VAL E 83 18.68 -6.07 19.55
C VAL E 83 17.78 -4.86 19.72
N ALA E 84 18.21 -3.87 20.51
CA ALA E 84 17.41 -2.66 20.66
C ALA E 84 17.28 -1.91 19.33
N ALA E 85 18.37 -1.82 18.57
CA ALA E 85 18.30 -1.14 17.28
C ALA E 85 17.58 -1.98 16.22
N THR E 86 17.51 -3.30 16.40
CA THR E 86 16.80 -4.14 15.44
C THR E 86 15.31 -3.87 15.44
N LEU E 87 14.74 -3.50 16.59
CA LEU E 87 13.31 -3.31 16.74
C LEU E 87 12.87 -1.87 16.50
N ASP E 88 13.69 -1.05 15.85
CA ASP E 88 13.38 0.34 15.56
C ASP E 88 13.07 1.12 16.84
N LEU E 89 13.82 0.83 17.90
CA LEU E 89 13.67 1.51 19.18
C LEU E 89 15.05 2.00 19.62
N PRO E 90 15.43 3.21 19.22
CA PRO E 90 16.74 3.73 19.65
C PRO E 90 16.80 3.90 21.16
N ILE E 91 18.00 4.18 21.65
CA ILE E 91 18.27 4.14 23.08
C ILE E 91 18.56 5.57 23.56
N ASP E 92 18.26 6.54 22.70
CA ASP E 92 18.50 7.94 23.04
C ASP E 92 17.60 8.37 24.19
N LYS E 93 18.13 9.26 25.02
CA LYS E 93 17.43 9.64 26.25
C LYS E 93 16.19 10.49 25.97
N ASN E 94 16.20 11.29 24.90
CA ASN E 94 15.09 12.19 24.63
C ASN E 94 13.79 11.46 24.30
N LEU E 95 13.85 10.18 23.95
CA LEU E 95 12.66 9.40 23.62
C LEU E 95 12.20 8.49 24.74
N GLY E 96 13.13 7.86 25.45
CA GLY E 96 12.77 7.00 26.57
C GLY E 96 11.99 5.76 26.16
N TYR E 97 12.39 5.10 25.08
CA TYR E 97 11.71 3.89 24.63
C TYR E 97 12.31 2.62 25.22
N ALA E 98 13.61 2.60 25.47
CA ALA E 98 14.26 1.40 25.97
C ALA E 98 15.48 1.79 26.79
N TRP E 99 15.95 0.84 27.60
CA TRP E 99 17.09 1.07 28.48
C TRP E 99 17.98 -0.16 28.48
N ILE E 100 19.22 0.04 28.94
CA ILE E 100 20.16 -1.05 29.20
C ILE E 100 20.49 -1.03 30.69
N VAL E 101 20.16 -2.11 31.39
CA VAL E 101 20.34 -2.20 32.83
C VAL E 101 21.22 -3.40 33.14
N PRO E 102 22.29 -3.23 33.92
CA PRO E 102 23.15 -4.38 34.25
C PRO E 102 22.66 -5.16 35.45
N TYR E 103 22.60 -6.48 35.31
CA TYR E 103 22.14 -7.37 36.37
C TYR E 103 23.19 -8.46 36.58
N LYS E 104 23.81 -8.47 37.76
CA LYS E 104 24.84 -9.44 38.12
C LYS E 104 25.96 -9.45 37.09
N GLY E 105 26.38 -8.26 36.67
CA GLY E 105 27.43 -8.14 35.68
C GLY E 105 27.02 -8.48 34.26
N ARG E 106 25.73 -8.51 33.99
CA ARG E 106 25.22 -8.80 32.66
C ARG E 106 24.25 -7.71 32.23
N ALA E 107 24.47 -7.13 31.07
CA ALA E 107 23.60 -6.07 30.57
C ALA E 107 22.34 -6.66 29.95
N GLN E 108 21.20 -6.01 30.23
CA GLN E 108 19.92 -6.47 29.73
C GLN E 108 19.18 -5.31 29.07
N PHE E 109 18.54 -5.60 27.94
CA PHE E 109 17.74 -4.64 27.21
C PHE E 109 16.31 -4.66 27.76
N GLN E 110 15.78 -3.49 28.07
CA GLN E 110 14.50 -3.38 28.75
C GLN E 110 13.60 -2.38 28.04
N LEU E 111 12.30 -2.66 28.06
CA LEU E 111 11.31 -1.80 27.43
C LEU E 111 10.73 -0.82 28.44
N GLY E 112 10.60 0.45 28.02
CA GLY E 112 9.97 1.45 28.83
C GLY E 112 8.46 1.40 28.74
N TYR E 113 7.81 2.35 29.42
CA TYR E 113 6.37 2.43 29.40
C TYR E 113 5.82 3.11 28.15
N LYS E 114 6.69 3.66 27.30
CA LYS E 114 6.28 4.20 26.02
C LYS E 114 6.50 3.23 24.87
N GLY E 115 7.35 2.22 25.05
CA GLY E 115 7.51 1.20 24.03
C GLY E 115 6.24 0.41 23.80
N TYR E 116 5.51 0.13 24.88
CA TYR E 116 4.22 -0.54 24.74
C TYR E 116 3.24 0.31 23.94
N ILE E 117 3.22 1.62 24.20
CA ILE E 117 2.38 2.53 23.43
C ILE E 117 2.77 2.51 21.96
N GLN E 118 4.08 2.53 21.69
CA GLN E 118 4.55 2.51 20.31
C GLN E 118 4.13 1.23 19.59
N LEU E 119 4.28 0.08 20.26
CA LEU E 119 3.86 -1.18 19.65
C LEU E 119 2.36 -1.24 19.43
N ALA E 120 1.58 -0.76 20.41
CA ALA E 120 0.13 -0.76 20.26
C ALA E 120 -0.31 0.12 19.11
N LEU E 121 0.32 1.29 18.95
CA LEU E 121 -0.01 2.15 17.82
C LEU E 121 0.45 1.54 16.50
N ARG E 122 1.57 0.81 16.50
CA ARG E 122 2.02 0.12 15.30
C ARG E 122 1.04 -1.00 14.92
N THR E 123 0.35 -1.57 15.91
CA THR E 123 -0.63 -2.62 15.60
C THR E 123 -1.72 -2.10 14.68
N GLY E 124 -2.26 -0.92 14.96
CA GLY E 124 -3.27 -0.32 14.11
C GLY E 124 -4.68 -0.82 14.33
N GLN E 125 -5.00 -1.34 15.52
CA GLN E 125 -6.32 -1.84 15.81
C GLN E 125 -6.99 -1.14 16.98
N TYR E 126 -6.34 -0.14 17.57
CA TYR E 126 -6.86 0.53 18.75
C TYR E 126 -7.79 1.67 18.35
N LYS E 127 -8.60 2.11 19.32
CA LYS E 127 -9.51 3.23 19.10
C LYS E 127 -9.34 4.32 20.15
N SER E 128 -9.11 3.94 21.41
CA SER E 128 -8.97 4.93 22.46
C SER E 128 -8.15 4.34 23.61
N ILE E 129 -7.27 5.18 24.18
CA ILE E 129 -6.50 4.84 25.38
C ILE E 129 -6.53 6.06 26.29
N ASN E 130 -6.78 5.85 27.58
CA ASN E 130 -6.81 6.98 28.50
C ASN E 130 -6.56 6.49 29.93
N VAL E 131 -6.10 7.42 30.76
CA VAL E 131 -5.88 7.18 32.18
C VAL E 131 -6.04 8.51 32.92
N ILE E 132 -6.86 8.50 33.98
CA ILE E 132 -7.16 9.71 34.74
C ILE E 132 -7.04 9.40 36.23
N GLU E 133 -7.14 10.46 37.03
CA GLU E 133 -7.09 10.38 38.48
C GLU E 133 -8.46 10.68 39.06
N VAL E 134 -8.97 9.79 39.90
CA VAL E 134 -10.24 9.96 40.56
C VAL E 134 -9.98 10.59 41.92
N ARG E 135 -10.55 11.76 42.15
CA ARG E 135 -10.30 12.54 43.35
C ARG E 135 -11.30 12.14 44.45
N GLU E 136 -11.33 12.92 45.53
CA GLU E 136 -12.20 12.61 46.66
C GLU E 136 -13.66 12.92 46.31
N GLY E 137 -14.53 11.95 46.57
CA GLY E 137 -15.95 12.15 46.32
C GLY E 137 -16.32 12.28 44.86
N GLU E 138 -15.76 11.44 44.00
CA GLU E 138 -16.07 11.46 42.57
C GLU E 138 -16.78 10.18 42.11
N LEU E 139 -16.21 9.02 42.38
CA LEU E 139 -16.83 7.77 41.99
C LEU E 139 -17.99 7.43 42.91
N LEU E 140 -18.96 6.68 42.38
CA LEU E 140 -20.13 6.27 43.16
C LEU E 140 -20.04 4.80 43.58
N LYS E 141 -19.84 3.91 42.62
CA LYS E 141 -19.70 2.48 42.91
C LYS E 141 -18.82 1.85 41.86
N TRP E 142 -18.24 0.70 42.20
CA TRP E 142 -17.35 -0.01 41.29
C TRP E 142 -17.29 -1.47 41.69
N ASN E 143 -17.62 -2.36 40.76
CA ASN E 143 -17.51 -3.80 40.98
C ASN E 143 -16.58 -4.39 39.94
N ARG E 144 -15.74 -5.34 40.37
CA ARG E 144 -14.72 -5.91 39.51
C ARG E 144 -15.25 -7.02 38.61
N LEU E 145 -16.49 -7.44 38.79
CA LEU E 145 -17.04 -8.51 37.96
C LEU E 145 -17.46 -7.99 36.59
N THR E 146 -18.39 -7.05 36.55
CA THR E 146 -18.89 -6.50 35.30
C THR E 146 -18.07 -5.33 34.78
N GLU E 147 -17.08 -4.85 35.56
CA GLU E 147 -16.21 -3.75 35.16
C GLU E 147 -17.03 -2.50 34.81
N GLU E 148 -18.00 -2.19 35.65
CA GLU E 148 -18.86 -1.02 35.48
C GLU E 148 -18.54 0.00 36.57
N ILE E 149 -18.23 1.22 36.16
CA ILE E 149 -17.87 2.29 37.07
C ILE E 149 -18.60 3.57 36.67
N GLU E 150 -19.15 4.27 37.65
CA GLU E 150 -19.83 5.54 37.43
C GLU E 150 -19.22 6.60 38.33
N LEU E 151 -19.07 7.81 37.80
CA LEU E 151 -18.45 8.91 38.53
C LEU E 151 -19.25 10.19 38.30
N ASP E 152 -19.09 11.13 39.22
CA ASP E 152 -19.71 12.45 39.13
C ASP E 152 -18.58 13.47 39.09
N LEU E 153 -18.10 13.75 37.88
CA LEU E 153 -16.96 14.64 37.70
C LEU E 153 -17.36 16.10 37.93
N ASP E 154 -16.35 16.93 38.14
CA ASP E 154 -16.51 18.37 38.36
C ASP E 154 -17.35 18.69 39.59
N ASN E 155 -17.42 17.76 40.54
CA ASN E 155 -18.14 17.96 41.80
C ASN E 155 -17.28 17.39 42.92
N ASN E 156 -16.46 18.24 43.53
CA ASN E 156 -15.48 17.82 44.52
C ASN E 156 -15.64 18.64 45.80
N THR E 157 -15.26 18.03 46.92
CA THR E 157 -15.27 18.70 48.21
C THR E 157 -13.89 18.97 48.78
N SER E 158 -12.85 18.32 48.25
CA SER E 158 -11.49 18.52 48.72
C SER E 158 -10.58 18.60 47.50
N GLU E 159 -9.27 18.55 47.73
CA GLU E 159 -8.29 18.65 46.65
C GLU E 159 -7.25 17.53 46.75
N LYS E 160 -7.62 16.38 47.32
CA LYS E 160 -6.74 15.24 47.45
C LYS E 160 -7.27 14.09 46.60
N VAL E 161 -6.35 13.33 46.01
CA VAL E 161 -6.72 12.23 45.12
C VAL E 161 -7.03 10.99 45.95
N VAL E 162 -7.86 10.12 45.39
CA VAL E 162 -8.27 8.90 46.09
C VAL E 162 -7.87 7.66 45.31
N GLY E 163 -7.84 7.76 43.98
CA GLY E 163 -7.51 6.60 43.17
C GLY E 163 -7.18 6.99 41.75
N TYR E 164 -6.95 5.98 40.92
CA TYR E 164 -6.64 6.17 39.51
C TYR E 164 -7.43 5.19 38.67
N CYS E 165 -7.76 5.59 37.45
CA CYS E 165 -8.54 4.77 36.55
C CYS E 165 -7.89 4.75 35.17
N GLY E 166 -7.97 3.61 34.50
CA GLY E 166 -7.47 3.47 33.15
C GLY E 166 -8.47 2.73 32.29
N TYR E 167 -8.50 3.10 31.01
CA TYR E 167 -9.51 2.54 30.11
C TYR E 167 -9.00 2.58 28.67
N PHE E 168 -9.07 1.44 28.00
CA PHE E 168 -8.72 1.38 26.58
C PHE E 168 -9.75 0.56 25.83
N GLN E 169 -10.11 1.04 24.65
CA GLN E 169 -11.13 0.44 23.80
C GLN E 169 -10.60 0.24 22.39
N LEU E 170 -10.85 -0.92 21.83
CA LEU E 170 -10.43 -1.27 20.48
C LEU E 170 -11.49 -0.86 19.46
N ILE E 171 -11.31 -1.32 18.23
CA ILE E 171 -12.26 -1.02 17.15
C ILE E 171 -13.37 -2.07 17.05
N ASN E 172 -13.07 -3.34 17.28
CA ASN E 172 -14.05 -4.42 17.12
C ASN E 172 -14.98 -4.56 18.32
N GLY E 173 -14.98 -3.59 19.23
CA GLY E 173 -15.88 -3.58 20.36
C GLY E 173 -15.26 -3.97 21.68
N PHE E 174 -14.05 -4.53 21.68
CA PHE E 174 -13.42 -4.95 22.91
C PHE E 174 -12.99 -3.73 23.73
N GLU E 175 -13.35 -3.73 25.01
CA GLU E 175 -13.01 -2.65 25.93
C GLU E 175 -12.45 -3.24 27.21
N LYS E 176 -11.62 -2.44 27.91
CA LYS E 176 -11.05 -2.86 29.17
C LYS E 176 -10.88 -1.66 30.07
N THR E 177 -11.27 -1.81 31.34
CA THR E 177 -11.19 -0.75 32.33
C THR E 177 -10.63 -1.32 33.63
N VAL E 178 -9.72 -0.57 34.24
CA VAL E 178 -9.12 -0.95 35.51
C VAL E 178 -9.14 0.25 36.46
N TYR E 179 -9.16 -0.04 37.75
CA TYR E 179 -9.22 0.99 38.79
C TYR E 179 -8.32 0.59 39.95
N TRP E 180 -7.41 1.47 40.33
CA TRP E 180 -6.49 1.22 41.43
C TRP E 180 -6.70 2.26 42.52
N THR E 181 -6.44 1.85 43.77
CA THR E 181 -6.49 2.74 44.91
C THR E 181 -5.08 3.10 45.36
N ARG E 182 -5.00 4.06 46.28
CA ARG E 182 -3.70 4.53 46.75
C ARG E 182 -2.96 3.45 47.51
N LYS E 183 -3.67 2.65 48.31
CA LYS E 183 -3.01 1.62 49.12
C LYS E 183 -2.34 0.57 48.23
N GLU E 184 -3.02 0.14 47.18
CA GLU E 184 -2.45 -0.87 46.29
C GLU E 184 -1.21 -0.34 45.58
N ILE E 185 -1.27 0.91 45.12
CA ILE E 185 -0.12 1.51 44.45
C ILE E 185 1.06 1.64 45.40
N GLU E 186 0.78 2.06 46.64
CA GLU E 186 1.85 2.17 47.64
C GLU E 186 2.46 0.81 47.93
N ALA E 187 1.64 -0.23 48.04
CA ALA E 187 2.16 -1.57 48.28
C ALA E 187 3.01 -2.04 47.11
N HIS E 188 2.56 -1.80 45.88
CA HIS E 188 3.34 -2.18 44.72
C HIS E 188 4.67 -1.46 44.67
N LYS E 189 4.67 -0.15 44.95
CA LYS E 189 5.91 0.62 44.96
C LYS E 189 6.87 0.12 46.02
N GLN E 190 6.35 -0.19 47.22
CA GLN E 190 7.21 -0.71 48.28
C GLN E 190 7.78 -2.08 47.91
N LYS E 191 6.97 -2.92 47.26
CA LYS E 191 7.41 -4.29 46.96
C LYS E 191 8.43 -4.32 45.82
N PHE E 192 8.20 -3.55 44.76
CA PHE E 192 8.99 -3.67 43.54
C PHE E 192 10.03 -2.57 43.38
N SER E 193 9.63 -1.31 43.53
CA SER E 193 10.55 -0.20 43.29
C SER E 193 11.66 -0.20 44.33
N LYS E 194 12.87 0.16 43.90
CA LYS E 194 14.04 0.22 44.77
C LYS E 194 14.66 1.61 44.80
N SER E 195 13.92 2.63 44.41
CA SER E 195 14.39 4.01 44.44
C SER E 195 13.28 4.91 44.95
N ASP E 196 13.66 6.08 45.46
CA ASP E 196 12.72 7.00 46.07
C ASP E 196 12.85 8.43 45.59
N PHE E 197 13.85 8.76 44.76
CA PHE E 197 14.01 10.13 44.30
C PHE E 197 12.86 10.56 43.41
N GLY E 198 12.52 9.75 42.42
CA GLY E 198 11.45 10.11 41.49
C GLY E 198 10.08 10.15 42.15
N TRP E 199 9.82 9.22 43.07
CA TRP E 199 8.51 9.11 43.69
C TRP E 199 8.21 10.25 44.67
N LYS E 200 9.19 11.07 45.00
CA LYS E 200 9.02 12.10 46.02
C LYS E 200 8.44 13.40 45.44
N LYS E 201 9.07 13.92 44.38
CA LYS E 201 8.66 15.23 43.86
C LYS E 201 7.31 15.17 43.17
N ASP E 202 7.03 14.09 42.44
CA ASP E 202 5.80 13.96 41.66
C ASP E 202 5.24 12.55 41.84
N TYR E 203 4.28 12.41 42.74
CA TYR E 203 3.71 11.10 43.03
C TYR E 203 2.72 10.63 41.98
N ASP E 204 2.02 11.56 41.32
CA ASP E 204 0.94 11.17 40.42
C ASP E 204 1.47 10.57 39.12
N ALA E 205 2.55 11.13 38.59
CA ALA E 205 3.06 10.69 37.30
C ALA E 205 3.51 9.23 37.35
N MET E 206 4.21 8.84 38.42
CA MET E 206 4.66 7.45 38.53
C MET E 206 3.49 6.49 38.65
N ALA E 207 2.47 6.86 39.42
CA ALA E 207 1.30 6.00 39.55
C ALA E 207 0.58 5.84 38.21
N LYS E 208 0.42 6.94 37.47
CA LYS E 208 -0.21 6.86 36.15
C LYS E 208 0.59 6.00 35.21
N LYS E 209 1.93 6.15 35.23
CA LYS E 209 2.78 5.34 34.37
C LYS E 209 2.68 3.87 34.72
N THR E 210 2.62 3.53 36.01
CA THR E 210 2.51 2.13 36.42
C THR E 210 1.18 1.55 35.96
N VAL E 211 0.09 2.29 36.16
CA VAL E 211 -1.22 1.81 35.75
C VAL E 211 -1.24 1.58 34.24
N LEU E 212 -0.74 2.55 33.47
CA LEU E 212 -0.74 2.43 32.02
C LEU E 212 0.08 1.24 31.56
N ARG E 213 1.31 1.09 32.09
CA ARG E 213 2.17 0.02 31.62
C ARG E 213 1.61 -1.35 32.01
N ASN E 214 1.04 -1.48 33.21
CA ASN E 214 0.47 -2.76 33.60
C ASN E 214 -0.75 -3.11 32.74
N MET E 215 -1.64 -2.14 32.52
CA MET E 215 -2.83 -2.40 31.72
C MET E 215 -2.47 -2.75 30.29
N LEU E 216 -1.46 -2.07 29.71
CA LEU E 216 -1.07 -2.35 28.34
C LEU E 216 -0.33 -3.67 28.21
N SER E 217 0.51 -4.02 29.20
CA SER E 217 1.28 -5.25 29.10
C SER E 217 0.42 -6.48 29.32
N LYS E 218 -0.46 -6.44 30.33
CA LYS E 218 -1.18 -7.66 30.70
C LYS E 218 -2.28 -8.00 29.70
N TRP E 219 -3.01 -7.00 29.22
CA TRP E 219 -4.20 -7.25 28.41
C TRP E 219 -4.12 -6.71 26.98
N GLY E 220 -3.12 -5.90 26.66
CA GLY E 220 -3.06 -5.30 25.34
C GLY E 220 -2.61 -6.27 24.26
N ILE E 221 -2.81 -5.85 23.01
CA ILE E 221 -2.36 -6.59 21.84
C ILE E 221 -1.24 -5.80 21.18
N LEU E 222 -0.10 -6.45 20.99
CA LEU E 222 1.11 -5.79 20.51
C LEU E 222 1.55 -6.40 19.19
N SER E 223 2.34 -5.62 18.45
CA SER E 223 2.91 -6.06 17.18
C SER E 223 4.23 -5.33 16.96
N ILE E 224 5.05 -5.89 16.09
CA ILE E 224 6.38 -5.37 15.83
C ILE E 224 6.45 -4.60 14.51
N ASP E 225 5.91 -5.17 13.44
CA ASP E 225 5.96 -4.53 12.13
C ASP E 225 4.81 -3.56 11.95
N MET E 226 5.12 -2.35 11.50
CA MET E 226 4.11 -1.34 11.27
C MET E 226 3.26 -1.72 10.06
N GLN E 227 1.97 -1.39 10.14
CA GLN E 227 1.03 -1.70 9.06
C GLN E 227 0.47 -0.42 8.44
N ALA F 37 34.24 -7.29 13.47
CA ALA F 37 34.60 -5.96 13.94
C ALA F 37 34.97 -4.98 12.81
N PRO F 38 35.84 -5.39 11.87
CA PRO F 38 36.15 -4.48 10.75
C PRO F 38 34.95 -4.10 9.92
N THR F 39 33.98 -5.02 9.77
CA THR F 39 32.80 -4.71 8.96
C THR F 39 31.99 -3.58 9.58
N MET F 40 31.81 -3.60 10.90
CA MET F 40 31.08 -2.53 11.56
C MET F 40 31.83 -1.21 11.47
N ARG F 41 33.17 -1.26 11.51
CA ARG F 41 33.96 -0.05 11.34
C ARG F 41 33.79 0.53 9.94
N LYS F 42 33.80 -0.34 8.92
CA LYS F 42 33.61 0.14 7.56
C LYS F 42 32.22 0.73 7.37
N LYS F 43 31.19 0.08 7.94
CA LYS F 43 29.83 0.62 7.83
C LYS F 43 29.72 1.96 8.53
N PHE F 44 30.30 2.09 9.72
CA PHE F 44 30.28 3.35 10.43
C PHE F 44 31.00 4.44 9.66
N GLU F 45 32.15 4.10 9.06
CA GLU F 45 32.87 5.09 8.26
C GLU F 45 32.07 5.54 7.05
N LYS F 46 31.39 4.60 6.38
CA LYS F 46 30.54 4.96 5.25
C LYS F 46 29.40 5.87 5.69
N VAL F 47 28.76 5.55 6.81
CA VAL F 47 27.67 6.39 7.31
C VAL F 47 28.19 7.78 7.65
N LEU F 48 29.38 7.86 8.27
CA LEU F 48 29.99 9.14 8.58
C LEU F 48 30.26 9.96 7.33
N ASP F 49 30.81 9.32 6.29
CA ASP F 49 31.15 10.04 5.07
C ASP F 49 29.89 10.47 4.31
N LYS F 50 28.78 9.75 4.49
CA LYS F 50 27.57 10.08 3.75
C LYS F 50 26.94 11.39 4.23
N LYS F 51 27.21 11.81 5.47
CA LYS F 51 26.52 12.94 6.08
C LYS F 51 27.48 14.03 6.52
N ALA F 52 28.51 14.30 5.70
CA ALA F 52 29.48 15.35 6.04
C ALA F 52 28.87 16.75 6.05
N PRO F 53 28.09 17.17 5.03
CA PRO F 53 27.65 18.58 5.01
C PRO F 53 26.84 19.00 6.23
N GLN F 54 26.01 18.11 6.78
CA GLN F 54 25.26 18.47 7.98
C GLN F 54 26.18 18.73 9.15
N PHE F 55 27.20 17.88 9.33
CA PHE F 55 28.17 18.07 10.39
C PHE F 55 28.92 19.39 10.21
N LEU F 56 29.34 19.67 8.97
CA LEU F 56 30.06 20.91 8.70
C LEU F 56 29.19 22.13 8.99
N THR F 57 27.93 22.09 8.57
CA THR F 57 27.02 23.21 8.81
C THR F 57 26.78 23.41 10.31
N SER F 58 26.59 22.32 11.05
CA SER F 58 26.38 22.43 12.49
C SER F 58 27.60 23.03 13.17
N LEU F 59 28.79 22.57 12.80
CA LEU F 59 30.01 23.09 13.41
C LEU F 59 30.20 24.57 13.09
N LEU F 60 29.94 24.96 11.83
CA LEU F 60 30.10 26.36 11.46
C LEU F 60 29.10 27.25 12.19
N ASN F 61 27.84 26.78 12.32
CA ASN F 61 26.85 27.55 13.06
C ASN F 61 27.22 27.68 14.53
N LEU F 62 27.74 26.60 15.12
CA LEU F 62 28.19 26.67 16.51
C LEU F 62 29.34 27.65 16.67
N TYR F 63 30.29 27.65 15.74
CA TYR F 63 31.42 28.57 15.81
C TYR F 63 30.95 30.02 15.67
N ASN F 64 30.04 30.27 14.73
CA ASN F 64 29.61 31.65 14.46
C ASN F 64 28.75 32.20 15.58
N GLY F 65 28.23 31.36 16.46
CA GLY F 65 27.35 31.81 17.52
C GLY F 65 28.09 32.48 18.66
N ASP F 66 27.37 32.71 19.76
CA ASP F 66 27.94 33.35 20.93
C ASP F 66 28.88 32.39 21.66
N ASP F 67 29.56 32.90 22.68
CA ASP F 67 30.55 32.14 23.44
C ASP F 67 29.93 31.77 24.78
N TYR F 68 29.25 30.62 24.81
CA TYR F 68 28.69 30.09 26.04
C TYR F 68 29.07 28.65 26.30
N LEU F 69 29.78 28.01 25.37
CA LEU F 69 30.19 26.61 25.52
C LEU F 69 31.67 26.47 25.88
N GLN F 70 32.31 27.57 26.30
CA GLN F 70 33.74 27.56 26.56
C GLN F 70 34.10 26.94 27.90
N LYS F 71 33.12 26.62 28.74
CA LYS F 71 33.36 26.02 30.05
C LYS F 71 33.14 24.51 30.04
N THR F 72 33.01 23.90 28.87
CA THR F 72 32.71 22.48 28.75
C THR F 72 33.78 21.80 27.91
N ASP F 73 33.81 20.47 28.00
CA ASP F 73 34.80 19.70 27.26
C ASP F 73 34.44 19.71 25.77
N PRO F 74 35.37 20.05 24.88
CA PRO F 74 35.05 20.08 23.45
C PRO F 74 34.64 18.72 22.88
N MET F 75 35.12 17.62 23.48
CA MET F 75 34.76 16.29 22.97
C MET F 75 33.27 16.04 23.09
N THR F 76 32.67 16.46 24.21
CA THR F 76 31.22 16.30 24.38
C THR F 76 30.45 17.12 23.34
N VAL F 77 30.91 18.33 23.07
CA VAL F 77 30.25 19.17 22.06
C VAL F 77 30.35 18.52 20.68
N VAL F 78 31.53 17.98 20.35
CA VAL F 78 31.71 17.32 19.07
C VAL F 78 30.80 16.09 18.96
N THR F 79 30.71 15.30 20.03
CA THR F 79 29.84 14.14 20.01
C THR F 79 28.37 14.53 19.87
N SER F 80 27.95 15.61 20.56
CA SER F 80 26.58 16.07 20.45
C SER F 80 26.27 16.54 19.03
N ALA F 81 27.18 17.30 18.42
CA ALA F 81 26.98 17.71 17.04
C ALA F 81 26.94 16.49 16.12
N MET F 82 27.75 15.48 16.41
CA MET F 82 27.77 14.27 15.60
C MET F 82 26.41 13.57 15.64
N VAL F 83 25.87 13.34 16.84
CA VAL F 83 24.59 12.63 16.94
C VAL F 83 23.47 13.48 16.36
N ALA F 84 23.55 14.80 16.54
CA ALA F 84 22.53 15.68 15.96
C ALA F 84 22.54 15.61 14.43
N ALA F 85 23.73 15.59 13.83
CA ALA F 85 23.82 15.50 12.37
C ALA F 85 23.49 14.11 11.87
N THR F 86 23.63 13.07 12.71
CA THR F 86 23.30 11.73 12.28
C THR F 86 21.81 11.56 12.01
N LEU F 87 20.96 12.28 12.74
CA LEU F 87 19.52 12.14 12.64
C LEU F 87 18.89 13.10 11.64
N ASP F 88 19.68 13.67 10.72
CA ASP F 88 19.18 14.61 9.72
C ASP F 88 18.48 15.81 10.36
N LEU F 89 19.03 16.28 11.48
CA LEU F 89 18.51 17.44 12.19
C LEU F 89 19.65 18.42 12.42
N PRO F 90 19.89 19.32 11.49
CA PRO F 90 20.96 20.32 11.67
C PRO F 90 20.67 21.21 12.87
N ILE F 91 21.67 22.01 13.24
CA ILE F 91 21.65 22.75 14.50
C ILE F 91 21.57 24.24 14.17
N ASP F 92 21.29 24.54 12.91
CA ASP F 92 21.19 25.93 12.47
C ASP F 92 20.00 26.62 13.15
N LYS F 93 20.18 27.91 13.43
CA LYS F 93 19.19 28.65 14.20
C LYS F 93 17.90 28.89 13.41
N ASN F 94 18.00 29.03 12.09
CA ASN F 94 16.83 29.36 11.29
C ASN F 94 15.78 28.25 11.28
N LEU F 95 16.14 27.03 11.66
CA LEU F 95 15.20 25.92 11.69
C LEU F 95 14.69 25.60 13.09
N GLY F 96 15.54 25.66 14.09
CA GLY F 96 15.11 25.39 15.46
C GLY F 96 14.66 23.97 15.70
N TYR F 97 15.40 23.00 15.18
CA TYR F 97 15.05 21.59 15.36
C TYR F 97 15.72 20.97 16.58
N ALA F 98 16.93 21.42 16.93
CA ALA F 98 17.67 20.83 18.05
C ALA F 98 18.58 21.89 18.64
N TRP F 99 19.04 21.62 19.86
CA TRP F 99 19.92 22.54 20.57
C TRP F 99 21.01 21.75 21.30
N ILE F 100 22.05 22.46 21.70
CA ILE F 100 23.10 21.94 22.58
C ILE F 100 23.10 22.77 23.84
N VAL F 101 22.83 22.13 24.97
CA VAL F 101 22.72 22.82 26.26
C VAL F 101 23.71 22.20 27.24
N PRO F 102 24.55 22.99 27.90
CA PRO F 102 25.52 22.42 28.85
C PRO F 102 24.92 22.24 30.24
N TYR F 103 25.14 21.07 30.81
CA TYR F 103 24.63 20.72 32.14
C TYR F 103 25.78 20.20 32.98
N LYS F 104 26.13 20.93 34.03
CA LYS F 104 27.22 20.57 34.94
C LYS F 104 28.52 20.34 34.16
N GLY F 105 28.80 21.23 33.22
CA GLY F 105 30.00 21.13 32.42
C GLY F 105 29.96 20.04 31.37
N ARG F 106 28.78 19.53 31.03
CA ARG F 106 28.62 18.50 30.01
C ARG F 106 27.58 18.96 29.00
N ALA F 107 27.93 18.92 27.73
CA ALA F 107 27.01 19.33 26.68
C ALA F 107 26.03 18.21 26.36
N GLN F 108 24.77 18.58 26.15
CA GLN F 108 23.71 17.62 25.85
C GLN F 108 22.95 18.07 24.62
N PHE F 109 22.61 17.10 23.78
CA PHE F 109 21.83 17.34 22.57
C PHE F 109 20.35 17.22 22.92
N GLN F 110 19.55 18.20 22.53
CA GLN F 110 18.16 18.30 22.93
C GLN F 110 17.27 18.54 21.72
N LEU F 111 16.06 18.00 21.78
CA LEU F 111 15.09 18.12 20.70
C LEU F 111 14.15 19.29 20.98
N GLY F 112 13.89 20.09 19.96
CA GLY F 112 12.94 21.17 20.06
C GLY F 112 11.51 20.69 19.87
N TYR F 113 10.59 21.65 19.88
CA TYR F 113 9.17 21.32 19.71
C TYR F 113 8.79 21.14 18.25
N LYS F 114 9.70 21.40 17.32
CA LYS F 114 9.48 21.10 15.91
C LYS F 114 10.11 19.79 15.46
N GLY F 115 11.08 19.27 16.23
CA GLY F 115 11.62 17.96 15.91
C GLY F 115 10.58 16.85 16.03
N TYR F 116 9.70 16.96 17.03
CA TYR F 116 8.61 16.00 17.15
C TYR F 116 7.69 16.06 15.95
N ILE F 117 7.39 17.28 15.47
CA ILE F 117 6.57 17.44 14.27
C ILE F 117 7.27 16.80 13.07
N GLN F 118 8.57 17.02 12.95
CA GLN F 118 9.32 16.45 11.83
C GLN F 118 9.28 14.92 11.87
N LEU F 119 9.49 14.33 13.05
CA LEU F 119 9.46 12.88 13.16
C LEU F 119 8.06 12.34 12.88
N ALA F 120 7.03 13.01 13.38
CA ALA F 120 5.66 12.56 13.13
C ALA F 120 5.32 12.62 11.65
N LEU F 121 5.75 13.66 10.96
CA LEU F 121 5.51 13.73 9.52
C LEU F 121 6.34 12.69 8.77
N ARG F 122 7.55 12.40 9.25
CA ARG F 122 8.35 11.34 8.64
C ARG F 122 7.70 9.97 8.83
N THR F 123 6.92 9.80 9.89
CA THR F 123 6.24 8.52 10.11
C THR F 123 5.28 8.21 8.97
N GLY F 124 4.50 9.19 8.53
CA GLY F 124 3.59 9.01 7.41
C GLY F 124 2.29 8.33 7.73
N GLN F 125 1.83 8.40 8.98
CA GLN F 125 0.57 7.78 9.39
C GLN F 125 -0.44 8.77 9.94
N TYR F 126 -0.11 10.06 9.97
CA TYR F 126 -0.98 11.06 10.57
C TYR F 126 -1.98 11.58 9.56
N LYS F 127 -3.05 12.21 10.07
CA LYS F 127 -4.08 12.79 9.22
C LYS F 127 -4.33 14.25 9.55
N SER F 128 -4.30 14.62 10.83
CA SER F 128 -4.56 15.99 11.21
C SER F 128 -3.91 16.29 12.55
N ILE F 129 -3.34 17.48 12.67
CA ILE F 129 -2.79 18.00 13.93
C ILE F 129 -3.22 19.46 14.05
N ASN F 130 -3.69 19.85 15.24
CA ASN F 130 -4.11 21.23 15.42
C ASN F 130 -4.08 21.59 16.90
N VAL F 131 -3.98 22.89 17.15
CA VAL F 131 -4.03 23.45 18.50
C VAL F 131 -4.58 24.87 18.41
N ILE F 132 -5.57 25.18 19.24
CA ILE F 132 -6.25 26.47 19.22
C ILE F 132 -6.39 26.98 20.65
N GLU F 133 -6.84 28.23 20.76
CA GLU F 133 -7.07 28.89 22.04
C GLU F 133 -8.57 29.07 22.24
N VAL F 134 -9.07 28.61 23.38
CA VAL F 134 -10.48 28.75 23.74
C VAL F 134 -10.61 30.01 24.59
N ARG F 135 -11.42 30.94 24.11
CA ARG F 135 -11.57 32.25 24.74
C ARG F 135 -12.68 32.20 25.78
N GLU F 136 -13.08 33.36 26.28
CA GLU F 136 -14.10 33.43 27.31
C GLU F 136 -15.47 33.13 26.73
N GLY F 137 -16.21 32.24 27.40
CA GLY F 137 -17.56 31.90 26.96
C GLY F 137 -17.63 31.20 25.62
N GLU F 138 -16.76 30.22 25.39
CA GLU F 138 -16.76 29.46 24.15
C GLU F 138 -17.12 27.99 24.37
N LEU F 139 -16.42 27.31 25.26
CA LEU F 139 -16.71 25.90 25.52
C LEU F 139 -17.96 25.78 26.39
N LEU F 140 -18.65 24.65 26.26
CA LEU F 140 -19.86 24.38 27.03
C LEU F 140 -19.61 23.39 28.16
N LYS F 141 -19.06 22.23 27.85
CA LYS F 141 -18.73 21.23 28.85
C LYS F 141 -17.55 20.41 28.37
N TRP F 142 -16.86 19.77 29.32
CA TRP F 142 -15.68 18.97 29.00
C TRP F 142 -15.45 17.98 30.12
N ASN F 143 -15.41 16.69 29.77
CA ASN F 143 -15.11 15.63 30.72
C ASN F 143 -13.88 14.86 30.24
N ARG F 144 -13.00 14.51 31.17
CA ARG F 144 -11.74 13.88 30.83
C ARG F 144 -11.86 12.38 30.61
N LEU F 145 -13.03 11.78 30.88
CA LEU F 145 -13.18 10.35 30.70
C LEU F 145 -13.38 10.00 29.23
N THR F 146 -14.44 10.52 28.61
CA THR F 146 -14.76 10.23 27.22
C THR F 146 -14.07 11.16 26.25
N GLU F 147 -13.37 12.20 26.74
CA GLU F 147 -12.65 13.14 25.89
C GLU F 147 -13.58 13.80 24.86
N GLU F 148 -14.74 14.22 25.32
CA GLU F 148 -15.73 14.88 24.49
C GLU F 148 -15.84 16.35 24.90
N ILE F 149 -15.68 17.24 23.93
CA ILE F 149 -15.71 18.67 24.17
C ILE F 149 -16.55 19.34 23.10
N GLU F 150 -17.41 20.27 23.51
CA GLU F 150 -18.24 21.04 22.59
C GLU F 150 -18.04 22.53 22.85
N LEU F 151 -17.99 23.30 21.78
CA LEU F 151 -17.75 24.73 21.86
C LEU F 151 -18.70 25.47 20.93
N ASP F 152 -18.90 26.75 21.22
CA ASP F 152 -19.72 27.64 20.40
C ASP F 152 -18.79 28.76 19.92
N LEU F 153 -18.13 28.53 18.78
CA LEU F 153 -17.16 29.48 18.27
C LEU F 153 -17.86 30.70 17.66
N ASP F 154 -17.07 31.76 17.48
CA ASP F 154 -17.53 33.02 16.90
C ASP F 154 -18.65 33.67 17.71
N ASN F 155 -18.75 33.35 18.99
CA ASN F 155 -19.75 33.95 19.89
C ASN F 155 -19.04 34.25 21.20
N ASN F 156 -18.54 35.47 21.34
CA ASN F 156 -17.73 35.86 22.49
C ASN F 156 -18.30 37.13 23.12
N THR F 157 -18.05 37.27 24.43
CA THR F 157 -18.46 38.45 25.17
C THR F 157 -17.30 39.32 25.61
N SER F 158 -16.08 38.79 25.61
CA SER F 158 -14.90 39.55 26.01
C SER F 158 -13.78 39.25 25.02
N GLU F 159 -12.56 39.66 25.36
CA GLU F 159 -11.40 39.46 24.48
C GLU F 159 -10.23 38.86 25.24
N LYS F 160 -10.51 38.09 26.29
CA LYS F 160 -9.48 37.44 27.08
C LYS F 160 -9.61 35.92 26.92
N VAL F 161 -8.46 35.24 26.89
CA VAL F 161 -8.43 33.80 26.69
C VAL F 161 -8.69 33.09 28.03
N VAL F 162 -9.21 31.87 27.95
CA VAL F 162 -9.54 31.11 29.14
C VAL F 162 -8.77 29.79 29.17
N GLY F 163 -8.49 29.22 28.00
CA GLY F 163 -7.79 27.95 27.95
C GLY F 163 -7.24 27.66 26.57
N TYR F 164 -6.68 26.47 26.43
CA TYR F 164 -6.11 26.03 25.16
C TYR F 164 -6.51 24.59 24.90
N CYS F 165 -6.65 24.24 23.62
CA CYS F 165 -7.07 22.90 23.23
C CYS F 165 -6.15 22.37 22.14
N GLY F 166 -5.89 21.08 22.17
CA GLY F 166 -5.10 20.43 21.13
C GLY F 166 -5.74 19.14 20.71
N TYR F 167 -5.57 18.79 19.44
CA TYR F 167 -6.26 17.64 18.88
C TYR F 167 -5.47 17.09 17.70
N PHE F 168 -5.20 15.79 17.72
CA PHE F 168 -4.56 15.14 16.58
C PHE F 168 -5.24 13.81 16.28
N GLN F 169 -5.42 13.54 14.99
CA GLN F 169 -6.13 12.35 14.52
C GLN F 169 -5.29 11.65 13.47
N LEU F 170 -5.21 10.33 13.59
CA LEU F 170 -4.45 9.49 12.68
C LEU F 170 -5.33 9.05 11.50
N ILE F 171 -4.83 8.10 10.72
CA ILE F 171 -5.56 7.58 9.57
C ILE F 171 -6.43 6.38 9.93
N ASN F 172 -5.96 5.51 10.83
CA ASN F 172 -6.67 4.28 11.18
C ASN F 172 -7.79 4.51 12.19
N GLY F 173 -8.15 5.76 12.45
CA GLY F 173 -9.27 6.09 13.32
C GLY F 173 -8.87 6.58 14.70
N PHE F 174 -7.61 6.43 15.08
CA PHE F 174 -7.18 6.86 16.42
C PHE F 174 -7.17 8.37 16.50
N GLU F 175 -7.77 8.91 17.56
CA GLU F 175 -7.82 10.35 17.79
C GLU F 175 -7.45 10.64 19.23
N LYS F 176 -6.95 11.85 19.47
CA LYS F 176 -6.58 12.28 20.81
C LYS F 176 -6.82 13.77 20.94
N THR F 177 -7.43 14.16 22.06
CA THR F 177 -7.75 15.56 22.35
C THR F 177 -7.38 15.87 23.79
N VAL F 178 -6.78 17.03 24.00
CA VAL F 178 -6.39 17.50 25.33
C VAL F 178 -6.83 18.95 25.48
N TYR F 179 -7.07 19.34 26.73
CA TYR F 179 -7.52 20.69 27.06
C TYR F 179 -6.83 21.15 28.33
N TRP F 180 -6.18 22.32 28.27
CA TRP F 180 -5.49 22.90 29.41
C TRP F 180 -6.10 24.24 29.77
N THR F 181 -6.05 24.57 31.06
CA THR F 181 -6.49 25.86 31.56
C THR F 181 -5.29 26.75 31.85
N ARG F 182 -5.58 28.02 32.14
CA ARG F 182 -4.51 28.99 32.39
C ARG F 182 -3.76 28.65 33.68
N LYS F 183 -4.47 28.20 34.71
CA LYS F 183 -3.82 27.91 35.99
C LYS F 183 -2.80 26.78 35.86
N GLU F 184 -3.17 25.72 35.14
CA GLU F 184 -2.25 24.60 34.97
C GLU F 184 -1.01 25.00 34.20
N ILE F 185 -1.19 25.81 33.14
CA ILE F 185 -0.04 26.27 32.35
C ILE F 185 0.86 27.16 33.19
N GLU F 186 0.27 28.05 33.99
CA GLU F 186 1.06 28.90 34.87
C GLU F 186 1.84 28.08 35.89
N ALA F 187 1.20 27.06 36.47
CA ALA F 187 1.89 26.19 37.42
C ALA F 187 3.04 25.45 36.76
N HIS F 188 2.82 24.93 35.55
CA HIS F 188 3.88 24.23 34.82
C HIS F 188 5.04 25.17 34.52
N LYS F 189 4.74 26.39 34.07
CA LYS F 189 5.80 27.35 33.78
C LYS F 189 6.59 27.71 35.02
N GLN F 190 5.90 27.91 36.15
CA GLN F 190 6.60 28.21 37.40
C GLN F 190 7.46 27.05 37.86
N LYS F 191 6.97 25.83 37.68
CA LYS F 191 7.70 24.66 38.18
C LYS F 191 8.92 24.34 37.33
N PHE F 192 8.78 24.39 36.00
CA PHE F 192 9.83 23.90 35.12
C PHE F 192 10.67 25.00 34.47
N SER F 193 10.03 26.02 33.90
CA SER F 193 10.76 27.06 33.20
C SER F 193 11.61 27.87 34.18
N LYS F 194 12.80 28.27 33.73
CA LYS F 194 13.73 29.05 34.53
C LYS F 194 14.09 30.38 33.88
N SER F 195 13.26 30.84 32.94
CA SER F 195 13.47 32.13 32.28
C SER F 195 12.13 32.83 32.14
N ASP F 196 12.19 34.15 31.99
CA ASP F 196 10.99 34.98 31.94
C ASP F 196 10.95 35.96 30.78
N PHE F 197 12.03 36.08 30.00
CA PHE F 197 12.04 37.04 28.90
C PHE F 197 11.04 36.67 27.82
N GLY F 198 11.06 35.40 27.38
CA GLY F 198 10.17 34.98 26.32
C GLY F 198 8.71 34.99 26.74
N TRP F 199 8.43 34.59 27.98
CA TRP F 199 7.06 34.47 28.45
C TRP F 199 6.37 35.81 28.65
N LYS F 200 7.10 36.91 28.59
CA LYS F 200 6.52 38.22 28.89
C LYS F 200 5.87 38.87 27.67
N LYS F 201 6.60 38.94 26.54
CA LYS F 201 6.09 39.67 25.38
C LYS F 201 4.94 38.92 24.70
N ASP F 202 5.02 37.59 24.64
CA ASP F 202 4.02 36.79 23.94
C ASP F 202 3.70 35.56 24.79
N TYR F 203 2.61 35.64 25.54
CA TYR F 203 2.22 34.54 26.44
C TYR F 203 1.58 33.38 25.70
N ASP F 204 0.88 33.64 24.60
CA ASP F 204 0.09 32.59 23.95
C ASP F 204 0.99 31.60 23.21
N ALA F 205 2.04 32.09 22.56
CA ALA F 205 2.88 31.21 21.75
C ALA F 205 3.56 30.13 22.59
N MET F 206 4.07 30.52 23.76
CA MET F 206 4.74 29.55 24.63
C MET F 206 3.76 28.50 25.14
N ALA F 207 2.55 28.92 25.50
CA ALA F 207 1.53 27.97 25.97
C ALA F 207 1.16 26.99 24.86
N LYS F 208 0.97 27.50 23.64
CA LYS F 208 0.65 26.62 22.53
C LYS F 208 1.78 25.65 22.24
N LYS F 209 3.03 26.12 22.29
CA LYS F 209 4.17 25.26 22.07
C LYS F 209 4.26 24.18 23.14
N THR F 210 3.99 24.52 24.40
CA THR F 210 4.05 23.53 25.47
C THR F 210 2.97 22.47 25.28
N VAL F 211 1.75 22.91 24.97
CA VAL F 211 0.66 21.96 24.75
C VAL F 211 1.00 21.02 23.60
N LEU F 212 1.47 21.58 22.47
CA LEU F 212 1.80 20.77 21.31
C LEU F 212 2.89 19.77 21.61
N ARG F 213 3.98 20.22 22.25
CA ARG F 213 5.10 19.33 22.50
C ARG F 213 4.73 18.23 23.49
N ASN F 214 3.95 18.57 24.53
CA ASN F 214 3.54 17.54 25.49
C ASN F 214 2.62 16.51 24.84
N MET F 215 1.63 16.97 24.07
CA MET F 215 0.71 16.06 23.43
C MET F 215 1.42 15.16 22.43
N LEU F 216 2.38 15.71 21.68
CA LEU F 216 3.09 14.89 20.70
C LEU F 216 4.07 13.93 21.35
N SER F 217 4.73 14.34 22.44
CA SER F 217 5.71 13.48 23.07
C SER F 217 5.05 12.33 23.83
N LYS F 218 3.99 12.63 24.59
CA LYS F 218 3.44 11.62 25.47
C LYS F 218 2.65 10.56 24.72
N TRP F 219 1.87 10.95 23.72
CA TRP F 219 0.94 10.04 23.06
C TRP F 219 1.22 9.81 21.59
N GLY F 220 2.10 10.58 20.97
CA GLY F 220 2.34 10.45 19.54
C GLY F 220 3.17 9.23 19.18
N ILE F 221 3.16 8.92 17.88
CA ILE F 221 3.96 7.84 17.31
C ILE F 221 5.04 8.46 16.45
N LEU F 222 6.30 8.13 16.72
CA LEU F 222 7.44 8.76 16.09
C LEU F 222 8.26 7.72 15.32
N SER F 223 9.03 8.20 14.35
CA SER F 223 9.92 7.37 13.57
C SER F 223 11.10 8.20 13.10
N ILE F 224 12.18 7.52 12.73
CA ILE F 224 13.42 8.18 12.35
C ILE F 224 13.61 8.19 10.84
N ASP F 225 13.42 7.05 10.19
CA ASP F 225 13.64 6.93 8.75
C ASP F 225 12.39 7.37 7.99
N MET F 226 12.58 8.23 7.00
CA MET F 226 11.46 8.68 6.18
C MET F 226 10.97 7.56 5.28
N GLN F 227 9.66 7.53 5.07
CA GLN F 227 9.05 6.50 4.24
C GLN F 227 8.40 7.11 3.00
N ALA G 37 40.99 12.60 13.65
CA ALA G 37 40.98 14.04 13.37
C ALA G 37 41.42 14.39 11.95
N PRO G 38 42.52 13.81 11.43
CA PRO G 38 42.89 14.11 10.04
C PRO G 38 41.84 13.69 9.03
N THR G 39 41.10 12.60 9.30
CA THR G 39 40.08 12.16 8.35
C THR G 39 38.96 13.19 8.21
N MET G 40 38.52 13.77 9.33
CA MET G 40 37.50 14.80 9.26
C MET G 40 38.01 16.05 8.54
N ARG G 41 39.29 16.37 8.72
CA ARG G 41 39.87 17.51 8.01
C ARG G 41 39.89 17.25 6.51
N LYS G 42 40.27 16.03 6.10
CA LYS G 42 40.28 15.71 4.68
C LYS G 42 38.88 15.75 4.09
N LYS G 43 37.90 15.22 4.82
CA LYS G 43 36.52 15.25 4.34
C LYS G 43 36.01 16.69 4.21
N PHE G 44 36.31 17.53 5.20
CA PHE G 44 35.91 18.93 5.14
C PHE G 44 36.58 19.64 3.97
N GLU G 45 37.86 19.37 3.74
CA GLU G 45 38.55 19.97 2.61
C GLU G 45 37.94 19.54 1.28
N LYS G 46 37.60 18.26 1.16
CA LYS G 46 36.96 17.79 -0.07
C LYS G 46 35.60 18.46 -0.29
N VAL G 47 34.81 18.58 0.78
CA VAL G 47 33.51 19.24 0.68
C VAL G 47 33.69 20.71 0.27
N LEU G 48 34.69 21.38 0.86
CA LEU G 48 34.98 22.77 0.49
C LEU G 48 35.37 22.89 -0.97
N ASP G 49 36.23 21.99 -1.46
CA ASP G 49 36.67 22.07 -2.85
C ASP G 49 35.55 21.74 -3.81
N LYS G 50 34.57 20.94 -3.38
CA LYS G 50 33.49 20.55 -4.28
C LYS G 50 32.56 21.70 -4.62
N LYS G 51 32.49 22.73 -3.78
CA LYS G 51 31.49 23.78 -3.92
C LYS G 51 32.14 25.16 -4.04
N ALA G 52 33.25 25.24 -4.77
CA ALA G 52 33.92 26.53 -4.97
C ALA G 52 33.09 27.54 -5.75
N PRO G 53 32.46 27.20 -6.89
CA PRO G 53 31.80 28.24 -7.68
C PRO G 53 30.69 28.98 -6.95
N GLN G 54 29.94 28.29 -6.09
CA GLN G 54 28.90 28.98 -5.32
C GLN G 54 29.50 30.02 -4.39
N PHE G 55 30.59 29.67 -3.70
CA PHE G 55 31.28 30.60 -2.83
C PHE G 55 31.80 31.80 -3.61
N LEU G 56 32.41 31.53 -4.77
CA LEU G 56 32.94 32.62 -5.59
C LEU G 56 31.83 33.55 -6.06
N THR G 57 30.70 32.98 -6.51
CA THR G 57 29.58 33.80 -6.97
C THR G 57 29.01 34.64 -5.83
N SER G 58 28.86 34.04 -4.64
CA SER G 58 28.34 34.78 -3.50
C SER G 58 29.27 35.94 -3.13
N LEU G 59 30.57 35.68 -3.10
CA LEU G 59 31.52 36.74 -2.76
C LEU G 59 31.52 37.85 -3.79
N LEU G 60 31.46 37.49 -5.09
CA LEU G 60 31.43 38.51 -6.13
C LEU G 60 30.16 39.35 -6.06
N ASN G 61 29.02 38.70 -5.81
CA ASN G 61 27.77 39.45 -5.68
C ASN G 61 27.79 40.36 -4.46
N LEU G 62 28.37 39.90 -3.36
CA LEU G 62 28.49 40.76 -2.18
C LEU G 62 29.39 41.95 -2.46
N TYR G 63 30.50 41.74 -3.16
CA TYR G 63 31.41 42.83 -3.49
C TYR G 63 30.73 43.84 -4.42
N ASN G 64 30.00 43.36 -5.43
CA ASN G 64 29.40 44.26 -6.41
C ASN G 64 28.24 45.05 -5.83
N GLY G 65 27.71 44.64 -4.68
CA GLY G 65 26.57 45.32 -4.09
C GLY G 65 26.92 46.62 -3.42
N ASP G 66 25.95 47.16 -2.68
CA ASP G 66 26.15 48.42 -1.97
C ASP G 66 27.07 48.22 -0.77
N ASP G 67 27.42 49.33 -0.13
CA ASP G 67 28.36 49.33 1.00
C ASP G 67 27.55 49.52 2.29
N TYR G 68 27.09 48.40 2.85
CA TYR G 68 26.39 48.42 4.12
C TYR G 68 26.96 47.43 5.13
N LEU G 69 27.95 46.63 4.76
CA LEU G 69 28.56 45.66 5.64
C LEU G 69 29.93 46.10 6.14
N GLN G 70 30.26 47.38 5.98
CA GLN G 70 31.58 47.88 6.32
C GLN G 70 31.77 48.12 7.82
N LYS G 71 30.70 48.00 8.62
CA LYS G 71 30.77 48.21 10.05
C LYS G 71 30.83 46.89 10.84
N THR G 72 31.05 45.77 10.14
CA THR G 72 31.05 44.46 10.77
C THR G 72 32.37 43.76 10.50
N ASP G 73 32.62 42.71 11.29
CA ASP G 73 33.86 41.95 11.14
C ASP G 73 33.82 41.14 9.85
N PRO G 74 34.84 41.24 9.01
CA PRO G 74 34.82 40.46 7.74
C PRO G 74 34.79 38.96 7.95
N MET G 75 35.32 38.45 9.07
CA MET G 75 35.31 37.02 9.31
C MET G 75 33.90 36.48 9.42
N THR G 76 33.01 37.21 10.09
CA THR G 76 31.62 36.79 10.20
C THR G 76 30.95 36.76 8.83
N VAL G 77 31.23 37.76 7.99
CA VAL G 77 30.66 37.78 6.64
C VAL G 77 31.16 36.59 5.82
N VAL G 78 32.46 36.29 5.94
CA VAL G 78 33.02 35.15 5.21
C VAL G 78 32.38 33.85 5.68
N THR G 79 32.21 33.69 6.99
CA THR G 79 31.58 32.49 7.52
C THR G 79 30.13 32.36 7.07
N SER G 80 29.40 33.48 7.05
CA SER G 80 28.01 33.46 6.60
C SER G 80 27.92 33.07 5.13
N ALA G 81 28.80 33.65 4.29
CA ALA G 81 28.81 33.26 2.89
C ALA G 81 29.18 31.78 2.74
N MET G 82 30.08 31.29 3.59
CA MET G 82 30.48 29.89 3.55
C MET G 82 29.29 28.97 3.84
N VAL G 83 28.57 29.23 4.92
CA VAL G 83 27.44 28.36 5.27
C VAL G 83 26.33 28.49 4.24
N ALA G 84 26.13 29.70 3.70
CA ALA G 84 25.12 29.88 2.66
C ALA G 84 25.45 29.08 1.41
N ALA G 85 26.74 29.08 1.01
CA ALA G 85 27.14 28.31 -0.17
C ALA G 85 27.17 26.81 0.11
N THR G 86 27.31 26.41 1.37
CA THR G 86 27.33 24.98 1.69
C THR G 86 25.98 24.32 1.42
N LEU G 87 24.88 25.07 1.59
CA LEU G 87 23.54 24.52 1.46
C LEU G 87 22.97 24.66 0.05
N ASP G 88 23.83 24.90 -0.95
CA ASP G 88 23.39 25.06 -2.34
C ASP G 88 22.36 26.18 -2.48
N LEU G 89 22.58 27.27 -1.75
CA LEU G 89 21.71 28.45 -1.79
C LEU G 89 22.59 29.67 -2.01
N PRO G 90 22.85 30.03 -3.27
CA PRO G 90 23.67 31.22 -3.53
C PRO G 90 22.99 32.48 -3.03
N ILE G 91 23.74 33.58 -3.04
CA ILE G 91 23.31 34.80 -2.37
C ILE G 91 23.04 35.86 -3.44
N ASP G 92 22.98 35.43 -4.69
CA ASP G 92 22.73 36.34 -5.80
C ASP G 92 21.34 36.93 -5.69
N LYS G 93 21.21 38.20 -6.12
CA LYS G 93 19.97 38.94 -5.94
C LYS G 93 18.86 38.41 -6.84
N ASN G 94 19.20 37.90 -8.03
CA ASN G 94 18.17 37.47 -8.99
C ASN G 94 17.37 36.28 -8.50
N LEU G 95 17.84 35.55 -7.49
CA LEU G 95 17.13 34.39 -6.96
C LEU G 95 16.41 34.67 -5.67
N GLY G 96 17.00 35.45 -4.77
CA GLY G 96 16.36 35.79 -3.50
C GLY G 96 16.13 34.60 -2.59
N TYR G 97 17.12 33.72 -2.46
CA TYR G 97 17.00 32.56 -1.59
C TYR G 97 17.50 32.82 -0.18
N ALA G 98 18.51 33.68 -0.02
CA ALA G 98 19.09 33.93 1.29
C ALA G 98 19.67 35.34 1.32
N TRP G 99 19.90 35.83 2.54
CA TRP G 99 20.43 37.17 2.73
C TRP G 99 21.46 37.16 3.85
N ILE G 100 22.26 38.21 3.91
CA ILE G 100 23.17 38.48 5.02
C ILE G 100 22.77 39.79 5.65
N VAL G 101 22.39 39.75 6.92
CA VAL G 101 21.90 40.92 7.64
C VAL G 101 22.75 41.15 8.87
N PRO G 102 23.28 42.35 9.08
CA PRO G 102 24.12 42.59 10.27
C PRO G 102 23.29 42.98 11.49
N TYR G 103 23.59 42.33 12.62
CA TYR G 103 22.88 42.56 13.87
C TYR G 103 23.91 42.84 14.95
N LYS G 104 23.90 44.07 15.49
CA LYS G 104 24.82 44.48 16.54
C LYS G 104 26.28 44.26 16.11
N GLY G 105 26.58 44.61 14.87
CA GLY G 105 27.92 44.43 14.35
C GLY G 105 28.29 43.00 14.03
N ARG G 106 27.31 42.11 13.91
CA ARG G 106 27.57 40.71 13.58
C ARG G 106 26.69 40.32 12.40
N ALA G 107 27.30 39.76 11.37
CA ALA G 107 26.56 39.35 10.18
C ALA G 107 25.87 38.00 10.42
N GLN G 108 24.64 37.88 9.94
CA GLN G 108 23.86 36.67 10.10
C GLN G 108 23.29 36.23 8.76
N PHE G 109 23.32 34.93 8.52
CA PHE G 109 22.77 34.32 7.32
C PHE G 109 21.30 34.02 7.56
N GLN G 110 20.45 34.43 6.63
CA GLN G 110 19.01 34.35 6.81
C GLN G 110 18.36 33.73 5.57
N LEU G 111 17.28 32.98 5.81
CA LEU G 111 16.55 32.31 4.75
C LEU G 111 15.37 33.18 4.30
N GLY G 112 15.19 33.26 2.98
CA GLY G 112 14.06 33.98 2.42
C GLY G 112 12.81 33.11 2.40
N TYR G 113 11.75 33.67 1.83
CA TYR G 113 10.48 32.94 1.73
C TYR G 113 10.45 31.98 0.56
N LYS G 114 11.48 31.97 -0.29
CA LYS G 114 11.61 30.98 -1.35
C LYS G 114 12.55 29.83 -0.98
N GLY G 115 13.40 30.02 0.02
CA GLY G 115 14.22 28.92 0.49
C GLY G 115 13.40 27.80 1.09
N TYR G 116 12.33 28.15 1.80
CA TYR G 116 11.43 27.12 2.32
C TYR G 116 10.77 26.34 1.18
N ILE G 117 10.37 27.04 0.12
CA ILE G 117 9.81 26.36 -1.05
C ILE G 117 10.83 25.42 -1.67
N GLN G 118 12.08 25.89 -1.79
CA GLN G 118 13.14 25.06 -2.36
C GLN G 118 13.36 23.80 -1.54
N LEU G 119 13.43 23.95 -0.20
CA LEU G 119 13.63 22.78 0.65
C LEU G 119 12.44 21.83 0.58
N ALA G 120 11.22 22.37 0.56
CA ALA G 120 10.03 21.52 0.48
C ALA G 120 10.01 20.74 -0.83
N LEU G 121 10.37 21.39 -1.93
CA LEU G 121 10.44 20.68 -3.21
C LEU G 121 11.57 19.66 -3.23
N ARG G 122 12.68 19.96 -2.56
CA ARG G 122 13.77 18.99 -2.45
C ARG G 122 13.35 17.78 -1.63
N THR G 123 12.41 17.96 -0.70
CA THR G 123 11.93 16.83 0.09
C THR G 123 11.31 15.75 -0.79
N GLY G 124 10.47 16.16 -1.74
CA GLY G 124 9.87 15.21 -2.67
C GLY G 124 8.66 14.48 -2.15
N GLN G 125 7.94 15.03 -1.17
CA GLN G 125 6.77 14.38 -0.61
C GLN G 125 5.50 15.22 -0.75
N TYR G 126 5.58 16.39 -1.37
CA TYR G 126 4.44 17.29 -1.47
C TYR G 126 3.59 16.96 -2.69
N LYS G 127 2.36 17.44 -2.67
CA LYS G 127 1.44 17.25 -3.79
C LYS G 127 0.87 18.56 -4.30
N SER G 128 0.57 19.50 -3.40
CA SER G 128 -0.01 20.77 -3.83
C SER G 128 0.28 21.85 -2.79
N ILE G 129 0.60 23.05 -3.27
CA ILE G 129 0.77 24.23 -2.44
C ILE G 129 0.08 25.40 -3.14
N ASN G 130 -0.69 26.19 -2.38
CA ASN G 130 -1.38 27.31 -2.99
C ASN G 130 -1.73 28.35 -1.93
N VAL G 131 -1.92 29.58 -2.39
CA VAL G 131 -2.34 30.69 -1.55
C VAL G 131 -3.09 31.68 -2.41
N ILE G 132 -4.28 32.08 -1.97
CA ILE G 132 -5.16 32.98 -2.72
C ILE G 132 -5.68 34.07 -1.78
N GLU G 133 -6.36 35.05 -2.39
CA GLU G 133 -6.96 36.16 -1.67
C GLU G 133 -8.48 36.03 -1.72
N VAL G 134 -9.12 36.06 -0.56
CA VAL G 134 -10.57 36.00 -0.45
C VAL G 134 -11.10 37.42 -0.42
N ARG G 135 -11.95 37.76 -1.38
CA ARG G 135 -12.45 39.11 -1.54
C ARG G 135 -13.73 39.29 -0.73
N GLU G 136 -14.42 40.41 -0.96
CA GLU G 136 -15.62 40.71 -0.20
C GLU G 136 -16.78 39.81 -0.65
N GLY G 137 -17.46 39.20 0.31
CA GLY G 137 -18.61 38.36 0.00
C GLY G 137 -18.28 37.10 -0.77
N GLU G 138 -17.22 36.40 -0.37
CA GLU G 138 -16.82 35.15 -1.01
C GLU G 138 -16.96 33.95 -0.09
N LEU G 139 -16.34 34.00 1.09
CA LEU G 139 -16.43 32.89 2.02
C LEU G 139 -17.79 32.89 2.71
N LEU G 140 -18.23 31.70 3.14
CA LEU G 140 -19.50 31.54 3.83
C LEU G 140 -19.32 31.35 5.32
N LYS G 141 -18.51 30.36 5.72
CA LYS G 141 -18.23 30.11 7.13
C LYS G 141 -16.85 29.51 7.25
N TRP G 142 -16.27 29.62 8.45
CA TRP G 142 -14.93 29.10 8.70
C TRP G 142 -14.76 28.89 10.19
N ASN G 143 -14.42 27.65 10.58
CA ASN G 143 -14.14 27.32 11.97
C ASN G 143 -12.72 26.76 12.07
N ARG G 144 -12.01 27.16 13.12
CA ARG G 144 -10.61 26.79 13.27
C ARG G 144 -10.41 25.41 13.86
N LEU G 145 -11.48 24.74 14.30
CA LEU G 145 -11.34 23.41 14.89
C LEU G 145 -11.17 22.35 13.81
N THR G 146 -12.15 22.21 12.93
CA THR G 146 -12.11 21.21 11.88
C THR G 146 -11.42 21.68 10.62
N GLU G 147 -11.03 22.96 10.55
CA GLU G 147 -10.32 23.51 9.40
C GLU G 147 -11.12 23.31 8.11
N GLU G 148 -12.43 23.58 8.18
CA GLU G 148 -13.32 23.47 7.03
C GLU G 148 -13.76 24.86 6.61
N ILE G 149 -13.57 25.17 5.33
CA ILE G 149 -13.91 26.47 4.77
C ILE G 149 -14.61 26.28 3.44
N GLU G 150 -15.69 27.04 3.23
CA GLU G 150 -16.43 27.01 1.98
C GLU G 150 -16.55 28.42 1.43
N LEU G 151 -16.42 28.55 0.12
CA LEU G 151 -16.46 29.85 -0.54
C LEU G 151 -17.31 29.75 -1.80
N ASP G 152 -17.80 30.91 -2.25
CA ASP G 152 -18.57 31.03 -3.49
C ASP G 152 -17.78 31.97 -4.40
N LEU G 153 -16.87 31.39 -5.18
CA LEU G 153 -15.99 32.18 -6.03
C LEU G 153 -16.75 32.71 -7.25
N ASP G 154 -16.15 33.71 -7.89
CA ASP G 154 -16.69 34.35 -9.09
C ASP G 154 -18.05 35.00 -8.84
N ASN G 155 -18.37 35.34 -7.60
CA ASN G 155 -19.61 36.02 -7.24
C ASN G 155 -19.26 37.10 -6.22
N ASN G 156 -19.02 38.31 -6.70
CA ASN G 156 -18.56 39.41 -5.87
C ASN G 156 -19.45 40.63 -6.05
N THR G 157 -19.51 41.45 -5.01
CA THR G 157 -20.27 42.69 -5.04
C THR G 157 -19.40 43.94 -5.01
N SER G 158 -18.13 43.81 -4.63
CA SER G 158 -17.22 44.94 -4.60
C SER G 158 -15.88 44.49 -5.18
N GLU G 159 -14.85 45.31 -5.01
CA GLU G 159 -13.52 45.02 -5.55
C GLU G 159 -12.44 45.20 -4.49
N LYS G 160 -12.80 45.00 -3.22
CA LYS G 160 -11.85 45.11 -2.12
C LYS G 160 -11.67 43.75 -1.46
N VAL G 161 -10.44 43.46 -1.03
CA VAL G 161 -10.12 42.18 -0.44
C VAL G 161 -10.50 42.18 1.04
N VAL G 162 -10.79 40.99 1.57
CA VAL G 162 -11.21 40.85 2.95
C VAL G 162 -10.24 39.98 3.74
N GLY G 163 -9.63 39.00 3.07
CA GLY G 163 -8.72 38.10 3.76
C GLY G 163 -7.86 37.33 2.79
N TYR G 164 -7.07 36.41 3.34
CA TYR G 164 -6.18 35.57 2.56
C TYR G 164 -6.26 34.13 3.07
N CYS G 165 -6.07 33.19 2.15
CA CYS G 165 -6.14 31.77 2.49
C CYS G 165 -4.94 31.04 1.91
N GLY G 166 -4.46 30.03 2.64
CA GLY G 166 -3.38 29.19 2.18
C GLY G 166 -3.68 27.74 2.46
N TYR G 167 -3.20 26.88 1.57
CA TYR G 167 -3.53 25.47 1.65
C TYR G 167 -2.43 24.63 1.00
N PHE G 168 -1.94 23.63 1.72
CA PHE G 168 -0.97 22.70 1.16
C PHE G 168 -1.33 21.28 1.55
N GLN G 169 -1.19 20.37 0.59
CA GLN G 169 -1.56 18.97 0.75
C GLN G 169 -0.40 18.08 0.32
N LEU G 170 -0.12 17.06 1.11
CA LEU G 170 0.95 16.11 0.85
C LEU G 170 0.43 14.95 0.01
N ILE G 171 1.24 13.90 -0.11
CA ILE G 171 0.87 12.71 -0.86
C ILE G 171 0.17 11.67 0.00
N ASN G 172 0.59 11.51 1.25
CA ASN G 172 0.05 10.48 2.13
C ASN G 172 -1.28 10.87 2.76
N GLY G 173 -1.91 11.94 2.30
CA GLY G 173 -3.21 12.36 2.77
C GLY G 173 -3.20 13.54 3.72
N PHE G 174 -2.04 13.94 4.23
CA PHE G 174 -1.98 15.06 5.16
C PHE G 174 -2.25 16.36 4.44
N GLU G 175 -3.16 17.17 5.00
CA GLU G 175 -3.51 18.46 4.43
C GLU G 175 -3.50 19.52 5.53
N LYS G 176 -3.29 20.77 5.13
CA LYS G 176 -3.29 21.87 6.07
C LYS G 176 -3.81 23.12 5.38
N THR G 177 -4.70 23.83 6.07
CA THR G 177 -5.31 25.05 5.55
C THR G 177 -5.31 26.11 6.64
N VAL G 178 -4.97 27.35 6.25
CA VAL G 178 -4.96 28.49 7.16
C VAL G 178 -5.68 29.65 6.49
N TYR G 179 -6.24 30.53 7.33
CA TYR G 179 -6.98 31.69 6.84
C TYR G 179 -6.66 32.88 7.75
N TRP G 180 -6.24 33.99 7.13
CA TRP G 180 -5.91 35.21 7.85
C TRP G 180 -6.81 36.34 7.40
N THR G 181 -7.08 37.27 8.31
CA THR G 181 -7.84 38.47 8.02
C THR G 181 -6.91 39.68 7.90
N ARG G 182 -7.47 40.79 7.45
CA ARG G 182 -6.67 42.00 7.25
C ARG G 182 -6.15 42.54 8.58
N LYS G 183 -6.97 42.50 9.63
CA LYS G 183 -6.56 43.05 10.92
C LYS G 183 -5.36 42.31 11.49
N GLU G 184 -5.37 40.97 11.41
CA GLU G 184 -4.25 40.20 11.94
C GLU G 184 -2.96 40.48 11.17
N ILE G 185 -3.06 40.59 9.84
CA ILE G 185 -1.88 40.88 9.03
C ILE G 185 -1.34 42.27 9.34
N GLU G 186 -2.24 43.24 9.51
CA GLU G 186 -1.81 44.59 9.86
C GLU G 186 -1.13 44.60 11.22
N ALA G 187 -1.68 43.88 12.20
CA ALA G 187 -1.06 43.81 13.52
C ALA G 187 0.32 43.15 13.45
N HIS G 188 0.45 42.08 12.67
CA HIS G 188 1.74 41.42 12.52
C HIS G 188 2.76 42.34 11.87
N LYS G 189 2.35 43.07 10.82
CA LYS G 189 3.26 44.00 10.15
C LYS G 189 3.69 45.11 11.09
N GLN G 190 2.76 45.65 11.88
CA GLN G 190 3.11 46.70 12.83
C GLN G 190 4.05 46.18 13.90
N LYS G 191 3.84 44.94 14.37
CA LYS G 191 4.64 44.41 15.47
C LYS G 191 6.06 44.05 15.02
N PHE G 192 6.19 43.40 13.86
CA PHE G 192 7.46 42.83 13.45
C PHE G 192 8.20 43.65 12.40
N SER G 193 7.53 44.04 11.33
CA SER G 193 8.19 44.76 10.25
C SER G 193 8.66 46.12 10.72
N LYS G 194 9.83 46.54 10.23
CA LYS G 194 10.42 47.83 10.58
C LYS G 194 10.66 48.71 9.36
N SER G 195 9.99 48.42 8.25
CA SER G 195 10.09 49.21 7.04
C SER G 195 8.71 49.39 6.44
N ASP G 196 8.56 50.43 5.62
CA ASP G 196 7.27 50.78 5.04
C ASP G 196 7.30 51.02 3.53
N PHE G 197 8.48 51.01 2.90
CA PHE G 197 8.54 51.28 1.46
C PHE G 197 7.87 50.18 0.66
N GLY G 198 8.22 48.92 0.96
CA GLY G 198 7.64 47.81 0.21
C GLY G 198 6.16 47.64 0.43
N TRP G 199 5.70 47.85 1.67
CA TRP G 199 4.31 47.62 2.02
C TRP G 199 3.36 48.65 1.42
N LYS G 200 3.88 49.73 0.84
CA LYS G 200 3.03 50.82 0.36
C LYS G 200 2.54 50.59 -1.07
N LYS G 201 3.45 50.29 -1.99
CA LYS G 201 3.08 50.18 -3.40
C LYS G 201 2.25 48.93 -3.68
N ASP G 202 2.58 47.81 -3.03
CA ASP G 202 1.90 46.54 -3.28
C ASP G 202 1.64 45.85 -1.95
N TYR G 203 0.41 46.00 -1.43
CA TYR G 203 0.06 45.44 -0.14
C TYR G 203 -0.20 43.94 -0.20
N ASP G 204 -0.69 43.44 -1.34
CA ASP G 204 -1.13 42.04 -1.40
C ASP G 204 0.06 41.08 -1.42
N ALA G 205 1.13 41.44 -2.14
CA ALA G 205 2.25 40.53 -2.29
C ALA G 205 2.93 40.23 -0.96
N MET G 206 3.11 41.26 -0.12
CA MET G 206 3.74 41.05 1.17
C MET G 206 2.87 40.17 2.08
N ALA G 207 1.56 40.39 2.06
CA ALA G 207 0.66 39.56 2.87
C ALA G 207 0.71 38.11 2.42
N LYS G 208 0.68 37.87 1.10
CA LYS G 208 0.76 36.51 0.58
C LYS G 208 2.08 35.86 0.96
N LYS G 209 3.19 36.61 0.86
CA LYS G 209 4.49 36.08 1.22
C LYS G 209 4.54 35.73 2.71
N THR G 210 3.97 36.56 3.56
CA THR G 210 3.97 36.27 4.99
C THR G 210 3.17 35.03 5.30
N VAL G 211 1.98 34.91 4.70
CA VAL G 211 1.14 33.73 4.93
C VAL G 211 1.88 32.47 4.48
N LEU G 212 2.46 32.52 3.27
CA LEU G 212 3.15 31.35 2.74
C LEU G 212 4.33 30.96 3.63
N ARG G 213 5.16 31.93 4.02
CA ARG G 213 6.35 31.60 4.79
C ARG G 213 5.97 31.08 6.18
N ASN G 214 4.95 31.66 6.81
CA ASN G 214 4.55 31.18 8.12
C ASN G 214 3.98 29.77 8.04
N MET G 215 3.11 29.52 7.06
CA MET G 215 2.50 28.19 6.91
C MET G 215 3.57 27.14 6.61
N LEU G 216 4.55 27.48 5.77
CA LEU G 216 5.57 26.50 5.42
C LEU G 216 6.55 26.27 6.57
N SER G 217 6.89 27.33 7.33
CA SER G 217 7.86 27.18 8.40
C SER G 217 7.27 26.42 9.59
N LYS G 218 6.04 26.78 9.99
CA LYS G 218 5.50 26.23 11.22
C LYS G 218 5.09 24.76 11.08
N TRP G 219 4.47 24.40 9.96
CA TRP G 219 3.88 23.07 9.80
C TRP G 219 4.49 22.23 8.69
N GLY G 220 5.34 22.80 7.84
CA GLY G 220 5.87 22.04 6.73
C GLY G 220 6.97 21.07 7.14
N ILE G 221 7.29 20.18 6.21
CA ILE G 221 8.37 19.21 6.35
C ILE G 221 9.48 19.58 5.38
N LEU G 222 10.69 19.76 5.90
CA LEU G 222 11.81 20.27 5.13
C LEU G 222 12.94 19.25 5.09
N SER G 223 13.79 19.37 4.08
CA SER G 223 14.96 18.51 3.94
C SER G 223 16.04 19.30 3.21
N ILE G 224 17.28 18.82 3.35
CA ILE G 224 18.44 19.51 2.79
C ILE G 224 18.94 18.83 1.52
N ASP G 225 19.10 17.50 1.54
CA ASP G 225 19.62 16.76 0.41
C ASP G 225 18.50 16.42 -0.57
N MET G 226 18.73 16.70 -1.84
CA MET G 226 17.75 16.38 -2.87
C MET G 226 17.66 14.88 -3.08
N GLN G 227 16.44 14.41 -3.36
CA GLN G 227 16.21 12.99 -3.57
C GLN G 227 15.74 12.71 -4.99
N ALA H 37 43.86 31.01 3.84
CA ALA H 37 43.66 32.07 2.85
C ALA H 37 44.30 31.76 1.48
N PRO H 38 45.57 31.32 1.45
CA PRO H 38 46.17 30.97 0.15
C PRO H 38 45.43 29.86 -0.58
N THR H 39 44.87 28.90 0.16
CA THR H 39 44.15 27.80 -0.49
C THR H 39 42.93 28.30 -1.25
N MET H 40 42.17 29.23 -0.65
CA MET H 40 41.01 29.77 -1.34
C MET H 40 41.43 30.58 -2.55
N ARG H 41 42.57 31.28 -2.46
CA ARG H 41 43.07 32.02 -3.61
C ARG H 41 43.46 31.08 -4.75
N LYS H 42 44.11 29.96 -4.42
CA LYS H 42 44.48 28.99 -5.45
C LYS H 42 43.24 28.37 -6.08
N LYS H 43 42.24 28.04 -5.27
CA LYS H 43 41.00 27.47 -5.80
C LYS H 43 40.29 28.47 -6.71
N PHE H 44 40.23 29.74 -6.30
CA PHE H 44 39.60 30.76 -7.12
C PHE H 44 40.35 30.95 -8.43
N GLU H 45 41.69 30.93 -8.38
CA GLU H 45 42.48 31.07 -9.60
C GLU H 45 42.24 29.90 -10.55
N LYS H 46 42.16 28.68 -10.00
CA LYS H 46 41.88 27.52 -10.84
C LYS H 46 40.51 27.62 -11.49
N VAL H 47 39.51 28.05 -10.72
CA VAL H 47 38.16 28.21 -11.26
C VAL H 47 38.16 29.27 -12.36
N LEU H 48 38.88 30.37 -12.14
CA LEU H 48 38.98 31.42 -13.14
C LEU H 48 39.64 30.90 -14.42
N ASP H 49 40.72 30.14 -14.29
CA ASP H 49 41.42 29.64 -15.47
C ASP H 49 40.60 28.59 -16.21
N LYS H 50 39.71 27.89 -15.50
CA LYS H 50 38.93 26.84 -16.15
C LYS H 50 37.90 27.39 -17.12
N LYS H 51 37.47 28.63 -16.95
CA LYS H 51 36.35 29.19 -17.71
C LYS H 51 36.75 30.44 -18.48
N ALA H 52 37.96 30.43 -19.06
CA ALA H 52 38.42 31.58 -19.84
C ALA H 52 37.60 31.82 -21.10
N PRO H 53 37.29 30.81 -21.94
CA PRO H 53 36.62 31.12 -23.22
C PRO H 53 35.28 31.80 -23.08
N GLN H 54 34.49 31.46 -22.05
CA GLN H 54 33.22 32.14 -21.85
C GLN H 54 33.43 33.62 -21.56
N PHE H 55 34.39 33.94 -20.71
CA PHE H 55 34.70 35.33 -20.40
C PHE H 55 35.16 36.08 -21.65
N LEU H 56 36.03 35.44 -22.44
CA LEU H 56 36.51 36.07 -23.67
C LEU H 56 35.37 36.33 -24.64
N THR H 57 34.48 35.35 -24.81
CA THR H 57 33.36 35.51 -25.72
C THR H 57 32.42 36.61 -25.25
N SER H 58 32.14 36.67 -23.95
CA SER H 58 31.27 37.72 -23.42
C SER H 58 31.89 39.09 -23.64
N LEU H 59 33.19 39.24 -23.37
CA LEU H 59 33.84 40.53 -23.56
C LEU H 59 33.84 40.94 -25.02
N LEU H 60 34.12 39.99 -25.93
CA LEU H 60 34.13 40.32 -27.35
C LEU H 60 32.74 40.71 -27.84
N ASN H 61 31.70 40.01 -27.38
CA ASN H 61 30.34 40.37 -27.77
C ASN H 61 29.95 41.73 -27.22
N LEU H 62 30.36 42.04 -25.99
CA LEU H 62 30.08 43.37 -25.44
C LEU H 62 30.79 44.46 -26.24
N TYR H 63 32.04 44.21 -26.62
CA TYR H 63 32.79 45.20 -27.40
C TYR H 63 32.16 45.41 -28.78
N ASN H 64 31.74 44.32 -29.44
CA ASN H 64 31.20 44.42 -30.79
C ASN H 64 29.83 45.07 -30.81
N GLY H 65 29.16 45.16 -29.67
CA GLY H 65 27.81 45.70 -29.62
C GLY H 65 27.78 47.22 -29.72
N ASP H 66 26.60 47.78 -29.45
CA ASP H 66 26.42 49.22 -29.51
C ASP H 66 27.10 49.89 -28.31
N ASP H 67 27.11 51.23 -28.32
CA ASP H 67 27.77 52.01 -27.28
C ASP H 67 26.70 52.60 -26.36
N TYR H 68 26.33 51.83 -25.33
CA TYR H 68 25.40 52.29 -24.33
C TYR H 68 25.91 52.12 -22.90
N LEU H 69 27.09 51.52 -22.72
CA LEU H 69 27.66 51.31 -21.41
C LEU H 69 28.81 52.27 -21.10
N GLN H 70 28.93 53.35 -21.88
CA GLN H 70 30.04 54.28 -21.74
C GLN H 70 29.87 55.26 -20.59
N LYS H 71 28.70 55.28 -19.96
CA LYS H 71 28.43 56.17 -18.84
C LYS H 71 28.56 55.48 -17.48
N THR H 72 29.11 54.27 -17.46
CA THR H 72 29.21 53.48 -16.23
C THR H 72 30.66 53.11 -15.97
N ASP H 73 30.94 52.69 -14.74
CA ASP H 73 32.29 52.32 -14.36
C ASP H 73 32.67 51.00 -15.02
N PRO H 74 33.81 50.92 -15.71
CA PRO H 74 34.18 49.65 -16.37
C PRO H 74 34.38 48.50 -15.39
N MET H 75 34.75 48.77 -14.14
CA MET H 75 34.95 47.69 -13.18
C MET H 75 33.66 46.93 -12.92
N THR H 76 32.54 47.65 -12.81
CA THR H 76 31.26 46.98 -12.62
C THR H 76 30.90 46.10 -13.81
N VAL H 77 31.16 46.59 -15.03
CA VAL H 77 30.88 45.81 -16.23
C VAL H 77 31.74 44.55 -16.25
N VAL H 78 33.02 44.68 -15.89
CA VAL H 78 33.91 43.52 -15.86
C VAL H 78 33.43 42.51 -14.82
N THR H 79 33.03 42.99 -13.65
CA THR H 79 32.53 42.07 -12.61
C THR H 79 31.25 41.38 -13.07
N SER H 80 30.35 42.10 -13.73
CA SER H 80 29.11 41.50 -14.21
C SER H 80 29.40 40.44 -15.26
N ALA H 81 30.31 40.72 -16.20
CA ALA H 81 30.69 39.71 -17.17
C ALA H 81 31.33 38.51 -16.49
N MET H 82 32.11 38.76 -15.44
CA MET H 82 32.75 37.67 -14.70
C MET H 82 31.72 36.75 -14.07
N VAL H 83 30.74 37.31 -13.35
CA VAL H 83 29.74 36.47 -12.69
C VAL H 83 28.86 35.77 -13.73
N ALA H 84 28.56 36.46 -14.83
CA ALA H 84 27.78 35.84 -15.89
C ALA H 84 28.51 34.64 -16.49
N ALA H 85 29.82 34.78 -16.72
CA ALA H 85 30.59 33.67 -17.28
C ALA H 85 30.83 32.56 -16.26
N THR H 86 30.77 32.88 -14.96
CA THR H 86 30.97 31.87 -13.94
C THR H 86 29.85 30.84 -13.94
N LEU H 87 28.63 31.26 -14.28
CA LEU H 87 27.46 30.39 -14.21
C LEU H 87 27.18 29.67 -15.53
N ASP H 88 28.16 29.58 -16.43
CA ASP H 88 28.00 28.92 -17.72
C ASP H 88 26.85 29.52 -18.52
N LEU H 89 26.71 30.84 -18.46
CA LEU H 89 25.68 31.57 -19.19
C LEU H 89 26.35 32.71 -19.94
N PRO H 90 26.80 32.46 -21.18
CA PRO H 90 27.42 33.52 -21.96
C PRO H 90 26.44 34.64 -22.25
N ILE H 91 26.96 35.75 -22.77
CA ILE H 91 26.20 36.98 -22.89
C ILE H 91 25.97 37.27 -24.38
N ASP H 92 26.25 36.27 -25.22
CA ASP H 92 26.07 36.42 -26.65
C ASP H 92 24.60 36.61 -26.99
N LYS H 93 24.35 37.41 -28.03
CA LYS H 93 22.98 37.78 -28.37
C LYS H 93 22.19 36.62 -28.95
N ASN H 94 22.85 35.70 -29.66
CA ASN H 94 22.14 34.62 -30.32
C ASN H 94 21.47 33.65 -29.35
N LEU H 95 21.87 33.66 -28.08
CA LEU H 95 21.27 32.77 -27.08
C LEU H 95 20.26 33.46 -26.19
N GLY H 96 20.51 34.71 -25.79
CA GLY H 96 19.57 35.44 -24.95
C GLY H 96 19.37 34.85 -23.58
N TYR H 97 20.46 34.44 -22.91
CA TYR H 97 20.37 33.87 -21.58
C TYR H 97 20.50 34.91 -20.48
N ALA H 98 21.29 35.96 -20.71
CA ALA H 98 21.54 36.96 -19.69
C ALA H 98 21.84 38.30 -20.36
N TRP H 99 21.72 39.37 -19.58
CA TRP H 99 21.95 40.72 -20.07
C TRP H 99 22.72 41.52 -19.03
N ILE H 100 23.29 42.64 -19.48
CA ILE H 100 23.89 43.64 -18.60
C ILE H 100 23.13 44.94 -18.79
N VAL H 101 22.52 45.43 -17.73
CA VAL H 101 21.69 46.63 -17.78
C VAL H 101 22.22 47.64 -16.78
N PRO H 102 22.47 48.89 -17.19
CA PRO H 102 22.98 49.89 -16.25
C PRO H 102 21.87 50.59 -15.48
N TYR H 103 22.03 50.69 -14.17
CA TYR H 103 21.06 51.31 -13.29
C TYR H 103 21.78 52.35 -12.43
N LYS H 104 21.43 53.62 -12.63
CA LYS H 104 22.04 54.73 -11.88
C LYS H 104 23.56 54.71 -12.00
N GLY H 105 24.04 54.47 -13.21
CA GLY H 105 25.47 54.42 -13.45
C GLY H 105 26.16 53.17 -12.94
N ARG H 106 25.39 52.11 -12.65
CA ARG H 106 25.95 50.85 -12.17
C ARG H 106 25.42 49.72 -13.03
N ALA H 107 26.32 48.90 -13.56
CA ALA H 107 25.93 47.78 -14.40
C ALA H 107 25.47 46.61 -13.55
N GLN H 108 24.39 45.95 -14.00
CA GLN H 108 23.83 44.82 -13.29
C GLN H 108 23.64 43.65 -14.24
N PHE H 109 23.94 42.46 -13.75
CA PHE H 109 23.77 41.22 -14.49
C PHE H 109 22.36 40.69 -14.25
N GLN H 110 21.65 40.37 -15.33
CA GLN H 110 20.25 40.00 -15.25
C GLN H 110 19.99 38.72 -16.02
N LEU H 111 19.03 37.94 -15.52
CA LEU H 111 18.66 36.67 -16.13
C LEU H 111 17.48 36.86 -17.06
N GLY H 112 17.55 36.24 -18.24
CA GLY H 112 16.45 36.25 -19.18
C GLY H 112 15.42 35.20 -18.85
N TYR H 113 14.42 35.11 -19.71
CA TYR H 113 13.35 34.14 -19.52
C TYR H 113 13.73 32.75 -20.01
N LYS H 114 14.90 32.59 -20.63
CA LYS H 114 15.41 31.27 -20.99
C LYS H 114 16.44 30.75 -19.99
N GLY H 115 17.03 31.62 -19.17
CA GLY H 115 17.92 31.15 -18.13
C GLY H 115 17.20 30.29 -17.10
N TYR H 116 15.96 30.65 -16.77
CA TYR H 116 15.17 29.82 -15.87
C TYR H 116 14.91 28.45 -16.48
N ILE H 117 14.62 28.40 -17.78
CA ILE H 117 14.44 27.12 -18.45
C ILE H 117 15.72 26.30 -18.40
N GLN H 118 16.87 26.96 -18.63
CA GLN H 118 18.14 26.25 -18.60
C GLN H 118 18.42 25.67 -17.21
N LEU H 119 18.17 26.46 -16.17
CA LEU H 119 18.40 25.98 -14.81
C LEU H 119 17.44 24.84 -14.46
N ALA H 120 16.17 24.96 -14.86
CA ALA H 120 15.20 23.91 -14.59
C ALA H 120 15.58 22.61 -15.29
N LEU H 121 16.05 22.69 -16.54
CA LEU H 121 16.50 21.50 -17.23
C LEU H 121 17.78 20.93 -16.62
N ARG H 122 18.66 21.80 -16.12
CA ARG H 122 19.85 21.34 -15.42
C ARG H 122 19.49 20.61 -14.13
N THR H 123 18.36 20.98 -13.50
CA THR H 123 17.94 20.32 -12.28
C THR H 123 17.72 18.82 -12.51
N GLY H 124 17.03 18.47 -13.60
CA GLY H 124 16.82 17.07 -13.94
C GLY H 124 15.67 16.40 -13.21
N GLN H 125 14.69 17.15 -12.74
CA GLN H 125 13.55 16.60 -12.02
C GLN H 125 12.22 16.90 -12.68
N TYR H 126 12.21 17.58 -13.82
CA TYR H 126 10.98 17.98 -14.47
C TYR H 126 10.47 16.89 -15.40
N LYS H 127 9.18 16.98 -15.75
CA LYS H 127 8.57 16.04 -16.66
C LYS H 127 7.90 16.73 -17.84
N SER H 128 7.26 17.87 -17.60
CA SER H 128 6.56 18.56 -18.67
C SER H 128 6.44 20.04 -18.35
N ILE H 129 6.63 20.88 -19.35
CA ILE H 129 6.40 22.33 -19.26
C ILE H 129 5.68 22.77 -20.52
N ASN H 130 4.64 23.59 -20.36
CA ASN H 130 3.91 24.05 -21.53
C ASN H 130 3.17 25.35 -21.20
N VAL H 131 2.86 26.09 -22.26
CA VAL H 131 2.08 27.33 -22.17
C VAL H 131 1.35 27.52 -23.49
N ILE H 132 0.05 27.77 -23.42
CA ILE H 132 -0.80 27.92 -24.60
C ILE H 132 -1.68 29.15 -24.44
N GLU H 133 -2.38 29.49 -25.52
CA GLU H 133 -3.32 30.61 -25.54
C GLU H 133 -4.74 30.07 -25.64
N VAL H 134 -5.60 30.51 -24.73
CA VAL H 134 -7.01 30.13 -24.72
C VAL H 134 -7.78 31.20 -25.49
N ARG H 135 -8.45 30.78 -26.56
CA ARG H 135 -9.15 31.69 -27.45
C ARG H 135 -10.57 31.92 -26.97
N GLU H 136 -11.40 32.55 -27.80
CA GLU H 136 -12.77 32.86 -27.42
C GLU H 136 -13.63 31.60 -27.43
N GLY H 137 -14.37 31.40 -26.35
CA GLY H 137 -15.26 30.25 -26.26
C GLY H 137 -14.55 28.90 -26.22
N GLU H 138 -13.49 28.79 -25.44
CA GLU H 138 -12.76 27.54 -25.29
C GLU H 138 -12.87 26.97 -23.88
N LEU H 139 -12.52 27.74 -22.86
CA LEU H 139 -12.61 27.25 -21.49
C LEU H 139 -14.05 27.24 -21.01
N LEU H 140 -14.35 26.35 -20.07
CA LEU H 140 -15.70 26.23 -19.51
C LEU H 140 -15.79 26.85 -18.12
N LYS H 141 -14.92 26.44 -17.20
CA LYS H 141 -14.90 26.99 -15.85
C LYS H 141 -13.48 26.91 -15.31
N TRP H 142 -13.19 27.74 -14.32
CA TRP H 142 -11.86 27.78 -13.72
C TRP H 142 -11.97 28.38 -12.32
N ASN H 143 -11.51 27.64 -11.32
CA ASN H 143 -11.46 28.11 -9.94
C ASN H 143 -10.02 28.06 -9.45
N ARG H 144 -9.62 29.11 -8.72
CA ARG H 144 -8.23 29.23 -8.28
C ARG H 144 -7.93 28.42 -7.03
N LEU H 145 -8.92 27.82 -6.39
CA LEU H 145 -8.67 27.04 -5.18
C LEU H 145 -8.10 25.67 -5.52
N THR H 146 -8.84 24.86 -6.27
CA THR H 146 -8.40 23.52 -6.63
C THR H 146 -7.55 23.47 -7.89
N GLU H 147 -7.39 24.61 -8.58
CA GLU H 147 -6.58 24.69 -9.80
C GLU H 147 -7.04 23.67 -10.85
N GLU H 148 -8.36 23.60 -11.04
CA GLU H 148 -8.97 22.70 -12.02
C GLU H 148 -9.56 23.53 -13.15
N ILE H 149 -9.16 23.22 -14.38
CA ILE H 149 -9.59 23.94 -15.57
C ILE H 149 -9.96 22.94 -16.65
N GLU H 150 -11.10 23.17 -17.31
CA GLU H 150 -11.54 22.35 -18.42
C GLU H 150 -11.81 23.22 -19.64
N LEU H 151 -11.44 22.71 -20.81
CA LEU H 151 -11.57 23.46 -22.06
C LEU H 151 -12.10 22.54 -23.15
N ASP H 152 -12.69 23.15 -24.17
CA ASP H 152 -13.20 22.45 -25.35
C ASP H 152 -12.42 22.97 -26.55
N LEU H 153 -11.27 22.35 -26.82
CA LEU H 153 -10.40 22.81 -27.89
C LEU H 153 -10.97 22.45 -29.25
N ASP H 154 -10.44 23.13 -30.28
CA ASP H 154 -10.82 22.93 -31.68
C ASP H 154 -12.30 23.23 -31.93
N ASN H 155 -12.92 24.05 -31.08
CA ASN H 155 -14.31 24.46 -31.23
C ASN H 155 -14.38 25.95 -30.91
N ASN H 156 -14.26 26.78 -31.95
CA ASN H 156 -14.19 28.22 -31.78
C ASN H 156 -15.22 28.91 -32.65
N THR H 157 -15.65 30.11 -32.20
CA THR H 157 -16.59 30.92 -32.95
C THR H 157 -15.98 32.20 -33.51
N SER H 158 -14.81 32.60 -33.02
CA SER H 158 -14.14 33.81 -33.50
C SER H 158 -12.66 33.49 -33.66
N GLU H 159 -11.84 34.52 -33.85
CA GLU H 159 -10.40 34.36 -34.04
C GLU H 159 -9.62 35.31 -33.15
N LYS H 160 -10.18 35.68 -32.00
CA LYS H 160 -9.51 36.56 -31.05
C LYS H 160 -9.24 35.80 -29.76
N VAL H 161 -8.09 36.09 -29.14
CA VAL H 161 -7.68 35.39 -27.93
C VAL H 161 -8.35 36.02 -26.73
N VAL H 162 -8.52 35.22 -25.67
CA VAL H 162 -9.19 35.68 -24.46
C VAL H 162 -8.26 35.59 -23.26
N GLY H 163 -7.36 34.62 -23.26
CA GLY H 163 -6.47 34.44 -22.13
C GLY H 163 -5.30 33.54 -22.46
N TYR H 164 -4.49 33.26 -21.44
CA TYR H 164 -3.33 32.40 -21.59
C TYR H 164 -3.26 31.44 -20.42
N CYS H 165 -2.72 30.25 -20.66
CA CYS H 165 -2.60 29.21 -19.65
C CYS H 165 -1.19 28.63 -19.64
N GLY H 166 -0.72 28.29 -18.45
CA GLY H 166 0.58 27.65 -18.31
C GLY H 166 0.49 26.50 -17.35
N TYR H 167 1.30 25.46 -17.59
CA TYR H 167 1.21 24.24 -16.82
C TYR H 167 2.55 23.52 -16.83
N PHE H 168 3.05 23.17 -15.64
CA PHE H 168 4.26 22.37 -15.56
C PHE H 168 4.09 21.29 -14.50
N GLN H 169 4.58 20.10 -14.82
CA GLN H 169 4.45 18.91 -13.98
C GLN H 169 5.81 18.26 -13.79
N LEU H 170 6.10 17.89 -12.55
CA LEU H 170 7.35 17.25 -12.19
C LEU H 170 7.22 15.74 -12.32
N ILE H 171 8.22 15.02 -11.80
CA ILE H 171 8.23 13.55 -11.84
C ILE H 171 7.57 12.93 -10.62
N ASN H 172 7.74 13.52 -9.44
CA ASN H 172 7.22 12.96 -8.20
C ASN H 172 5.74 13.26 -7.98
N GLY H 173 5.05 13.76 -8.99
CA GLY H 173 3.62 13.99 -8.93
C GLY H 173 3.22 15.45 -8.75
N PHE H 174 4.17 16.32 -8.43
CA PHE H 174 3.83 17.73 -8.22
C PHE H 174 3.48 18.39 -9.55
N GLU H 175 2.36 19.10 -9.58
CA GLU H 175 1.90 19.80 -10.77
C GLU H 175 1.49 21.22 -10.39
N LYS H 176 1.56 22.12 -11.36
CA LYS H 176 1.18 23.50 -11.16
C LYS H 176 0.59 24.07 -12.45
N THR H 177 -0.54 24.76 -12.31
CA THR H 177 -1.24 25.36 -13.44
C THR H 177 -1.65 26.78 -13.08
N VAL H 178 -1.47 27.70 -14.03
CA VAL H 178 -1.85 29.10 -13.86
C VAL H 178 -2.60 29.55 -15.10
N TYR H 179 -3.47 30.55 -14.91
CA TYR H 179 -4.30 31.09 -15.99
C TYR H 179 -4.39 32.60 -15.83
N TRP H 180 -4.05 33.33 -16.90
CA TRP H 180 -4.09 34.78 -16.91
C TRP H 180 -5.07 35.27 -17.96
N THR H 181 -5.69 36.42 -17.70
CA THR H 181 -6.57 37.07 -18.65
C THR H 181 -5.87 38.25 -19.29
N ARG H 182 -6.51 38.82 -20.32
CA ARG H 182 -5.92 39.93 -21.06
C ARG H 182 -5.78 41.17 -20.18
N LYS H 183 -6.78 41.43 -19.32
CA LYS H 183 -6.75 42.63 -18.50
C LYS H 183 -5.58 42.61 -17.52
N GLU H 184 -5.33 41.46 -16.89
CA GLU H 184 -4.23 41.36 -15.94
C GLU H 184 -2.88 41.55 -16.64
N ILE H 185 -2.72 40.97 -17.82
CA ILE H 185 -1.46 41.11 -18.56
C ILE H 185 -1.27 42.56 -18.99
N GLU H 186 -2.34 43.22 -19.43
CA GLU H 186 -2.24 44.63 -19.81
C GLU H 186 -1.86 45.49 -18.61
N ALA H 187 -2.46 45.22 -17.44
CA ALA H 187 -2.13 45.97 -16.24
C ALA H 187 -0.67 45.75 -15.85
N HIS H 188 -0.19 44.51 -15.92
CA HIS H 188 1.20 44.22 -15.59
C HIS H 188 2.15 44.94 -16.54
N LYS H 189 1.84 44.92 -17.84
CA LYS H 189 2.68 45.59 -18.83
C LYS H 189 2.71 47.09 -18.58
N GLN H 190 1.56 47.68 -18.28
CA GLN H 190 1.50 49.11 -18.00
C GLN H 190 2.29 49.46 -16.74
N LYS H 191 2.21 48.60 -15.71
CA LYS H 191 2.85 48.91 -14.44
C LYS H 191 4.36 48.76 -14.51
N PHE H 192 4.85 47.69 -15.14
CA PHE H 192 6.26 47.33 -15.07
C PHE H 192 7.04 47.68 -16.33
N SER H 193 6.54 47.31 -17.50
CA SER H 193 7.27 47.55 -18.74
C SER H 193 7.39 49.05 -19.02
N LYS H 194 8.54 49.44 -19.56
CA LYS H 194 8.80 50.84 -19.89
C LYS H 194 9.13 51.02 -21.37
N SER H 195 8.76 50.06 -22.21
CA SER H 195 8.98 50.16 -23.65
C SER H 195 7.73 49.65 -24.36
N ASP H 196 7.57 50.07 -25.62
CA ASP H 196 6.39 49.75 -26.40
C ASP H 196 6.69 49.22 -27.79
N PHE H 197 7.95 49.19 -28.23
CA PHE H 197 8.26 48.74 -29.58
C PHE H 197 7.99 47.24 -29.73
N GLY H 198 8.47 46.43 -28.78
CA GLY H 198 8.28 45.00 -28.89
C GLY H 198 6.83 44.58 -28.73
N TRP H 199 6.10 45.25 -27.83
CA TRP H 199 4.73 44.86 -27.53
C TRP H 199 3.75 45.18 -28.65
N LYS H 200 4.18 45.93 -29.68
CA LYS H 200 3.28 46.37 -30.72
C LYS H 200 3.14 45.35 -31.85
N LYS H 201 4.26 44.88 -32.40
CA LYS H 201 4.20 44.01 -33.57
C LYS H 201 3.69 42.62 -33.21
N ASP H 202 4.06 42.10 -32.05
CA ASP H 202 3.70 40.73 -31.64
C ASP H 202 3.29 40.75 -30.17
N TYR H 203 1.98 40.81 -29.92
CA TYR H 203 1.47 40.90 -28.55
C TYR H 203 1.50 39.54 -27.83
N ASP H 204 1.34 38.44 -28.57
CA ASP H 204 1.20 37.14 -27.93
C ASP H 204 2.51 36.64 -27.34
N ALA H 205 3.62 36.86 -28.05
CA ALA H 205 4.91 36.32 -27.61
C ALA H 205 5.32 36.91 -26.27
N MET H 206 5.15 38.21 -26.08
CA MET H 206 5.52 38.84 -24.82
C MET H 206 4.66 38.33 -23.67
N ALA H 207 3.35 38.16 -23.90
CA ALA H 207 2.48 37.64 -22.86
C ALA H 207 2.87 36.22 -22.48
N LYS H 208 3.16 35.38 -23.48
CA LYS H 208 3.58 34.01 -23.18
C LYS H 208 4.91 34.00 -22.42
N LYS H 209 5.84 34.86 -22.80
CA LYS H 209 7.12 34.93 -22.10
C LYS H 209 6.93 35.38 -20.65
N THR H 210 6.05 36.35 -20.42
CA THR H 210 5.82 36.82 -19.05
C THR H 210 5.19 35.73 -18.20
N VAL H 211 4.20 35.02 -18.75
CA VAL H 211 3.56 33.95 -18.01
C VAL H 211 4.57 32.86 -17.67
N LEU H 212 5.38 32.46 -18.66
CA LEU H 212 6.37 31.41 -18.44
C LEU H 212 7.39 31.82 -17.38
N ARG H 213 7.93 33.03 -17.49
CA ARG H 213 8.97 33.45 -16.56
C ARG H 213 8.42 33.61 -15.16
N ASN H 214 7.20 34.13 -15.01
CA ASN H 214 6.63 34.28 -13.68
C ASN H 214 6.35 32.91 -13.05
N MET H 215 5.76 32.00 -13.82
CA MET H 215 5.45 30.68 -13.29
C MET H 215 6.72 29.93 -12.91
N LEU H 216 7.77 30.04 -13.72
CA LEU H 216 9.01 29.33 -13.41
C LEU H 216 9.75 29.96 -12.23
N SER H 217 9.73 31.29 -12.12
CA SER H 217 10.47 31.94 -11.05
C SER H 217 9.79 31.76 -9.70
N LYS H 218 8.46 31.92 -9.65
CA LYS H 218 7.80 31.94 -8.36
C LYS H 218 7.68 30.54 -7.76
N TRP H 219 7.38 29.52 -8.56
CA TRP H 219 7.09 28.19 -8.03
C TRP H 219 8.05 27.11 -8.48
N GLY H 220 8.95 27.38 -9.43
CA GLY H 220 9.82 26.35 -9.93
C GLY H 220 10.96 26.02 -8.99
N ILE H 221 11.63 24.90 -9.27
CA ILE H 221 12.80 24.45 -8.54
C ILE H 221 14.01 24.57 -9.46
N LEU H 222 15.03 25.29 -9.02
CA LEU H 222 16.18 25.62 -9.85
C LEU H 222 17.45 25.04 -9.24
N SER H 223 18.46 24.87 -10.09
CA SER H 223 19.77 24.39 -9.66
C SER H 223 20.82 24.96 -10.61
N ILE H 224 22.07 24.96 -10.14
CA ILE H 224 23.17 25.55 -10.88
C ILE H 224 24.04 24.49 -11.55
N ASP H 225 24.41 23.44 -10.81
CA ASP H 225 25.29 22.41 -11.34
C ASP H 225 24.47 21.36 -12.07
N MET H 226 24.91 21.02 -13.29
CA MET H 226 24.23 20.00 -14.07
C MET H 226 24.46 18.61 -13.45
N GLN H 227 23.43 17.77 -13.55
CA GLN H 227 23.50 16.42 -13.00
C GLN H 227 23.38 15.38 -14.10
N ALA I 37 45.31 42.30 -14.03
CA ALA I 37 45.13 42.63 -15.44
C ALA I 37 46.10 41.87 -16.38
N PRO I 38 47.40 41.82 -16.07
CA PRO I 38 48.30 41.05 -16.94
C PRO I 38 47.95 39.57 -17.02
N THR I 39 47.42 38.99 -15.94
CA THR I 39 47.07 37.57 -15.96
C THR I 39 45.96 37.29 -16.97
N MET I 40 44.93 38.16 -17.01
CA MET I 40 43.86 37.97 -17.98
C MET I 40 44.37 38.16 -19.41
N ARG I 41 45.32 39.08 -19.60
CA ARG I 41 45.91 39.25 -20.92
C ARG I 41 46.68 38.01 -21.35
N LYS I 42 47.45 37.42 -20.44
CA LYS I 42 48.19 36.20 -20.75
C LYS I 42 47.24 35.04 -21.07
N LYS I 43 46.17 34.91 -20.28
CA LYS I 43 45.19 33.85 -20.54
C LYS I 43 44.52 34.04 -21.90
N PHE I 44 44.14 35.29 -22.23
CA PHE I 44 43.52 35.56 -23.51
C PHE I 44 44.49 35.27 -24.66
N GLU I 45 45.77 35.63 -24.49
CA GLU I 45 46.75 35.35 -25.53
C GLU I 45 46.93 33.86 -25.73
N LYS I 46 46.95 33.09 -24.63
CA LYS I 46 47.07 31.64 -24.75
C LYS I 46 45.86 31.05 -25.46
N VAL I 47 44.66 31.52 -25.12
CA VAL I 47 43.45 31.03 -25.78
C VAL I 47 43.48 31.37 -27.26
N LEU I 48 43.93 32.58 -27.60
CA LEU I 48 44.06 32.98 -29.00
C LEU I 48 45.04 32.09 -29.75
N ASP I 49 46.19 31.81 -29.15
CA ASP I 49 47.20 30.99 -29.82
C ASP I 49 46.76 29.55 -29.96
N LYS I 50 45.87 29.08 -29.07
CA LYS I 50 45.45 27.69 -29.11
C LYS I 50 44.56 27.39 -30.32
N LYS I 51 43.88 28.40 -30.87
CA LYS I 51 42.87 28.20 -31.89
C LYS I 51 43.19 28.96 -33.18
N ALA I 52 44.48 28.98 -33.56
CA ALA I 52 44.87 29.67 -34.79
C ALA I 52 44.29 29.02 -36.05
N PRO I 53 44.36 27.70 -36.25
CA PRO I 53 43.93 27.14 -37.55
C PRO I 53 42.49 27.43 -37.90
N GLN I 54 41.57 27.45 -36.92
CA GLN I 54 40.18 27.78 -37.21
C GLN I 54 40.05 29.21 -37.74
N PHE I 55 40.76 30.15 -37.10
CA PHE I 55 40.73 31.54 -37.56
C PHE I 55 41.29 31.65 -38.97
N LEU I 56 42.41 30.97 -39.23
CA LEU I 56 43.02 31.01 -40.55
C LEU I 56 42.08 30.45 -41.61
N THR I 57 41.43 29.31 -41.31
CA THR I 57 40.52 28.70 -42.25
C THR I 57 39.32 29.60 -42.52
N SER I 58 38.76 30.22 -41.47
CA SER I 58 37.63 31.12 -41.65
C SER I 58 38.01 32.32 -42.51
N LEU I 59 39.18 32.91 -42.25
CA LEU I 59 39.62 34.06 -43.04
C LEU I 59 39.86 33.67 -44.49
N LEU I 60 40.47 32.52 -44.73
CA LEU I 60 40.72 32.09 -46.11
C LEU I 60 39.42 31.81 -46.84
N ASN I 61 38.46 31.19 -46.17
CA ASN I 61 37.16 30.94 -46.80
C ASN I 61 36.43 32.24 -47.10
N LEU I 62 36.51 33.21 -46.19
CA LEU I 62 35.89 34.51 -46.44
C LEU I 62 36.54 35.21 -47.63
N TYR I 63 37.87 35.13 -47.72
CA TYR I 63 38.57 35.76 -48.84
C TYR I 63 38.20 35.10 -50.16
N ASN I 64 38.14 33.76 -50.17
CA ASN I 64 37.89 33.04 -51.43
C ASN I 64 36.45 33.20 -51.90
N GLY I 65 35.55 33.66 -51.04
CA GLY I 65 34.15 33.80 -51.39
C GLY I 65 33.88 35.00 -52.28
N ASP I 66 32.58 35.29 -52.45
CA ASP I 66 32.16 36.41 -53.27
C ASP I 66 32.45 37.73 -52.55
N ASP I 67 32.21 38.83 -53.27
CA ASP I 67 32.49 40.17 -52.76
C ASP I 67 31.17 40.83 -52.37
N TYR I 68 30.74 40.60 -51.13
CA TYR I 68 29.54 41.24 -50.60
C TYR I 68 29.78 41.94 -49.26
N LEU I 69 30.98 41.83 -48.70
CA LEU I 69 31.31 42.46 -47.42
C LEU I 69 32.16 43.71 -47.60
N GLN I 70 32.25 44.24 -48.80
CA GLN I 70 33.13 45.38 -49.09
C GLN I 70 32.54 46.70 -48.64
N LYS I 71 31.28 46.74 -48.20
CA LYS I 71 30.64 47.96 -47.76
C LYS I 71 30.61 48.09 -46.25
N THR I 72 31.36 47.24 -45.53
CA THR I 72 31.34 47.22 -44.08
C THR I 72 32.75 47.42 -43.54
N ASP I 73 32.83 47.74 -42.26
CA ASP I 73 34.12 47.98 -41.62
C ASP I 73 34.85 46.65 -41.45
N PRO I 74 36.11 46.55 -41.90
CA PRO I 74 36.83 45.28 -41.75
C PRO I 74 37.03 44.84 -40.31
N MET I 75 37.08 45.78 -39.36
CA MET I 75 37.27 45.42 -37.96
C MET I 75 36.10 44.57 -37.44
N THR I 76 34.88 44.93 -37.82
CA THR I 76 33.72 44.14 -37.42
C THR I 76 33.77 42.72 -37.99
N VAL I 77 34.20 42.60 -39.26
CA VAL I 77 34.32 41.28 -39.88
C VAL I 77 35.38 40.45 -39.16
N VAL I 78 36.50 41.08 -38.82
CA VAL I 78 37.57 40.36 -38.11
C VAL I 78 37.08 39.91 -36.74
N THR I 79 36.36 40.78 -36.02
CA THR I 79 35.82 40.40 -34.71
C THR I 79 34.82 39.27 -34.83
N SER I 80 33.95 39.31 -35.85
CA SER I 80 32.97 38.25 -36.05
C SER I 80 33.66 36.91 -36.35
N ALA I 81 34.67 36.93 -37.21
CA ALA I 81 35.42 35.71 -37.47
C ALA I 81 36.12 35.21 -36.21
N MET I 82 36.61 36.15 -35.38
CA MET I 82 37.26 35.78 -34.14
C MET I 82 36.31 35.05 -33.20
N VAL I 83 35.12 35.62 -32.97
CA VAL I 83 34.17 34.99 -32.05
C VAL I 83 33.67 33.68 -32.63
N ALA I 84 33.48 33.61 -33.96
CA ALA I 84 33.05 32.37 -34.58
C ALA I 84 34.10 31.27 -34.41
N ALA I 85 35.38 31.61 -34.57
CA ALA I 85 36.43 30.62 -34.38
C ALA I 85 36.65 30.28 -32.92
N THR I 86 36.27 31.16 -31.99
CA THR I 86 36.44 30.87 -30.57
C THR I 86 35.54 29.73 -30.12
N LEU I 87 34.36 29.58 -30.72
CA LEU I 87 33.38 28.60 -30.31
C LEU I 87 33.51 27.28 -31.06
N ASP I 88 34.66 27.02 -31.70
CA ASP I 88 34.89 25.79 -32.46
C ASP I 88 33.84 25.58 -33.54
N LEU I 89 33.46 26.68 -34.20
CA LEU I 89 32.48 26.66 -35.28
C LEU I 89 33.08 27.40 -36.47
N PRO I 90 33.81 26.70 -37.34
CA PRO I 90 34.38 27.36 -38.52
C PRO I 90 33.29 27.88 -39.44
N ILE I 91 33.71 28.68 -40.43
CA ILE I 91 32.78 29.45 -41.24
C ILE I 91 32.81 28.90 -42.66
N ASP I 92 33.43 27.73 -42.81
CA ASP I 92 33.54 27.10 -44.12
C ASP I 92 32.16 26.70 -44.64
N LYS I 93 31.98 26.79 -45.96
CA LYS I 93 30.67 26.58 -46.55
C LYS I 93 30.23 25.11 -46.49
N ASN I 94 31.18 24.18 -46.55
CA ASN I 94 30.83 22.76 -46.59
C ASN I 94 30.16 22.28 -45.32
N LEU I 95 30.27 23.00 -44.22
CA LEU I 95 29.66 22.60 -42.96
C LEU I 95 28.38 23.36 -42.65
N GLY I 96 28.31 24.65 -42.95
CA GLY I 96 27.10 25.43 -42.71
C GLY I 96 26.73 25.57 -41.24
N TYR I 97 27.72 25.83 -40.39
CA TYR I 97 27.46 26.00 -38.96
C TYR I 97 27.17 27.44 -38.57
N ALA I 98 27.79 28.41 -39.26
CA ALA I 98 27.64 29.80 -38.90
C ALA I 98 27.83 30.66 -40.15
N TRP I 99 27.36 31.90 -40.06
CA TRP I 99 27.45 32.84 -41.18
C TRP I 99 27.82 34.22 -40.66
N ILE I 100 28.25 35.08 -41.58
CA ILE I 100 28.48 36.49 -41.31
C ILE I 100 27.55 37.28 -42.23
N VAL I 101 26.65 38.05 -41.64
CA VAL I 101 25.65 38.80 -42.39
C VAL I 101 25.77 40.28 -42.03
N PRO I 102 25.87 41.18 -43.02
CA PRO I 102 25.99 42.60 -42.70
C PRO I 102 24.64 43.27 -42.53
N TYR I 103 24.51 44.04 -41.45
CA TYR I 103 23.28 44.75 -41.12
C TYR I 103 23.61 46.21 -40.88
N LYS I 104 23.08 47.09 -41.75
CA LYS I 104 23.31 48.53 -41.65
C LYS I 104 24.80 48.85 -41.62
N GLY I 105 25.56 48.17 -42.48
CA GLY I 105 26.99 48.39 -42.53
C GLY I 105 27.76 47.79 -41.38
N ARG I 106 27.17 46.85 -40.64
CA ARG I 106 27.83 46.19 -39.52
C ARG I 106 27.69 44.68 -39.70
N ALA I 107 28.82 43.98 -39.64
CA ALA I 107 28.82 42.53 -39.79
C ALA I 107 28.41 41.86 -38.49
N GLN I 108 27.59 40.81 -38.60
CA GLN I 108 27.10 40.07 -37.45
C GLN I 108 27.32 38.59 -37.66
N PHE I 109 27.73 37.92 -36.58
CA PHE I 109 27.95 36.47 -36.57
C PHE I 109 26.64 35.80 -36.21
N GLN I 110 26.23 34.81 -37.01
CA GLN I 110 24.94 34.18 -36.87
C GLN I 110 25.07 32.67 -36.86
N LEU I 111 24.20 32.01 -36.10
CA LEU I 111 24.19 30.56 -35.98
C LEU I 111 23.21 29.94 -36.96
N GLY I 112 23.63 28.88 -37.63
CA GLY I 112 22.77 28.14 -38.52
C GLY I 112 21.89 27.16 -37.77
N TYR I 113 21.12 26.39 -38.53
CA TYR I 113 20.24 25.40 -37.94
C TYR I 113 20.95 24.11 -37.59
N LYS I 114 22.23 23.97 -37.94
CA LYS I 114 23.03 22.85 -37.50
C LYS I 114 23.91 23.16 -36.31
N GLY I 115 24.15 24.44 -36.02
CA GLY I 115 24.87 24.80 -34.81
C GLY I 115 24.13 24.41 -33.56
N TYR I 116 22.80 24.55 -33.57
CA TYR I 116 22.00 24.10 -32.44
C TYR I 116 22.13 22.60 -32.23
N ILE I 117 22.12 21.83 -33.34
CA ILE I 117 22.32 20.39 -33.25
C ILE I 117 23.69 20.08 -32.67
N GLN I 118 24.72 20.79 -33.11
CA GLN I 118 26.06 20.56 -32.60
C GLN I 118 26.15 20.84 -31.10
N LEU I 119 25.56 21.96 -30.66
CA LEU I 119 25.57 22.27 -29.23
C LEU I 119 24.79 21.25 -28.42
N ALA I 120 23.63 20.82 -28.93
CA ALA I 120 22.83 19.83 -28.22
C ALA I 120 23.57 18.51 -28.09
N LEU I 121 24.27 18.09 -29.16
CA LEU I 121 25.06 16.87 -29.07
C LEU I 121 26.25 17.04 -28.15
N ARG I 122 26.84 18.24 -28.11
CA ARG I 122 27.93 18.50 -27.17
C ARG I 122 27.45 18.45 -25.73
N THR I 123 26.18 18.77 -25.49
CA THR I 123 25.64 18.70 -24.14
C THR I 123 25.74 17.30 -23.57
N GLY I 124 25.37 16.29 -24.36
CA GLY I 124 25.47 14.91 -23.93
C GLY I 124 24.35 14.41 -23.05
N GLN I 125 23.17 15.01 -23.13
CA GLN I 125 22.04 14.60 -22.32
C GLN I 125 20.83 14.17 -23.15
N TYR I 126 20.94 14.18 -24.47
CA TYR I 126 19.81 13.88 -25.34
C TYR I 126 19.70 12.37 -25.59
N LYS I 127 18.53 11.95 -26.04
CA LYS I 127 18.30 10.55 -26.36
C LYS I 127 17.76 10.36 -27.77
N SER I 128 16.90 11.26 -28.23
CA SER I 128 16.32 11.13 -29.56
C SER I 128 15.88 12.49 -30.07
N ILE I 129 16.11 12.73 -31.36
CA ILE I 129 15.62 13.92 -32.06
C ILE I 129 15.10 13.48 -33.42
N ASN I 130 13.92 13.97 -33.81
CA ASN I 130 13.37 13.58 -35.10
C ASN I 130 12.37 14.62 -35.57
N VAL I 131 12.15 14.64 -36.88
CA VAL I 131 11.16 15.51 -37.52
C VAL I 131 10.70 14.83 -38.80
N ILE I 132 9.39 14.73 -38.98
CA ILE I 132 8.79 14.05 -40.12
C ILE I 132 7.68 14.92 -40.70
N GLU I 133 7.18 14.48 -41.86
CA GLU I 133 6.08 15.15 -42.55
C GLU I 133 4.83 14.29 -42.47
N VAL I 134 3.73 14.88 -42.01
CA VAL I 134 2.44 14.20 -41.91
C VAL I 134 1.66 14.51 -43.19
N ARG I 135 1.31 13.46 -43.93
CA ARG I 135 0.67 13.59 -45.21
C ARG I 135 -0.85 13.65 -45.04
N GLU I 136 -1.57 13.55 -46.15
CA GLU I 136 -3.02 13.63 -46.11
C GLU I 136 -3.62 12.36 -45.52
N GLY I 137 -4.52 12.53 -44.56
CA GLY I 137 -5.19 11.38 -43.95
C GLY I 137 -4.29 10.48 -43.15
N GLU I 138 -3.40 11.05 -42.34
CA GLU I 138 -2.50 10.27 -41.49
C GLU I 138 -2.79 10.46 -40.00
N LEU I 139 -2.82 11.70 -39.53
CA LEU I 139 -3.09 11.95 -38.12
C LEU I 139 -4.57 11.79 -37.83
N LEU I 140 -4.90 11.44 -36.58
CA LEU I 140 -6.28 11.27 -36.16
C LEU I 140 -6.77 12.45 -35.33
N LYS I 141 -6.05 12.79 -34.26
CA LYS I 141 -6.41 13.92 -33.41
C LYS I 141 -5.14 14.48 -32.79
N TRP I 142 -5.23 15.74 -32.36
CA TRP I 142 -4.08 16.42 -31.77
C TRP I 142 -4.57 17.57 -30.92
N ASN I 143 -4.20 17.57 -29.64
CA ASN I 143 -4.53 18.66 -28.72
C ASN I 143 -3.23 19.24 -28.17
N ARG I 144 -3.19 20.57 -28.06
CA ARG I 144 -1.97 21.25 -27.64
C ARG I 144 -1.78 21.28 -26.13
N LEU I 145 -2.77 20.82 -25.36
CA LEU I 145 -2.63 20.84 -23.90
C LEU I 145 -1.77 19.69 -23.41
N THR I 146 -2.17 18.46 -23.69
CA THR I 146 -1.45 17.28 -23.24
C THR I 146 -0.36 16.84 -24.21
N GLU I 147 -0.26 17.47 -25.38
CA GLU I 147 0.76 17.15 -26.39
C GLU I 147 0.71 15.68 -26.78
N GLU I 148 -0.51 15.18 -27.01
CA GLU I 148 -0.73 13.79 -27.41
C GLU I 148 -1.21 13.77 -28.86
N ILE I 149 -0.52 13.00 -29.69
CA ILE I 149 -0.82 12.90 -31.12
C ILE I 149 -0.77 11.45 -31.53
N GLU I 150 -1.76 11.01 -32.31
CA GLU I 150 -1.82 9.67 -32.85
C GLU I 150 -1.97 9.73 -34.36
N LEU I 151 -1.28 8.82 -35.05
CA LEU I 151 -1.29 8.79 -36.51
C LEU I 151 -1.42 7.35 -36.98
N ASP I 152 -1.88 7.20 -38.23
CA ASP I 152 -2.00 5.90 -38.89
C ASP I 152 -1.09 5.95 -40.11
N LEU I 153 0.17 5.59 -39.93
CA LEU I 153 1.15 5.68 -41.00
C LEU I 153 0.95 4.56 -42.02
N ASP I 154 1.55 4.75 -43.19
CA ASP I 154 1.50 3.80 -44.30
C ASP I 154 0.08 3.54 -44.79
N ASN I 155 -0.83 4.48 -44.55
CA ASN I 155 -2.21 4.38 -45.02
C ASN I 155 -2.61 5.76 -45.54
N ASN I 156 -2.43 5.98 -46.84
CA ASN I 156 -2.66 7.27 -47.46
C ASN I 156 -3.60 7.14 -48.64
N THR I 157 -4.31 8.23 -48.93
CA THR I 157 -5.22 8.30 -50.07
C THR I 157 -4.74 9.24 -51.16
N SER I 158 -3.79 10.13 -50.87
CA SER I 158 -3.26 11.06 -51.86
C SER I 158 -1.75 11.10 -51.70
N GLU I 159 -1.10 12.08 -52.34
CA GLU I 159 0.34 12.22 -52.30
C GLU I 159 0.74 13.65 -51.98
N LYS I 160 -0.09 14.39 -51.26
CA LYS I 160 0.19 15.76 -50.86
C LYS I 160 0.33 15.84 -49.34
N VAL I 161 1.24 16.68 -48.88
CA VAL I 161 1.52 16.80 -47.46
C VAL I 161 0.51 17.75 -46.82
N VAL I 162 0.27 17.56 -45.53
CA VAL I 162 -0.70 18.37 -44.80
C VAL I 162 -0.04 19.13 -43.66
N GLY I 163 1.00 18.56 -43.07
CA GLY I 163 1.66 19.19 -41.94
C GLY I 163 3.01 18.59 -41.66
N TYR I 164 3.63 19.07 -40.58
CA TYR I 164 4.94 18.59 -40.16
C TYR I 164 4.93 18.39 -38.65
N CYS I 165 5.72 17.42 -38.18
CA CYS I 165 5.79 17.10 -36.77
C CYS I 165 7.25 16.98 -36.35
N GLY I 166 7.53 17.41 -35.12
CA GLY I 166 8.87 17.28 -34.56
C GLY I 166 8.79 16.78 -33.14
N TYR I 167 9.80 16.02 -32.74
CA TYR I 167 9.77 15.36 -31.43
C TYR I 167 11.20 15.10 -30.95
N PHE I 168 11.50 15.52 -29.73
CA PHE I 168 12.79 15.22 -29.13
C PHE I 168 12.60 14.80 -27.68
N GLN I 169 13.35 13.78 -27.29
CA GLN I 169 13.25 13.18 -25.96
C GLN I 169 14.64 13.09 -25.34
N LEU I 170 14.73 13.47 -24.07
CA LEU I 170 15.98 13.44 -23.32
C LEU I 170 16.16 12.08 -22.64
N ILE I 171 17.14 12.00 -21.74
CA ILE I 171 17.42 10.77 -21.01
C ILE I 171 16.64 10.69 -19.70
N ASN I 172 16.45 11.81 -19.00
CA ASN I 172 15.81 11.82 -17.70
C ASN I 172 14.29 11.78 -17.78
N GLY I 173 13.73 11.52 -18.97
CA GLY I 173 12.31 11.37 -19.15
C GLY I 173 11.62 12.56 -19.81
N PHE I 174 12.30 13.70 -19.92
CA PHE I 174 11.68 14.88 -20.52
C PHE I 174 11.51 14.68 -22.02
N GLU I 175 10.31 14.96 -22.51
CA GLU I 175 9.98 14.84 -23.93
C GLU I 175 9.26 16.10 -24.39
N LYS I 176 9.37 16.38 -25.68
CA LYS I 176 8.70 17.54 -26.27
C LYS I 176 8.30 17.21 -27.70
N THR I 177 7.07 17.56 -28.05
CA THR I 177 6.52 17.31 -29.38
C THR I 177 5.79 18.57 -29.86
N VAL I 178 6.00 18.90 -31.13
CA VAL I 178 5.35 20.04 -31.76
C VAL I 178 4.80 19.62 -33.11
N TYR I 179 3.74 20.32 -33.54
CA TYR I 179 3.09 20.02 -34.81
C TYR I 179 2.69 21.32 -35.48
N TRP I 180 3.10 21.49 -36.74
CA TRP I 180 2.80 22.68 -37.51
C TRP I 180 1.99 22.31 -38.75
N THR I 181 1.14 23.23 -39.18
CA THR I 181 0.37 23.07 -40.41
C THR I 181 0.97 23.92 -41.53
N ARG I 182 0.46 23.71 -42.74
CA ARG I 182 0.98 24.42 -43.89
C ARG I 182 0.71 25.92 -43.80
N LYS I 183 -0.48 26.30 -43.31
CA LYS I 183 -0.83 27.72 -43.24
C LYS I 183 0.09 28.48 -42.31
N GLU I 184 0.41 27.90 -41.14
CA GLU I 184 1.30 28.58 -40.20
C GLU I 184 2.69 28.75 -40.78
N ILE I 185 3.20 27.72 -41.45
CA ILE I 185 4.52 27.80 -42.05
C ILE I 185 4.55 28.85 -43.16
N GLU I 186 3.49 28.89 -43.97
CA GLU I 186 3.42 29.91 -45.02
C GLU I 186 3.37 31.31 -44.43
N ALA I 187 2.61 31.50 -43.36
CA ALA I 187 2.54 32.80 -42.71
C ALA I 187 3.91 33.19 -42.14
N HIS I 188 4.60 32.25 -41.49
CA HIS I 188 5.92 32.54 -40.96
C HIS I 188 6.90 32.92 -42.06
N LYS I 189 6.88 32.17 -43.17
CA LYS I 189 7.77 32.47 -44.28
C LYS I 189 7.47 33.84 -44.88
N GLN I 190 6.19 34.18 -45.03
CA GLN I 190 5.84 35.50 -45.55
C GLN I 190 6.26 36.61 -44.60
N LYS I 191 6.14 36.38 -43.30
CA LYS I 191 6.43 37.43 -42.33
C LYS I 191 7.93 37.66 -42.18
N PHE I 192 8.72 36.59 -42.10
CA PHE I 192 10.12 36.70 -41.74
C PHE I 192 11.08 36.58 -42.93
N SER I 193 10.90 35.56 -43.76
CA SER I 193 11.82 35.33 -44.87
C SER I 193 11.72 36.47 -45.89
N LYS I 194 12.87 36.83 -46.46
CA LYS I 194 12.94 37.90 -47.46
C LYS I 194 13.52 37.41 -48.78
N SER I 195 13.52 36.10 -49.02
CA SER I 195 13.99 35.52 -50.26
C SER I 195 13.04 34.42 -50.71
N ASP I 196 13.08 34.11 -52.00
CA ASP I 196 12.16 33.15 -52.57
C ASP I 196 12.83 32.10 -53.45
N PHE I 197 14.13 32.20 -53.71
CA PHE I 197 14.79 31.23 -54.58
C PHE I 197 14.82 29.84 -53.93
N GLY I 198 15.25 29.76 -52.67
CA GLY I 198 15.34 28.47 -52.02
C GLY I 198 13.99 27.82 -51.78
N TRP I 199 12.99 28.63 -51.44
CA TRP I 199 11.66 28.10 -51.09
C TRP I 199 10.91 27.56 -52.29
N LYS I 200 11.39 27.79 -53.51
CA LYS I 200 10.66 27.40 -54.71
C LYS I 200 10.95 25.96 -55.14
N LYS I 201 12.23 25.60 -55.25
CA LYS I 201 12.56 24.28 -55.78
C LYS I 201 12.24 23.17 -54.79
N ASP I 202 12.46 23.41 -53.50
CA ASP I 202 12.26 22.38 -52.48
C ASP I 202 11.57 23.01 -51.27
N TYR I 203 10.25 22.84 -51.20
CA TYR I 203 9.46 23.45 -50.13
C TYR I 203 9.58 22.69 -48.81
N ASP I 204 9.79 21.38 -48.86
CA ASP I 204 9.74 20.58 -47.64
C ASP I 204 10.98 20.79 -46.78
N ALA I 205 12.15 20.92 -47.40
CA ALA I 205 13.39 21.02 -46.63
C ALA I 205 13.41 22.28 -45.77
N MET I 206 12.96 23.41 -46.33
CA MET I 206 12.96 24.65 -45.56
C MET I 206 11.98 24.58 -44.39
N ALA I 207 10.80 23.98 -44.61
CA ALA I 207 9.85 23.82 -43.52
C ALA I 207 10.40 22.94 -42.41
N LYS I 208 11.03 21.82 -42.78
CA LYS I 208 11.62 20.96 -41.78
C LYS I 208 12.73 21.66 -41.01
N LYS I 209 13.56 22.43 -41.72
CA LYS I 209 14.63 23.16 -41.06
C LYS I 209 14.07 24.20 -40.09
N THR I 210 12.99 24.89 -40.48
CA THR I 210 12.41 25.89 -39.60
C THR I 210 11.82 25.24 -38.35
N VAL I 211 11.10 24.14 -38.53
CA VAL I 211 10.53 23.43 -37.37
C VAL I 211 11.64 22.97 -36.44
N LEU I 212 12.69 22.36 -36.99
CA LEU I 212 13.78 21.86 -36.16
C LEU I 212 14.46 22.98 -35.41
N ARG I 213 14.80 24.07 -36.10
CA ARG I 213 15.54 25.15 -35.45
C ARG I 213 14.69 25.83 -34.38
N ASN I 214 13.39 26.02 -34.64
CA ASN I 214 12.53 26.66 -33.64
C ASN I 214 12.38 25.76 -32.42
N MET I 215 12.14 24.46 -32.63
CA MET I 215 11.97 23.55 -31.51
C MET I 215 13.24 23.44 -30.68
N LEU I 216 14.40 23.41 -31.34
CA LEU I 216 15.66 23.30 -30.60
C LEU I 216 16.02 24.59 -29.88
N SER I 217 15.73 25.75 -30.49
CA SER I 217 16.11 27.01 -29.87
C SER I 217 15.21 27.34 -28.69
N LYS I 218 13.90 27.16 -28.84
CA LYS I 218 12.98 27.63 -27.81
C LYS I 218 12.99 26.76 -26.57
N TRP I 219 13.07 25.43 -26.74
CA TRP I 219 12.91 24.51 -25.62
C TRP I 219 14.11 23.63 -25.34
N GLY I 220 15.12 23.62 -26.21
CA GLY I 220 16.25 22.75 -26.02
C GLY I 220 17.22 23.24 -24.95
N ILE I 221 18.12 22.35 -24.55
CA ILE I 221 19.17 22.65 -23.60
C ILE I 221 20.50 22.60 -24.35
N LEU I 222 21.27 23.68 -24.26
CA LEU I 222 22.48 23.85 -25.04
C LEU I 222 23.68 24.00 -24.11
N SER I 223 24.86 23.71 -24.66
CA SER I 223 26.12 23.86 -23.94
C SER I 223 27.22 24.14 -24.94
N ILE I 224 28.32 24.69 -24.44
CA ILE I 224 29.44 25.11 -25.29
C ILE I 224 30.60 24.12 -25.22
N ASP I 225 31.00 23.72 -24.02
CA ASP I 225 32.13 22.83 -23.84
C ASP I 225 31.68 21.38 -23.98
N MET I 226 32.42 20.61 -24.78
CA MET I 226 32.11 19.20 -24.97
C MET I 226 32.45 18.41 -23.70
N GLN I 227 31.63 17.40 -23.41
CA GLN I 227 31.83 16.57 -22.24
C GLN I 227 32.14 15.13 -22.62
N ALA J 37 48.37 43.32 -34.94
CA ALA J 37 48.43 42.86 -36.32
C ALA J 37 49.68 42.03 -36.65
N PRO J 38 50.88 42.47 -36.25
CA PRO J 38 52.06 41.63 -36.50
C PRO J 38 52.01 40.28 -35.82
N THR J 39 51.38 40.18 -34.65
CA THR J 39 51.30 38.90 -33.95
C THR J 39 50.49 37.89 -34.75
N MET J 40 49.36 38.32 -35.33
CA MET J 40 48.55 37.41 -36.14
C MET J 40 49.31 37.00 -37.40
N ARG J 41 50.10 37.92 -37.98
CA ARG J 41 50.91 37.57 -39.13
C ARG J 41 51.96 36.53 -38.78
N LYS J 42 52.61 36.68 -37.62
CA LYS J 42 53.62 35.70 -37.20
C LYS J 42 52.96 34.34 -36.94
N LYS J 43 51.80 34.34 -36.30
CA LYS J 43 51.11 33.07 -36.05
C LYS J 43 50.70 32.40 -37.35
N PHE J 44 50.18 33.18 -38.30
CA PHE J 44 49.80 32.61 -39.60
C PHE J 44 51.02 32.07 -40.33
N GLU J 45 52.14 32.78 -40.27
CA GLU J 45 53.36 32.29 -40.92
C GLU J 45 53.84 30.99 -40.28
N LYS J 46 53.78 30.90 -38.95
CA LYS J 46 54.18 29.66 -38.29
C LYS J 46 53.27 28.50 -38.68
N VAL J 47 51.95 28.75 -38.74
CA VAL J 47 51.01 27.72 -39.14
C VAL J 47 51.29 27.28 -40.58
N LEU J 48 51.57 28.23 -41.46
CA LEU J 48 51.91 27.92 -42.85
C LEU J 48 53.16 27.07 -42.93
N ASP J 49 54.21 27.42 -42.18
CA ASP J 49 55.45 26.68 -42.23
C ASP J 49 55.31 25.29 -41.63
N LYS J 50 54.37 25.11 -40.70
CA LYS J 50 54.22 23.81 -40.05
C LYS J 50 53.66 22.75 -40.99
N LYS J 51 52.95 23.14 -42.04
CA LYS J 51 52.22 22.20 -42.88
C LYS J 51 52.66 22.29 -44.35
N ALA J 52 53.96 22.47 -44.57
CA ALA J 52 54.47 22.54 -45.94
C ALA J 52 54.29 21.23 -46.72
N PRO J 53 54.64 20.05 -46.19
CA PRO J 53 54.58 18.83 -47.03
C PRO J 53 53.21 18.54 -47.61
N GLN J 54 52.14 18.79 -46.87
CA GLN J 54 50.80 18.56 -47.41
C GLN J 54 50.53 19.46 -48.61
N PHE J 55 50.90 20.74 -48.50
CA PHE J 55 50.72 21.67 -49.61
C PHE J 55 51.54 21.22 -50.82
N LEU J 56 52.79 20.81 -50.59
CA LEU J 56 53.63 20.35 -51.69
C LEU J 56 53.05 19.12 -52.37
N THR J 57 52.57 18.15 -51.57
CA THR J 57 51.98 16.94 -52.13
C THR J 57 50.73 17.26 -52.93
N SER J 58 49.87 18.14 -52.40
CA SER J 58 48.66 18.51 -53.13
C SER J 58 48.99 19.18 -54.45
N LEU J 59 49.95 20.10 -54.44
CA LEU J 59 50.33 20.80 -55.67
C LEU J 59 50.92 19.83 -56.69
N LEU J 60 51.77 18.90 -56.23
CA LEU J 60 52.37 17.94 -57.15
C LEU J 60 51.32 17.01 -57.74
N ASN J 61 50.36 16.57 -56.92
CA ASN J 61 49.29 15.71 -57.43
C ASN J 61 48.42 16.45 -58.43
N LEU J 62 48.13 17.73 -58.16
CA LEU J 62 47.36 18.53 -59.11
C LEU J 62 48.10 18.69 -60.42
N TYR J 63 49.41 18.94 -60.36
CA TYR J 63 50.20 19.09 -61.58
C TYR J 63 50.24 17.79 -62.37
N ASN J 64 50.43 16.66 -61.69
CA ASN J 64 50.56 15.39 -62.39
C ASN J 64 49.25 14.91 -63.00
N GLY J 65 48.12 15.49 -62.58
CA GLY J 65 46.84 15.06 -63.08
C GLY J 65 46.53 15.55 -64.47
N ASP J 66 45.27 15.38 -64.88
CA ASP J 66 44.84 15.80 -66.20
C ASP J 66 44.72 17.32 -66.27
N ASP J 67 44.45 17.83 -67.46
CA ASP J 67 44.38 19.27 -67.71
C ASP J 67 42.90 19.66 -67.84
N TYR J 68 42.28 19.97 -66.71
CA TYR J 68 40.91 20.45 -66.69
C TYR J 68 40.73 21.74 -65.90
N LEU J 69 41.80 22.25 -65.28
CA LEU J 69 41.73 23.48 -64.49
C LEU J 69 42.36 24.66 -65.22
N GLN J 70 42.61 24.52 -66.51
CA GLN J 70 43.30 25.56 -67.27
C GLN J 70 42.41 26.74 -67.65
N LYS J 71 41.10 26.65 -67.40
CA LYS J 71 40.16 27.72 -67.72
C LYS J 71 39.80 28.56 -66.50
N THR J 72 40.52 28.40 -65.39
CA THR J 72 40.22 29.09 -64.15
C THR J 72 41.43 29.88 -63.68
N ASP J 73 41.18 30.81 -62.76
CA ASP J 73 42.26 31.64 -62.23
C ASP J 73 43.16 30.81 -61.33
N PRO J 74 44.48 30.83 -61.55
CA PRO J 74 45.38 30.03 -60.70
C PRO J 74 45.35 30.43 -59.23
N MET J 75 45.02 31.69 -58.92
CA MET J 75 44.98 32.12 -57.53
C MET J 75 43.92 31.36 -56.74
N THR J 76 42.75 31.16 -57.35
CA THR J 76 41.69 30.40 -56.68
C THR J 76 42.13 28.96 -56.44
N VAL J 77 42.80 28.34 -57.40
CA VAL J 77 43.28 26.97 -57.23
C VAL J 77 44.31 26.91 -56.09
N VAL J 78 45.22 27.89 -56.04
CA VAL J 78 46.21 27.92 -54.97
C VAL J 78 45.54 28.08 -53.62
N THR J 79 44.54 28.97 -53.52
CA THR J 79 43.83 29.16 -52.27
C THR J 79 43.08 27.90 -51.85
N SER J 80 42.46 27.21 -52.81
CA SER J 80 41.74 25.97 -52.50
C SER J 80 42.70 24.90 -52.00
N ALA J 81 43.86 24.75 -52.66
CA ALA J 81 44.86 23.80 -52.18
C ALA J 81 45.35 24.19 -50.79
N MET J 82 45.48 25.49 -50.54
CA MET J 82 45.92 25.97 -49.23
C MET J 82 44.93 25.57 -48.14
N VAL J 83 43.65 25.84 -48.34
CA VAL J 83 42.66 25.53 -47.30
C VAL J 83 42.53 24.02 -47.15
N ALA J 84 42.63 23.28 -48.25
CA ALA J 84 42.57 21.82 -48.17
C ALA J 84 43.74 21.26 -47.36
N ALA J 85 44.94 21.80 -47.56
CA ALA J 85 46.10 21.34 -46.80
C ALA J 85 46.07 21.83 -45.36
N THR J 86 45.36 22.92 -45.07
CA THR J 86 45.28 23.41 -43.71
C THR J 86 44.53 22.45 -42.80
N LEU J 87 43.54 21.73 -43.33
CA LEU J 87 42.69 20.86 -42.54
C LEU J 87 43.20 19.41 -42.48
N ASP J 88 44.48 19.19 -42.79
CA ASP J 88 45.09 17.85 -42.76
C ASP J 88 44.33 16.88 -43.67
N LEU J 89 43.90 17.37 -44.83
CA LEU J 89 43.19 16.57 -45.81
C LEU J 89 43.88 16.77 -47.17
N PRO J 90 44.89 15.94 -47.47
CA PRO J 90 45.56 16.06 -48.77
C PRO J 90 44.61 15.78 -49.92
N ILE J 91 45.07 16.07 -51.13
CA ILE J 91 44.20 16.06 -52.31
C ILE J 91 44.62 14.91 -53.22
N ASP J 92 45.46 14.02 -52.68
CA ASP J 92 45.94 12.88 -53.46
C ASP J 92 44.79 11.95 -53.80
N LYS J 93 44.88 11.33 -54.97
CA LYS J 93 43.78 10.52 -55.48
C LYS J 93 43.61 9.22 -54.70
N ASN J 94 44.70 8.66 -54.18
CA ASN J 94 44.63 7.37 -53.50
C ASN J 94 43.81 7.40 -52.22
N LEU J 95 43.56 8.59 -51.66
CA LEU J 95 42.78 8.71 -50.43
C LEU J 95 41.34 9.15 -50.67
N GLY J 96 41.12 10.06 -51.61
CA GLY J 96 39.77 10.52 -51.91
C GLY J 96 39.08 11.25 -50.78
N TYR J 97 39.80 12.15 -50.11
CA TYR J 97 39.23 12.92 -49.01
C TYR J 97 38.62 14.23 -49.46
N ALA J 98 39.19 14.87 -50.49
CA ALA J 98 38.71 16.17 -50.94
C ALA J 98 39.00 16.31 -52.43
N TRP J 99 38.30 17.27 -53.05
CA TRP J 99 38.45 17.53 -54.48
C TRP J 99 38.46 19.02 -54.73
N ILE J 100 38.91 19.40 -55.92
CA ILE J 100 38.81 20.77 -56.42
C ILE J 100 37.98 20.74 -57.69
N VAL J 101 36.85 21.43 -57.67
CA VAL J 101 35.90 21.43 -58.78
C VAL J 101 35.69 22.87 -59.24
N PRO J 102 35.83 23.15 -60.54
CA PRO J 102 35.62 24.53 -61.01
C PRO J 102 34.16 24.82 -61.32
N TYR J 103 33.68 25.95 -60.83
CA TYR J 103 32.29 26.39 -61.02
C TYR J 103 32.31 27.80 -61.56
N LYS J 104 31.82 27.98 -62.79
CA LYS J 104 31.76 29.29 -63.45
C LYS J 104 33.13 29.95 -63.47
N GLY J 105 34.16 29.16 -63.77
CA GLY J 105 35.51 29.69 -63.81
C GLY J 105 36.12 29.95 -62.46
N ARG J 106 35.57 29.38 -61.39
CA ARG J 106 36.09 29.55 -60.04
C ARG J 106 36.27 28.18 -59.41
N ALA J 107 37.46 27.91 -58.89
CA ALA J 107 37.75 26.63 -58.27
C ALA J 107 37.21 26.60 -56.84
N GLN J 108 36.64 25.46 -56.47
CA GLN J 108 36.06 25.28 -55.14
C GLN J 108 36.58 24.00 -54.52
N PHE J 109 36.88 24.08 -53.22
CA PHE J 109 37.33 22.93 -52.44
C PHE J 109 36.12 22.21 -51.89
N GLN J 110 36.08 20.89 -52.07
CA GLN J 110 34.90 20.10 -51.74
C GLN J 110 35.31 18.88 -50.92
N LEU J 111 34.43 18.48 -50.01
CA LEU J 111 34.65 17.34 -49.14
C LEU J 111 34.03 16.09 -49.74
N GLY J 112 34.76 14.98 -49.71
CA GLY J 112 34.25 13.70 -50.15
C GLY J 112 33.42 13.03 -49.07
N TYR J 113 32.97 11.82 -49.38
CA TYR J 113 32.18 11.04 -48.43
C TYR J 113 33.03 10.33 -47.39
N LYS J 114 34.35 10.37 -47.52
CA LYS J 114 35.24 9.86 -46.48
C LYS J 114 35.79 10.94 -45.57
N GLY J 115 35.72 12.21 -45.97
CA GLY J 115 36.11 13.28 -45.09
C GLY J 115 35.20 13.38 -43.87
N TYR J 116 33.90 13.15 -44.07
CA TYR J 116 32.98 13.12 -42.94
C TYR J 116 33.33 12.00 -41.98
N ILE J 117 33.69 10.82 -42.50
CA ILE J 117 34.12 9.72 -41.65
C ILE J 117 35.37 10.09 -40.88
N GLN J 118 36.33 10.74 -41.55
CA GLN J 118 37.55 11.15 -40.89
C GLN J 118 37.28 12.13 -39.75
N LEU J 119 36.42 13.13 -40.01
CA LEU J 119 36.09 14.09 -38.96
C LEU J 119 35.35 13.43 -37.81
N ALA J 120 34.42 12.53 -38.11
CA ALA J 120 33.68 11.84 -37.06
C ALA J 120 34.60 11.00 -36.19
N LEU J 121 35.57 10.31 -36.82
CA LEU J 121 36.53 9.54 -36.05
C LEU J 121 37.46 10.44 -35.24
N ARG J 122 37.81 11.61 -35.80
CA ARG J 122 38.61 12.57 -35.05
C ARG J 122 37.86 13.12 -33.84
N THR J 123 36.53 13.15 -33.91
CA THR J 123 35.74 13.63 -32.78
C THR J 123 35.97 12.76 -31.55
N GLY J 124 35.96 11.44 -31.72
CA GLY J 124 36.22 10.53 -30.62
C GLY J 124 35.05 10.26 -29.71
N GLN J 125 33.82 10.41 -30.20
CA GLN J 125 32.63 10.17 -29.38
C GLN J 125 31.72 9.09 -29.96
N TYR J 126 32.09 8.48 -31.08
CA TYR J 126 31.25 7.51 -31.75
C TYR J 126 31.47 6.12 -31.18
N LYS J 127 30.50 5.24 -31.44
CA LYS J 127 30.60 3.86 -30.99
C LYS J 127 30.41 2.86 -32.13
N SER J 128 29.50 3.17 -33.08
CA SER J 128 29.25 2.25 -34.17
C SER J 128 28.68 3.01 -35.36
N ILE J 129 29.13 2.65 -36.56
CA ILE J 129 28.58 3.18 -37.81
C ILE J 129 28.44 2.01 -38.77
N ASN J 130 27.31 1.92 -39.46
CA ASN J 130 27.10 0.82 -40.39
C ASN J 130 26.05 1.20 -41.43
N VAL J 131 26.11 0.51 -42.57
CA VAL J 131 25.13 0.66 -43.64
C VAL J 131 25.08 -0.64 -44.41
N ILE J 132 23.86 -1.16 -44.62
CA ILE J 132 23.65 -2.44 -45.28
C ILE J 132 22.55 -2.30 -46.33
N GLU J 133 22.37 -3.35 -47.12
CA GLU J 133 21.34 -3.41 -48.14
C GLU J 133 20.28 -4.42 -47.73
N VAL J 134 19.02 -3.98 -47.74
CA VAL J 134 17.89 -4.84 -47.41
C VAL J 134 17.34 -5.40 -48.72
N ARG J 135 17.34 -6.73 -48.82
CA ARG J 135 16.96 -7.42 -50.04
C ARG J 135 15.46 -7.68 -50.04
N GLU J 136 15.01 -8.50 -50.99
CA GLU J 136 13.58 -8.78 -51.12
C GLU J 136 13.12 -9.71 -50.00
N GLY J 137 12.02 -9.33 -49.35
CA GLY J 137 11.46 -10.16 -48.29
C GLY J 137 12.33 -10.29 -47.07
N GLU J 138 12.91 -9.19 -46.60
CA GLU J 138 13.73 -9.19 -45.40
C GLU J 138 13.13 -8.38 -44.28
N LEU J 139 12.79 -7.11 -44.52
CA LEU J 139 12.19 -6.29 -43.48
C LEU J 139 10.72 -6.67 -43.28
N LEU J 140 10.22 -6.43 -42.07
CA LEU J 140 8.83 -6.72 -41.73
C LEU J 140 7.98 -5.46 -41.68
N LYS J 141 8.39 -4.48 -40.89
CA LYS J 141 7.67 -3.21 -40.80
C LYS J 141 8.66 -2.11 -40.46
N TRP J 142 8.27 -0.87 -40.77
CA TRP J 142 9.13 0.28 -40.52
C TRP J 142 8.27 1.53 -40.45
N ASN J 143 8.37 2.25 -39.34
CA ASN J 143 7.67 3.52 -39.16
C ASN J 143 8.70 4.61 -38.88
N ARG J 144 8.48 5.79 -39.48
CA ARG J 144 9.44 6.88 -39.38
C ARG J 144 9.31 7.68 -38.10
N LEU J 145 8.28 7.43 -37.29
CA LEU J 145 8.11 8.19 -36.05
C LEU J 145 9.05 7.70 -34.96
N THR J 146 8.93 6.42 -34.59
CA THR J 146 9.75 5.86 -33.53
C THR J 146 11.08 5.30 -34.03
N GLU J 147 11.30 5.28 -35.35
CA GLU J 147 12.53 4.78 -35.95
C GLU J 147 12.84 3.35 -35.50
N GLU J 148 11.81 2.51 -35.53
CA GLU J 148 11.92 1.10 -35.17
C GLU J 148 11.77 0.25 -36.43
N ILE J 149 12.74 -0.62 -36.67
CA ILE J 149 12.75 -1.48 -37.85
C ILE J 149 13.15 -2.89 -37.44
N GLU J 150 12.43 -3.88 -37.96
CA GLU J 150 12.73 -5.28 -37.71
C GLU J 150 12.88 -6.01 -39.04
N LEU J 151 13.85 -6.93 -39.09
CA LEU J 151 14.15 -7.67 -40.30
C LEU J 151 14.39 -9.12 -39.96
N ASP J 152 14.22 -9.98 -40.97
CA ASP J 152 14.47 -11.42 -40.87
C ASP J 152 15.59 -11.74 -41.85
N LEU J 153 16.83 -11.62 -41.41
CA LEU J 153 17.97 -11.81 -42.27
C LEU J 153 18.20 -13.30 -42.56
N ASP J 154 18.97 -13.55 -43.61
CA ASP J 154 19.33 -14.90 -44.06
C ASP J 154 18.11 -15.73 -44.45
N ASN J 155 17.01 -15.08 -44.82
CA ASN J 155 15.80 -15.74 -45.28
C ASN J 155 15.27 -14.96 -46.48
N ASN J 156 15.68 -15.37 -47.68
CA ASN J 156 15.36 -14.64 -48.91
C ASN J 156 14.71 -15.57 -49.91
N THR J 157 13.90 -14.99 -50.79
CA THR J 157 13.25 -15.73 -51.87
C THR J 157 13.76 -15.36 -53.25
N SER J 158 14.45 -14.23 -53.39
CA SER J 158 15.00 -13.81 -54.67
C SER J 158 16.42 -13.29 -54.43
N GLU J 159 16.99 -12.63 -55.44
CA GLU J 159 18.34 -12.11 -55.35
C GLU J 159 18.42 -10.66 -55.80
N LYS J 160 17.33 -9.91 -55.64
CA LYS J 160 17.27 -8.51 -55.99
C LYS J 160 17.08 -7.66 -54.74
N VAL J 161 17.72 -6.50 -54.72
CA VAL J 161 17.67 -5.62 -53.55
C VAL J 161 16.40 -4.79 -53.59
N VAL J 162 15.94 -4.37 -52.42
CA VAL J 162 14.70 -3.60 -52.31
C VAL J 162 14.97 -2.24 -51.68
N GLY J 163 15.96 -2.15 -50.80
CA GLY J 163 16.23 -0.90 -50.13
C GLY J 163 17.59 -0.91 -49.45
N TYR J 164 17.88 0.18 -48.74
CA TYR J 164 19.13 0.32 -48.01
C TYR J 164 18.86 0.89 -46.64
N CYS J 165 19.70 0.52 -45.67
CA CYS J 165 19.54 0.96 -44.29
C CYS J 165 20.87 1.45 -43.75
N GLY J 166 20.81 2.48 -42.92
CA GLY J 166 22.00 3.00 -42.26
C GLY J 166 21.73 3.25 -40.79
N TYR J 167 22.76 3.08 -39.98
CA TYR J 167 22.57 3.17 -38.53
C TYR J 167 23.89 3.55 -37.87
N PHE J 168 23.85 4.58 -37.03
CA PHE J 168 25.02 4.96 -36.26
C PHE J 168 24.62 5.27 -34.82
N GLN J 169 25.44 4.81 -33.89
CA GLN J 169 25.19 4.93 -32.45
C GLN J 169 26.41 5.52 -31.77
N LEU J 170 26.17 6.48 -30.88
CA LEU J 170 27.22 7.15 -30.13
C LEU J 170 27.50 6.40 -28.83
N ILE J 171 28.27 7.03 -27.94
CA ILE J 171 28.61 6.43 -26.65
C ILE J 171 27.61 6.79 -25.56
N ASN J 172 27.08 8.03 -25.57
CA ASN J 172 26.19 8.50 -24.53
C ASN J 172 24.75 8.04 -24.72
N GLY J 173 24.51 7.10 -25.63
CA GLY J 173 23.20 6.52 -25.82
C GLY J 173 22.47 7.00 -27.05
N PHE J 174 22.93 8.07 -27.69
CA PHE J 174 22.26 8.60 -28.86
C PHE J 174 22.43 7.66 -30.04
N GLU J 175 21.32 7.33 -30.71
CA GLU J 175 21.33 6.46 -31.87
C GLU J 175 20.51 7.09 -32.98
N LYS J 176 20.82 6.72 -34.22
CA LYS J 176 20.09 7.22 -35.38
C LYS J 176 20.07 6.14 -36.46
N THR J 177 18.88 5.95 -37.04
CA THR J 177 18.67 4.95 -38.08
C THR J 177 17.85 5.56 -39.21
N VAL J 178 18.25 5.28 -40.45
CA VAL J 178 17.55 5.76 -41.63
C VAL J 178 17.37 4.60 -42.59
N TYR J 179 16.32 4.68 -43.42
CA TYR J 179 15.99 3.65 -44.38
C TYR J 179 15.53 4.30 -45.68
N TRP J 180 16.15 3.93 -46.79
CA TRP J 180 15.81 4.47 -48.11
C TRP J 180 15.35 3.34 -49.02
N THR J 181 14.45 3.67 -49.94
CA THR J 181 13.99 2.74 -50.96
C THR J 181 14.64 3.06 -52.29
N ARG J 182 14.44 2.16 -53.27
CA ARG J 182 15.05 2.32 -54.57
C ARG J 182 14.50 3.54 -55.30
N LYS J 183 13.19 3.79 -55.18
CA LYS J 183 12.58 4.91 -55.90
C LYS J 183 13.15 6.25 -55.43
N GLU J 184 13.31 6.42 -54.11
CA GLU J 184 13.84 7.68 -53.59
C GLU J 184 15.28 7.90 -54.05
N ILE J 185 16.10 6.84 -54.04
CA ILE J 185 17.48 6.96 -54.48
C ILE J 185 17.54 7.29 -55.96
N GLU J 186 16.68 6.66 -56.77
CA GLU J 186 16.65 6.96 -58.19
C GLU J 186 16.24 8.41 -58.43
N ALA J 187 15.24 8.90 -57.69
CA ALA J 187 14.82 10.29 -57.83
C ALA J 187 15.93 11.25 -57.44
N HIS J 188 16.64 10.95 -56.35
CA HIS J 188 17.76 11.81 -55.93
C HIS J 188 18.85 11.82 -56.98
N LYS J 189 19.19 10.66 -57.54
CA LYS J 189 20.22 10.59 -58.56
C LYS J 189 19.82 11.36 -59.80
N GLN J 190 18.56 11.24 -60.22
CA GLN J 190 18.09 11.99 -61.38
C GLN J 190 18.11 13.49 -61.12
N LYS J 191 17.75 13.91 -59.90
CA LYS J 191 17.65 15.33 -59.61
C LYS J 191 19.01 15.99 -59.48
N PHE J 192 19.95 15.33 -58.79
CA PHE J 192 21.21 15.97 -58.42
C PHE J 192 22.39 15.53 -59.28
N SER J 193 22.58 14.23 -59.47
CA SER J 193 23.73 13.74 -60.22
C SER J 193 23.65 14.16 -61.69
N LYS J 194 24.80 14.48 -62.27
CA LYS J 194 24.88 14.90 -63.66
C LYS J 194 25.80 14.00 -64.48
N SER J 195 26.07 12.79 -63.99
CA SER J 195 26.89 11.83 -64.70
C SER J 195 26.26 10.44 -64.58
N ASP J 196 26.62 9.56 -65.51
CA ASP J 196 26.03 8.24 -65.56
C ASP J 196 27.04 7.11 -65.70
N PHE J 197 28.34 7.41 -65.87
CA PHE J 197 29.32 6.35 -66.04
C PHE J 197 29.47 5.51 -64.77
N GLY J 198 29.63 6.17 -63.63
CA GLY J 198 29.81 5.45 -62.38
C GLY J 198 28.58 4.67 -61.96
N TRP J 199 27.40 5.25 -62.17
CA TRP J 199 26.16 4.63 -61.71
C TRP J 199 25.76 3.39 -62.51
N LYS J 200 26.44 3.11 -63.62
CA LYS J 200 26.05 2.02 -64.49
C LYS J 200 26.67 0.69 -64.08
N LYS J 201 27.99 0.65 -63.88
CA LYS J 201 28.67 -0.61 -63.60
C LYS J 201 28.35 -1.13 -62.21
N ASP J 202 28.26 -0.24 -61.22
CA ASP J 202 28.03 -0.65 -59.83
C ASP J 202 27.01 0.28 -59.20
N TYR J 203 25.75 -0.16 -59.17
CA TYR J 203 24.67 0.66 -58.64
C TYR J 203 24.65 0.71 -57.12
N ASP J 204 25.09 -0.36 -56.45
CA ASP J 204 24.95 -0.44 -55.00
C ASP J 204 25.91 0.48 -54.27
N ALA J 205 27.15 0.59 -54.77
CA ALA J 205 28.16 1.37 -54.07
C ALA J 205 27.78 2.85 -54.00
N MET J 206 27.27 3.40 -55.11
CA MET J 206 26.87 4.80 -55.11
C MET J 206 25.72 5.06 -54.15
N ALA J 207 24.73 4.15 -54.12
CA ALA J 207 23.61 4.30 -53.20
C ALA J 207 24.07 4.26 -51.75
N LYS J 208 24.96 3.31 -51.43
CA LYS J 208 25.48 3.23 -50.07
C LYS J 208 26.25 4.48 -49.70
N LYS J 209 27.07 4.99 -50.64
CA LYS J 209 27.83 6.20 -50.37
C LYS J 209 26.91 7.40 -50.14
N THR J 210 25.83 7.50 -50.92
CA THR J 210 24.90 8.61 -50.75
C THR J 210 24.20 8.53 -49.40
N VAL J 211 23.74 7.34 -49.02
CA VAL J 211 23.08 7.17 -47.73
C VAL J 211 24.03 7.53 -46.60
N LEU J 212 25.26 7.02 -46.66
CA LEU J 212 26.24 7.29 -45.60
C LEU J 212 26.54 8.77 -45.50
N ARG J 213 26.81 9.44 -46.63
CA ARG J 213 27.19 10.84 -46.59
C ARG J 213 26.03 11.71 -46.10
N ASN J 214 24.80 11.40 -46.53
CA ASN J 214 23.67 12.20 -46.08
C ASN J 214 23.43 12.02 -44.59
N MET J 215 23.47 10.76 -44.11
CA MET J 215 23.24 10.50 -42.70
C MET J 215 24.31 11.15 -41.83
N LEU J 216 25.57 11.12 -42.29
CA LEU J 216 26.64 11.71 -41.49
C LEU J 216 26.61 13.22 -41.53
N SER J 217 26.26 13.82 -42.68
CA SER J 217 26.26 15.26 -42.78
C SER J 217 25.09 15.90 -42.03
N LYS J 218 23.89 15.33 -42.17
CA LYS J 218 22.71 15.98 -41.63
C LYS J 218 22.63 15.86 -40.11
N TRP J 219 22.97 14.69 -39.55
CA TRP J 219 22.75 14.43 -38.14
C TRP J 219 24.02 14.16 -37.34
N GLY J 220 25.17 13.98 -37.99
CA GLY J 220 26.38 13.65 -37.27
C GLY J 220 27.00 14.83 -36.55
N ILE J 221 27.94 14.51 -35.66
CA ILE J 221 28.71 15.50 -34.92
C ILE J 221 30.14 15.44 -35.41
N LEU J 222 30.67 16.58 -35.85
CA LEU J 222 31.97 16.65 -36.50
C LEU J 222 32.91 17.55 -35.70
N SER J 223 34.21 17.34 -35.90
CA SER J 223 35.23 18.14 -35.27
C SER J 223 36.46 18.17 -36.18
N ILE J 224 37.32 19.16 -35.95
CA ILE J 224 38.49 19.39 -36.79
C ILE J 224 39.76 18.89 -36.12
N ASP J 225 39.97 19.25 -34.85
CA ASP J 225 41.19 18.89 -34.15
C ASP J 225 41.05 17.50 -33.54
N MET J 226 42.06 16.66 -33.76
CA MET J 226 42.05 15.31 -33.20
C MET J 226 42.26 15.37 -31.69
N GLN J 227 41.59 14.46 -30.97
CA GLN J 227 41.69 14.40 -29.53
C GLN J 227 42.32 13.09 -29.08
#